data_4WNI
#
_entry.id   4WNI
#
_cell.length_a   81.363
_cell.length_b   133.095
_cell.length_c   147.768
_cell.angle_alpha   90.0
_cell.angle_beta   90.0
_cell.angle_gamma   90.0
#
_symmetry.space_group_name_H-M   'P 21 21 21'
#
loop_
_entity.id
_entity.type
_entity.pdbx_description
1 polymer 'Glyceraldehyde-3-phosphate dehydrogenase'
2 non-polymer NICOTINAMIDE-ADENINE-DINUCLEOTIDE
3 non-polymer 'ZINC ION'
4 water water
#
_entity_poly.entity_id   1
_entity_poly.type   'polypeptide(L)'
_entity_poly.pdbx_seq_one_letter_code
;MGKVKVGVNGFGRIGRLVTRAAFNSGKVDIVAINDPFIDLNYMVYMFQYDSTHGKFHGTVKAENGKLVINGNPITIFQER
DPSKIKWGDAGAEYVVESTGVFTTMEKAGAHLQGGAKRVIISAPSADAPMFVMGVNHEKYDNSLKIISNASCTTNCLAPL
AKVIHDNFGIVEGLMTTVHAITATQKTVDGPSGKLWRDGRGALQNIIPASTGAAKAVGKVIPELNGKLKGMAFRVPTANV
SVVDLTCRLEKPAKYDDIKKVVKQASEGPLKGILGYTEHQVVSSDFNSDTHSSTFDAGAGIALNDHFVKLISWYDNEFGY
SNRVVDLMAHMASKE
;
_entity_poly.pdbx_strand_id   O,A,B,C
#
loop_
_chem_comp.id
_chem_comp.type
_chem_comp.name
_chem_comp.formula
NAD non-polymer NICOTINAMIDE-ADENINE-DINUCLEOTIDE 'C21 H27 N7 O14 P2'
ZN non-polymer 'ZINC ION' 'Zn 2'
#
# COMPACT_ATOMS: atom_id res chain seq x y z
N LYS A 3 -25.75 28.53 15.53
CA LYS A 3 -27.11 28.78 15.94
C LYS A 3 -28.09 27.70 15.48
N VAL A 4 -28.03 27.29 14.21
CA VAL A 4 -28.98 26.30 13.71
C VAL A 4 -28.59 24.94 14.25
N LYS A 5 -29.58 24.20 14.73
CA LYS A 5 -29.34 22.88 15.31
C LYS A 5 -29.48 21.82 14.23
N VAL A 6 -28.50 20.91 14.19
CA VAL A 6 -28.34 19.97 13.09
C VAL A 6 -28.40 18.53 13.56
N GLY A 7 -29.02 17.68 12.74
CA GLY A 7 -29.01 16.25 12.92
C GLY A 7 -28.18 15.60 11.83
N VAL A 8 -27.47 14.53 12.16
CA VAL A 8 -26.65 13.81 11.19
C VAL A 8 -27.17 12.39 10.99
N ASN A 9 -27.55 12.06 9.76
CA ASN A 9 -27.95 10.70 9.43
C ASN A 9 -26.84 9.94 8.72
N GLY A 10 -26.30 8.93 9.38
CA GLY A 10 -25.14 8.21 8.88
C GLY A 10 -23.88 8.82 9.47
N PHE A 11 -23.32 8.15 10.48
CA PHE A 11 -22.16 8.63 11.20
C PHE A 11 -20.88 8.01 10.64
N GLY A 12 -20.70 8.11 9.33
CA GLY A 12 -19.53 7.57 8.66
C GLY A 12 -18.44 8.59 8.47
N ARG A 13 -17.66 8.46 7.40
CA ARG A 13 -16.54 9.36 7.16
C ARG A 13 -17.02 10.80 7.11
N ILE A 14 -18.05 11.07 6.31
CA ILE A 14 -18.56 12.43 6.17
C ILE A 14 -19.36 12.83 7.41
N GLY A 15 -20.18 11.91 7.92
CA GLY A 15 -20.96 12.18 9.10
C GLY A 15 -20.09 12.61 10.26
N ARG A 16 -19.04 11.85 10.53
CA ARG A 16 -18.17 12.13 11.66
C ARG A 16 -17.37 13.41 11.44
N LEU A 17 -16.91 13.63 10.22
CA LEU A 17 -16.05 14.78 9.95
C LEU A 17 -16.89 16.06 9.81
N VAL A 18 -18.14 15.91 9.38
CA VAL A 18 -19.08 17.02 9.44
C VAL A 18 -19.25 17.42 10.90
N THR A 19 -19.33 16.42 11.77
CA THR A 19 -19.49 16.67 13.19
C THR A 19 -18.24 17.38 13.73
N ARG A 20 -17.05 16.89 13.37
CA ARG A 20 -15.80 17.55 13.73
C ARG A 20 -15.76 19.00 13.25
N ALA A 21 -16.12 19.21 12.00
CA ALA A 21 -16.06 20.55 11.42
C ALA A 21 -17.01 21.49 12.16
N ALA A 22 -18.16 20.97 12.58
CA ALA A 22 -19.16 21.78 13.26
C ALA A 22 -18.68 22.26 14.61
N PHE A 23 -18.04 21.37 15.37
CA PHE A 23 -17.52 21.75 16.67
C PHE A 23 -16.29 22.65 16.53
N ASN A 24 -15.53 22.46 15.46
CA ASN A 24 -14.32 23.26 15.27
C ASN A 24 -14.64 24.68 14.79
N SER A 25 -15.61 24.81 13.89
CA SER A 25 -15.98 26.11 13.36
C SER A 25 -17.00 26.83 14.24
N GLY A 26 -17.88 26.05 14.89
CA GLY A 26 -18.93 26.60 15.72
C GLY A 26 -20.05 27.25 14.94
N LYS A 27 -20.09 27.03 13.63
CA LYS A 27 -21.08 27.68 12.77
C LYS A 27 -22.49 27.12 12.95
N VAL A 28 -22.56 25.86 13.39
CA VAL A 28 -23.82 25.20 13.68
C VAL A 28 -23.65 24.36 14.94
N ASP A 29 -24.75 23.80 15.45
CA ASP A 29 -24.72 22.91 16.61
C ASP A 29 -25.27 21.53 16.26
N ILE A 30 -24.45 20.51 16.41
CA ILE A 30 -24.91 19.14 16.26
C ILE A 30 -25.67 18.73 17.52
N VAL A 31 -26.93 18.34 17.35
CA VAL A 31 -27.78 17.96 18.49
C VAL A 31 -28.28 16.52 18.39
N ALA A 32 -28.12 15.90 17.23
CA ALA A 32 -28.61 14.54 17.03
C ALA A 32 -27.85 13.78 15.96
N ILE A 33 -27.67 12.48 16.19
CA ILE A 33 -27.03 11.61 15.22
C ILE A 33 -27.81 10.31 15.13
N ASN A 34 -28.00 9.83 13.91
CA ASN A 34 -28.61 8.53 13.68
C ASN A 34 -27.71 7.61 12.87
N ASP A 35 -27.59 6.39 13.35
CA ASP A 35 -26.84 5.35 12.64
C ASP A 35 -27.14 3.99 13.27
N PRO A 36 -27.93 3.14 12.57
CA PRO A 36 -28.30 1.82 13.10
C PRO A 36 -27.13 0.90 13.39
N PHE A 37 -26.02 1.08 12.70
CA PHE A 37 -24.90 0.13 12.77
C PHE A 37 -23.77 0.61 13.69
N ILE A 38 -24.04 1.66 14.46
CA ILE A 38 -23.06 2.16 15.42
C ILE A 38 -23.77 2.63 16.69
N ASP A 39 -23.70 1.82 17.75
CA ASP A 39 -24.33 2.19 19.01
C ASP A 39 -23.56 3.31 19.71
N LEU A 40 -24.13 3.82 20.80
CA LEU A 40 -23.59 4.98 21.49
C LEU A 40 -22.12 4.82 21.86
N ASN A 41 -21.79 3.73 22.54
CA ASN A 41 -20.42 3.49 22.99
C ASN A 41 -19.45 3.35 21.83
N TYR A 42 -19.93 2.74 20.75
CA TYR A 42 -19.12 2.57 19.56
C TYR A 42 -18.86 3.93 18.91
N MET A 43 -19.87 4.80 18.94
CA MET A 43 -19.73 6.14 18.37
C MET A 43 -18.60 6.91 19.01
N VAL A 44 -18.44 6.74 20.32
CA VAL A 44 -17.37 7.40 21.06
C VAL A 44 -16.02 7.01 20.46
N TYR A 45 -15.85 5.71 20.24
CA TYR A 45 -14.59 5.19 19.72
C TYR A 45 -14.34 5.67 18.30
N MET A 46 -15.37 5.59 17.46
CA MET A 46 -15.20 5.92 16.04
C MET A 46 -14.96 7.41 15.86
N PHE A 47 -15.57 8.22 16.72
CA PHE A 47 -15.40 9.67 16.61
C PHE A 47 -14.05 10.10 17.18
N GLN A 48 -13.64 9.47 18.27
CA GLN A 48 -12.43 9.89 18.96
C GLN A 48 -11.17 9.54 18.19
N TYR A 49 -11.12 8.31 17.65
CA TYR A 49 -9.94 7.84 16.93
C TYR A 49 -10.20 7.78 15.45
N ASP A 50 -9.30 8.38 14.67
CA ASP A 50 -9.43 8.45 13.22
C ASP A 50 -8.08 8.15 12.57
N SER A 51 -8.03 7.10 11.78
CA SER A 51 -6.78 6.69 11.14
C SER A 51 -6.18 7.79 10.27
N THR A 52 -7.05 8.60 9.67
CA THR A 52 -6.64 9.57 8.67
C THR A 52 -6.37 10.95 9.25
N HIS A 53 -7.23 11.39 10.16
CA HIS A 53 -7.19 12.78 10.61
C HIS A 53 -6.76 12.92 12.08
N GLY A 54 -6.41 11.79 12.70
CA GLY A 54 -5.88 11.83 14.05
C GLY A 54 -6.94 11.81 15.13
N LYS A 55 -6.51 11.68 16.37
CA LYS A 55 -7.41 11.71 17.50
C LYS A 55 -8.11 13.06 17.58
N PHE A 56 -9.37 13.04 17.99
CA PHE A 56 -10.16 14.26 18.11
C PHE A 56 -9.57 15.19 19.16
N HIS A 57 -9.37 16.45 18.79
CA HIS A 57 -8.88 17.47 19.71
C HIS A 57 -10.06 18.01 20.52
N GLY A 58 -10.24 17.50 21.72
CA GLY A 58 -11.38 17.85 22.55
C GLY A 58 -11.79 16.62 23.34
N THR A 59 -12.99 16.65 23.89
CA THR A 59 -13.47 15.57 24.72
C THR A 59 -14.68 14.90 24.09
N VAL A 60 -14.76 13.58 24.23
CA VAL A 60 -15.92 12.84 23.78
C VAL A 60 -16.17 11.68 24.73
N LYS A 61 -17.43 11.48 25.09
CA LYS A 61 -17.80 10.40 26.00
C LYS A 61 -19.30 10.09 25.90
N ALA A 62 -19.68 8.95 26.47
CA ALA A 62 -21.08 8.57 26.57
C ALA A 62 -21.57 8.78 28.00
N GLU A 63 -22.68 9.49 28.16
CA GLU A 63 -23.27 9.66 29.49
C GLU A 63 -24.77 9.93 29.39
N ASN A 64 -25.53 9.25 30.24
CA ASN A 64 -26.97 9.38 30.27
C ASN A 64 -27.60 9.10 28.91
N GLY A 65 -27.02 8.14 28.20
CA GLY A 65 -27.52 7.73 26.89
C GLY A 65 -27.29 8.76 25.79
N LYS A 66 -26.52 9.79 26.11
CA LYS A 66 -26.18 10.85 25.15
C LYS A 66 -24.72 10.78 24.74
N LEU A 67 -24.43 11.17 23.50
CA LEU A 67 -23.06 11.36 23.08
C LEU A 67 -22.68 12.79 23.47
N VAL A 68 -21.66 12.93 24.31
CA VAL A 68 -21.26 14.23 24.83
C VAL A 68 -19.92 14.64 24.22
N ILE A 69 -19.95 15.66 23.36
CA ILE A 69 -18.75 16.17 22.73
C ILE A 69 -18.48 17.59 23.21
N ASN A 70 -17.32 17.81 23.81
CA ASN A 70 -16.95 19.10 24.39
C ASN A 70 -18.04 19.61 25.32
N GLY A 71 -18.68 18.70 26.04
CA GLY A 71 -19.70 19.06 27.02
C GLY A 71 -21.11 19.16 26.48
N ASN A 72 -21.25 19.10 25.16
CA ASN A 72 -22.57 19.25 24.53
C ASN A 72 -23.24 17.91 24.30
N PRO A 73 -24.40 17.67 24.95
CA PRO A 73 -25.06 16.37 24.76
C PRO A 73 -25.72 16.25 23.41
N ILE A 74 -25.64 15.05 22.84
CA ILE A 74 -26.22 14.75 21.53
C ILE A 74 -27.11 13.51 21.66
N THR A 75 -28.33 13.62 21.13
CA THR A 75 -29.26 12.51 21.12
C THR A 75 -28.86 11.51 20.04
N ILE A 76 -28.87 10.23 20.39
CA ILE A 76 -28.48 9.16 19.47
C ILE A 76 -29.65 8.28 19.11
N PHE A 77 -29.92 8.18 17.80
CA PHE A 77 -30.96 7.30 17.29
C PHE A 77 -30.34 6.10 16.58
N GLN A 78 -31.12 5.03 16.47
CA GLN A 78 -30.67 3.78 15.84
C GLN A 78 -31.67 3.29 14.81
N GLU A 79 -32.23 4.21 14.03
CA GLU A 79 -33.30 3.87 13.09
C GLU A 79 -32.77 3.58 11.67
N ARG A 80 -33.23 2.49 11.09
CA ARG A 80 -32.93 2.17 9.69
C ARG A 80 -33.83 2.98 8.76
N ASP A 81 -35.08 3.17 9.16
CA ASP A 81 -36.06 3.91 8.38
C ASP A 81 -35.94 5.41 8.67
N PRO A 82 -35.57 6.21 7.65
CA PRO A 82 -35.38 7.65 7.88
C PRO A 82 -36.64 8.35 8.39
N SER A 83 -37.80 7.87 7.96
CA SER A 83 -39.05 8.51 8.34
C SER A 83 -39.40 8.28 9.81
N LYS A 84 -38.64 7.43 10.49
CA LYS A 84 -38.95 7.06 11.88
C LYS A 84 -38.04 7.75 12.91
N ILE A 85 -37.17 8.64 12.45
CA ILE A 85 -36.24 9.33 13.33
C ILE A 85 -36.91 10.59 13.90
N LYS A 86 -36.94 10.70 15.23
CA LYS A 86 -37.59 11.83 15.88
C LYS A 86 -36.68 13.06 15.93
N TRP A 87 -36.35 13.60 14.77
CA TRP A 87 -35.50 14.78 14.70
C TRP A 87 -36.11 15.96 15.44
N GLY A 88 -37.43 16.11 15.34
CA GLY A 88 -38.13 17.22 15.94
C GLY A 88 -38.01 17.21 17.44
N ASP A 89 -38.21 16.05 18.05
CA ASP A 89 -38.11 15.92 19.50
C ASP A 89 -36.72 16.28 20.01
N ALA A 90 -35.70 15.94 19.22
CA ALA A 90 -34.32 16.19 19.62
C ALA A 90 -33.90 17.63 19.33
N GLY A 91 -34.73 18.35 18.58
CA GLY A 91 -34.47 19.75 18.27
C GLY A 91 -33.63 19.97 17.02
N ALA A 92 -33.49 18.94 16.19
CA ALA A 92 -32.71 19.06 14.95
C ALA A 92 -33.56 19.72 13.85
N GLU A 93 -33.09 20.87 13.37
CA GLU A 93 -33.83 21.65 12.39
C GLU A 93 -33.41 21.27 10.97
N TYR A 94 -32.10 21.22 10.74
CA TYR A 94 -31.53 20.71 9.49
C TYR A 94 -30.97 19.32 9.70
N VAL A 95 -31.11 18.47 8.69
CA VAL A 95 -30.56 17.13 8.74
C VAL A 95 -29.54 16.94 7.62
N VAL A 96 -28.33 16.53 7.99
CA VAL A 96 -27.32 16.15 7.02
C VAL A 96 -27.52 14.69 6.65
N GLU A 97 -27.90 14.46 5.39
CA GLU A 97 -28.14 13.11 4.90
C GLU A 97 -26.85 12.56 4.30
N SER A 98 -26.13 11.77 5.11
CA SER A 98 -24.80 11.27 4.72
C SER A 98 -24.67 9.76 4.87
N THR A 99 -25.73 9.03 4.52
CA THR A 99 -25.72 7.57 4.53
C THR A 99 -25.34 7.02 3.15
N GLY A 100 -25.64 7.80 2.12
CA GLY A 100 -25.33 7.45 0.76
C GLY A 100 -26.43 6.68 0.06
N VAL A 101 -27.50 6.34 0.78
CA VAL A 101 -28.57 5.53 0.21
C VAL A 101 -29.92 6.26 0.15
N PHE A 102 -29.93 7.53 0.52
CA PHE A 102 -31.15 8.35 0.42
C PHE A 102 -30.86 9.68 -0.28
N THR A 103 -30.59 9.61 -1.59
CA THR A 103 -30.05 10.77 -2.31
C THR A 103 -31.06 11.47 -3.23
N THR A 104 -32.24 10.87 -3.39
CA THR A 104 -33.33 11.52 -4.13
C THR A 104 -34.16 12.37 -3.20
N MET A 105 -34.93 13.31 -3.74
CA MET A 105 -35.77 14.17 -2.92
C MET A 105 -36.83 13.33 -2.20
N GLU A 106 -37.36 12.33 -2.89
CA GLU A 106 -38.38 11.48 -2.31
C GLU A 106 -37.84 10.73 -1.10
N LYS A 107 -36.64 10.16 -1.25
CA LYS A 107 -36.05 9.38 -0.18
C LYS A 107 -35.55 10.27 0.95
N ALA A 108 -34.94 11.40 0.60
CA ALA A 108 -34.40 12.33 1.59
C ALA A 108 -35.52 13.08 2.31
N GLY A 109 -36.67 13.20 1.66
CA GLY A 109 -37.78 13.93 2.25
C GLY A 109 -38.39 13.23 3.44
N ALA A 110 -38.00 11.97 3.66
CA ALA A 110 -38.51 11.20 4.79
C ALA A 110 -38.19 11.86 6.13
N HIS A 111 -37.07 12.58 6.18
CA HIS A 111 -36.66 13.23 7.42
C HIS A 111 -37.67 14.30 7.86
N LEU A 112 -38.43 14.83 6.91
CA LEU A 112 -39.45 15.84 7.24
C LEU A 112 -40.57 15.23 8.07
N GLN A 113 -40.79 13.93 7.94
CA GLN A 113 -41.87 13.27 8.66
C GLN A 113 -41.58 13.23 10.16
N GLY A 114 -40.30 13.25 10.51
CA GLY A 114 -39.89 13.19 11.90
C GLY A 114 -39.64 14.54 12.53
N GLY A 115 -39.89 15.60 11.76
CA GLY A 115 -39.85 16.95 12.29
C GLY A 115 -38.70 17.81 11.80
N ALA A 116 -37.81 17.25 10.99
CA ALA A 116 -36.75 18.05 10.39
C ALA A 116 -37.37 19.10 9.47
N LYS A 117 -36.73 20.27 9.37
CA LYS A 117 -37.26 21.36 8.55
C LYS A 117 -36.62 21.37 7.17
N ARG A 118 -35.33 21.07 7.11
CA ARG A 118 -34.62 21.01 5.84
C ARG A 118 -33.61 19.88 5.83
N VAL A 119 -33.29 19.38 4.65
CA VAL A 119 -32.36 18.28 4.49
C VAL A 119 -31.25 18.66 3.52
N ILE A 120 -30.02 18.34 3.88
CA ILE A 120 -28.85 18.59 3.04
C ILE A 120 -28.18 17.26 2.70
N ILE A 121 -28.34 16.82 1.45
CA ILE A 121 -27.77 15.56 1.01
C ILE A 121 -26.28 15.73 0.76
N SER A 122 -25.48 14.87 1.39
CA SER A 122 -24.02 14.96 1.28
C SER A 122 -23.50 14.21 0.07
N ALA A 123 -24.18 14.34 -1.05
CA ALA A 123 -23.81 13.65 -2.27
C ALA A 123 -24.58 14.21 -3.45
N PRO A 124 -24.18 13.86 -4.68
CA PRO A 124 -25.00 14.23 -5.84
C PRO A 124 -26.41 13.68 -5.72
N SER A 125 -27.38 14.41 -6.27
CA SER A 125 -28.77 13.97 -6.27
C SER A 125 -29.32 14.02 -7.69
N ALA A 126 -30.19 13.07 -8.01
CA ALA A 126 -30.76 12.99 -9.34
C ALA A 126 -31.74 14.12 -9.62
N ASP A 127 -32.32 14.69 -8.56
CA ASP A 127 -33.34 15.72 -8.75
C ASP A 127 -33.26 16.88 -7.76
N ALA A 128 -32.53 16.73 -6.66
CA ALA A 128 -32.43 17.82 -5.70
C ALA A 128 -31.49 18.91 -6.23
N PRO A 129 -31.84 20.19 -6.02
CA PRO A 129 -30.93 21.26 -6.44
C PRO A 129 -29.55 21.12 -5.81
N MET A 130 -28.50 21.16 -6.62
CA MET A 130 -27.13 21.04 -6.13
C MET A 130 -26.53 22.42 -5.91
N PHE A 131 -25.72 22.54 -4.86
CA PHE A 131 -25.05 23.80 -4.54
C PHE A 131 -23.59 23.57 -4.20
N VAL A 132 -22.76 24.55 -4.55
CA VAL A 132 -21.33 24.52 -4.28
C VAL A 132 -20.93 25.87 -3.72
N MET A 133 -20.36 25.88 -2.52
CA MET A 133 -19.99 27.12 -1.87
C MET A 133 -18.99 27.87 -2.73
N GLY A 134 -19.22 29.18 -2.88
CA GLY A 134 -18.35 30.03 -3.68
C GLY A 134 -18.74 30.06 -5.15
N VAL A 135 -19.63 29.16 -5.56
CA VAL A 135 -20.01 29.05 -6.96
C VAL A 135 -21.48 29.44 -7.19
N ASN A 136 -22.41 28.79 -6.50
CA ASN A 136 -23.83 29.10 -6.69
C ASN A 136 -24.67 29.03 -5.42
N HIS A 137 -24.03 29.07 -4.25
CA HIS A 137 -24.79 28.89 -3.01
C HIS A 137 -25.72 30.08 -2.79
N GLU A 138 -25.45 31.21 -3.44
CA GLU A 138 -26.30 32.38 -3.31
C GLU A 138 -27.63 32.21 -4.06
N LYS A 139 -27.73 31.12 -4.83
CA LYS A 139 -28.97 30.80 -5.54
C LYS A 139 -29.93 30.03 -4.64
N TYR A 140 -29.46 29.61 -3.48
CA TYR A 140 -30.34 28.96 -2.51
C TYR A 140 -31.38 29.96 -2.02
N ASP A 141 -32.60 29.49 -1.79
CA ASP A 141 -33.64 30.32 -1.16
C ASP A 141 -34.53 29.45 -0.27
N ASN A 142 -35.34 30.11 0.56
CA ASN A 142 -36.15 29.44 1.58
C ASN A 142 -37.17 28.43 1.08
N SER A 143 -37.47 28.45 -0.21
CA SER A 143 -38.48 27.54 -0.74
C SER A 143 -37.91 26.14 -0.94
N LEU A 144 -36.58 26.01 -0.87
CA LEU A 144 -35.91 24.73 -1.08
C LEU A 144 -35.66 24.03 0.25
N LYS A 145 -36.41 22.96 0.50
CA LYS A 145 -36.34 22.26 1.79
C LYS A 145 -35.41 21.05 1.71
N ILE A 146 -35.14 20.59 0.50
CA ILE A 146 -34.22 19.47 0.26
C ILE A 146 -33.23 19.84 -0.83
N ILE A 147 -31.95 19.90 -0.48
CA ILE A 147 -30.90 20.26 -1.43
C ILE A 147 -29.71 19.31 -1.35
N SER A 148 -28.80 19.44 -2.30
CA SER A 148 -27.59 18.64 -2.34
C SER A 148 -26.36 19.52 -2.35
N ASN A 149 -25.31 19.07 -1.65
CA ASN A 149 -24.03 19.78 -1.64
C ASN A 149 -23.07 19.21 -2.67
N ALA A 150 -23.62 18.50 -3.66
CA ALA A 150 -22.85 17.88 -4.74
C ALA A 150 -21.80 16.90 -4.18
N SER A 151 -20.79 16.59 -4.98
CA SER A 151 -19.75 15.65 -4.56
C SER A 151 -18.47 16.39 -4.19
N CYS A 152 -17.52 15.65 -3.63
CA CYS A 152 -16.23 16.21 -3.29
C CYS A 152 -15.52 16.71 -4.55
N THR A 153 -15.57 15.90 -5.61
CA THR A 153 -14.89 16.25 -6.86
C THR A 153 -15.49 17.49 -7.49
N THR A 154 -16.82 17.59 -7.50
CA THR A 154 -17.51 18.75 -8.04
C THR A 154 -17.11 20.01 -7.28
N ASN A 155 -17.04 19.90 -5.95
CA ASN A 155 -16.62 21.02 -5.12
C ASN A 155 -15.18 21.44 -5.41
N CYS A 156 -14.38 20.53 -5.97
CA CYS A 156 -13.00 20.85 -6.32
C CYS A 156 -12.93 21.53 -7.68
N LEU A 157 -13.60 20.92 -8.65
CA LEU A 157 -13.57 21.41 -10.01
C LEU A 157 -14.32 22.74 -10.21
N ALA A 158 -15.49 22.85 -9.61
CA ALA A 158 -16.39 23.97 -9.92
C ALA A 158 -15.77 25.34 -9.59
N PRO A 159 -15.16 25.49 -8.40
CA PRO A 159 -14.56 26.79 -8.07
C PRO A 159 -13.45 27.16 -9.04
N LEU A 160 -12.65 26.17 -9.43
CA LEU A 160 -11.59 26.39 -10.41
C LEU A 160 -12.18 26.74 -11.76
N ALA A 161 -13.12 25.93 -12.23
CA ALA A 161 -13.75 26.19 -13.52
C ALA A 161 -14.42 27.56 -13.55
N LYS A 162 -14.94 28.00 -12.41
CA LYS A 162 -15.60 29.30 -12.32
C LYS A 162 -14.64 30.43 -12.65
N VAL A 163 -13.46 30.39 -12.02
CA VAL A 163 -12.45 31.44 -12.22
C VAL A 163 -11.96 31.43 -13.65
N ILE A 164 -11.69 30.24 -14.19
CA ILE A 164 -11.18 30.10 -15.55
C ILE A 164 -12.21 30.58 -16.55
N HIS A 165 -13.47 30.21 -16.33
CA HIS A 165 -14.54 30.60 -17.25
C HIS A 165 -14.80 32.11 -17.19
N ASP A 166 -14.82 32.66 -15.98
CA ASP A 166 -15.12 34.08 -15.79
C ASP A 166 -14.10 34.97 -16.49
N ASN A 167 -12.86 34.50 -16.57
CA ASN A 167 -11.78 35.30 -17.12
C ASN A 167 -11.48 35.00 -18.59
N PHE A 168 -11.52 33.71 -18.96
CA PHE A 168 -11.06 33.30 -20.29
C PHE A 168 -12.13 32.56 -21.10
N GLY A 169 -13.11 32.00 -20.42
CA GLY A 169 -14.18 31.28 -21.09
C GLY A 169 -13.74 29.89 -21.51
N ILE A 170 -14.38 28.88 -20.92
CA ILE A 170 -14.11 27.49 -21.28
C ILE A 170 -14.99 27.09 -22.46
N VAL A 171 -14.35 26.85 -23.60
CA VAL A 171 -15.05 26.34 -24.78
C VAL A 171 -15.51 24.92 -24.48
N GLU A 172 -14.58 24.11 -23.99
CA GLU A 172 -14.85 22.73 -23.66
C GLU A 172 -13.74 22.18 -22.78
N GLY A 173 -14.04 21.15 -22.00
CA GLY A 173 -13.05 20.58 -21.11
C GLY A 173 -13.30 19.13 -20.79
N LEU A 174 -12.23 18.41 -20.53
CA LEU A 174 -12.30 17.01 -20.11
C LEU A 174 -11.45 16.83 -18.86
N MET A 175 -12.00 16.14 -17.87
CA MET A 175 -11.39 16.07 -16.55
C MET A 175 -11.08 14.64 -16.15
N THR A 176 -9.93 14.46 -15.52
CA THR A 176 -9.58 13.22 -14.85
C THR A 176 -9.34 13.53 -13.39
N THR A 177 -9.86 12.67 -12.51
CA THR A 177 -9.55 12.80 -11.11
C THR A 177 -8.85 11.53 -10.63
N VAL A 178 -7.67 11.70 -10.06
CA VAL A 178 -6.97 10.64 -9.36
C VAL A 178 -7.45 10.67 -7.93
N HIS A 179 -8.28 9.69 -7.57
CA HIS A 179 -9.08 9.76 -6.36
C HIS A 179 -8.65 8.71 -5.33
N ALA A 180 -8.62 9.12 -4.07
CA ALA A 180 -8.31 8.19 -2.98
C ALA A 180 -9.41 7.15 -2.87
N ILE A 181 -9.14 6.05 -2.16
CA ILE A 181 -10.15 5.03 -1.98
C ILE A 181 -11.20 5.49 -0.97
N THR A 182 -12.37 4.86 -1.04
CA THR A 182 -13.46 5.18 -0.13
C THR A 182 -14.12 3.91 0.40
N ALA A 183 -15.12 4.09 1.24
CA ALA A 183 -15.78 2.98 1.92
C ALA A 183 -16.50 2.05 0.94
N THR A 184 -16.89 2.56 -0.22
CA THR A 184 -17.63 1.75 -1.19
C THR A 184 -16.75 0.69 -1.84
N GLN A 185 -15.43 0.88 -1.79
CA GLN A 185 -14.49 -0.04 -2.43
C GLN A 185 -14.19 -1.26 -1.57
N LYS A 186 -13.52 -2.24 -2.19
CA LYS A 186 -13.21 -3.51 -1.55
C LYS A 186 -11.72 -3.62 -1.26
N THR A 187 -11.38 -4.32 -0.19
CA THR A 187 -9.99 -4.57 0.17
C THR A 187 -9.37 -5.65 -0.72
N VAL A 188 -10.19 -6.60 -1.15
CA VAL A 188 -9.78 -7.64 -2.09
C VAL A 188 -10.91 -7.89 -3.08
N ASP A 189 -10.59 -8.50 -4.21
CA ASP A 189 -11.57 -8.84 -5.24
C ASP A 189 -12.84 -9.40 -4.61
N GLY A 190 -13.94 -8.67 -4.77
CA GLY A 190 -15.21 -9.06 -4.19
C GLY A 190 -16.36 -8.73 -5.12
N PRO A 191 -17.59 -9.13 -4.74
CA PRO A 191 -18.76 -8.91 -5.59
C PRO A 191 -19.16 -7.44 -5.70
N SER A 192 -19.38 -7.00 -6.93
CA SER A 192 -19.88 -5.66 -7.22
C SER A 192 -20.63 -5.72 -8.55
N GLY A 193 -21.76 -6.45 -8.53
CA GLY A 193 -22.47 -6.81 -9.75
C GLY A 193 -22.86 -5.67 -10.67
N LYS A 194 -23.01 -4.47 -10.13
CA LYS A 194 -23.43 -3.32 -10.92
C LYS A 194 -22.23 -2.63 -11.56
N LEU A 195 -21.12 -2.61 -10.83
CA LEU A 195 -19.91 -1.94 -11.28
C LEU A 195 -18.71 -2.87 -11.10
N TRP A 196 -18.45 -3.70 -12.11
CA TRP A 196 -17.49 -4.79 -11.98
C TRP A 196 -16.10 -4.32 -11.54
N ARG A 197 -15.61 -3.24 -12.13
CA ARG A 197 -14.28 -2.74 -11.81
C ARG A 197 -14.17 -2.35 -10.34
N ASP A 198 -15.25 -1.79 -9.79
CA ASP A 198 -15.25 -1.32 -8.40
C ASP A 198 -15.14 -2.47 -7.41
N GLY A 199 -15.46 -3.69 -7.85
CA GLY A 199 -15.37 -4.85 -6.99
C GLY A 199 -13.96 -5.36 -6.82
N ARG A 200 -13.07 -4.96 -7.72
CA ARG A 200 -11.68 -5.40 -7.68
C ARG A 200 -10.95 -4.78 -6.49
N GLY A 201 -9.93 -5.49 -5.98
CA GLY A 201 -9.19 -5.06 -4.82
C GLY A 201 -8.64 -3.65 -4.95
N ALA A 202 -8.93 -2.80 -3.97
CA ALA A 202 -8.59 -1.38 -4.02
C ALA A 202 -7.15 -1.10 -3.62
N LEU A 203 -6.50 -2.05 -2.96
CA LEU A 203 -5.10 -1.89 -2.56
C LEU A 203 -4.15 -2.22 -3.69
N GLN A 204 -4.55 -3.18 -4.53
CA GLN A 204 -3.67 -3.71 -5.55
C GLN A 204 -3.76 -2.96 -6.88
N ASN A 205 -4.88 -2.26 -7.09
CA ASN A 205 -5.22 -1.77 -8.42
C ASN A 205 -5.38 -0.27 -8.57
N ILE A 206 -5.02 0.21 -9.75
CA ILE A 206 -5.57 1.45 -10.29
C ILE A 206 -6.90 1.05 -10.92
N ILE A 207 -7.99 1.70 -10.53
CA ILE A 207 -9.32 1.31 -11.00
C ILE A 207 -9.99 2.48 -11.71
N PRO A 208 -10.21 2.35 -13.03
CA PRO A 208 -10.97 3.42 -13.68
C PRO A 208 -12.44 3.39 -13.25
N ALA A 209 -13.00 4.57 -12.98
CA ALA A 209 -14.37 4.67 -12.51
C ALA A 209 -15.08 5.85 -13.15
N SER A 210 -16.40 5.73 -13.23
CA SER A 210 -17.23 6.79 -13.79
C SER A 210 -17.62 7.77 -12.71
N THR A 211 -17.84 9.01 -13.13
CA THR A 211 -18.22 10.07 -12.21
C THR A 211 -18.92 11.19 -13.00
N GLY A 212 -19.98 11.72 -12.42
CA GLY A 212 -20.72 12.80 -13.07
C GLY A 212 -20.27 14.16 -12.58
N ALA A 213 -19.07 14.22 -12.02
CA ALA A 213 -18.57 15.44 -11.40
C ALA A 213 -18.46 16.59 -12.41
N ALA A 214 -17.84 16.31 -13.55
CA ALA A 214 -17.63 17.31 -14.58
C ALA A 214 -18.97 17.79 -15.14
N LYS A 215 -19.88 16.83 -15.35
CA LYS A 215 -21.20 17.14 -15.87
C LYS A 215 -21.97 17.99 -14.86
N ALA A 216 -21.76 17.74 -13.57
CA ALA A 216 -22.48 18.45 -12.52
C ALA A 216 -22.08 19.92 -12.45
N VAL A 217 -20.86 20.22 -12.85
CA VAL A 217 -20.39 21.60 -12.90
C VAL A 217 -21.27 22.42 -13.83
N GLY A 218 -21.80 21.75 -14.85
CA GLY A 218 -22.74 22.36 -15.78
C GLY A 218 -24.07 22.72 -15.15
N LYS A 219 -24.36 22.15 -13.97
CA LYS A 219 -25.59 22.50 -13.25
C LYS A 219 -25.38 23.69 -12.33
N VAL A 220 -24.25 23.73 -11.63
CA VAL A 220 -23.98 24.82 -10.70
C VAL A 220 -23.42 26.03 -11.44
N ILE A 221 -22.87 25.77 -12.63
CA ILE A 221 -22.45 26.84 -13.55
C ILE A 221 -23.14 26.60 -14.90
N PRO A 222 -24.40 27.07 -15.03
CA PRO A 222 -25.25 26.82 -16.21
C PRO A 222 -24.59 27.09 -17.56
N GLU A 223 -23.77 28.13 -17.66
CA GLU A 223 -23.10 28.46 -18.91
C GLU A 223 -22.20 27.32 -19.39
N LEU A 224 -21.78 26.46 -18.47
CA LEU A 224 -20.88 25.35 -18.83
C LEU A 224 -21.65 24.05 -19.03
N ASN A 225 -22.97 24.14 -19.13
CA ASN A 225 -23.77 22.94 -19.33
C ASN A 225 -23.44 22.29 -20.65
N GLY A 226 -23.04 21.01 -20.59
CA GLY A 226 -22.71 20.24 -21.77
C GLY A 226 -21.29 20.43 -22.26
N LYS A 227 -20.51 21.24 -21.55
CA LYS A 227 -19.16 21.59 -22.00
C LYS A 227 -18.07 20.80 -21.27
N LEU A 228 -18.47 19.99 -20.30
CA LEU A 228 -17.52 19.23 -19.49
C LEU A 228 -17.94 17.78 -19.31
N LYS A 229 -16.97 16.89 -19.36
CA LYS A 229 -17.18 15.49 -18.98
C LYS A 229 -15.89 15.00 -18.34
N GLY A 230 -15.98 13.87 -17.64
CA GLY A 230 -14.80 13.36 -16.96
C GLY A 230 -14.90 11.93 -16.48
N MET A 231 -13.80 11.45 -15.94
CA MET A 231 -13.72 10.11 -15.37
C MET A 231 -12.73 10.12 -14.21
N ALA A 232 -12.60 8.99 -13.53
CA ALA A 232 -11.78 8.90 -12.33
C ALA A 232 -10.86 7.71 -12.36
N PHE A 233 -9.73 7.83 -11.66
CA PHE A 233 -8.88 6.69 -11.35
C PHE A 233 -8.79 6.54 -9.83
N ARG A 234 -9.26 5.42 -9.32
CA ARG A 234 -9.11 5.10 -7.90
C ARG A 234 -7.74 4.47 -7.67
N VAL A 235 -6.99 5.01 -6.72
CA VAL A 235 -5.64 4.53 -6.46
C VAL A 235 -5.47 4.27 -4.96
N PRO A 236 -4.52 3.40 -4.58
CA PRO A 236 -4.41 2.95 -3.20
C PRO A 236 -3.80 4.00 -2.24
N THR A 237 -4.55 5.07 -1.98
CA THR A 237 -4.21 6.02 -0.93
C THR A 237 -5.46 6.25 -0.08
N ALA A 238 -5.28 6.50 1.21
CA ALA A 238 -6.40 6.53 2.15
C ALA A 238 -7.22 7.81 2.08
N ASN A 239 -6.58 8.92 1.71
CA ASN A 239 -7.27 10.20 1.61
C ASN A 239 -6.51 11.19 0.73
N VAL A 240 -7.23 12.23 0.31
CA VAL A 240 -6.75 13.30 -0.59
C VAL A 240 -6.71 12.83 -2.03
N SER A 241 -7.31 13.66 -2.88
CA SER A 241 -7.43 13.37 -4.29
C SER A 241 -6.98 14.59 -5.10
N VAL A 242 -6.92 14.44 -6.41
CA VAL A 242 -6.50 15.54 -7.27
C VAL A 242 -7.28 15.56 -8.58
N VAL A 243 -7.62 16.77 -9.02
CA VAL A 243 -8.31 16.99 -10.28
C VAL A 243 -7.33 17.41 -11.36
N ASP A 244 -7.53 16.84 -12.54
CA ASP A 244 -6.73 17.11 -13.73
C ASP A 244 -7.68 17.63 -14.81
N LEU A 245 -7.71 18.94 -15.00
CA LEU A 245 -8.64 19.57 -15.94
C LEU A 245 -7.93 20.00 -17.23
N THR A 246 -8.29 19.35 -18.33
CA THR A 246 -7.79 19.72 -19.65
C THR A 246 -8.89 20.43 -20.42
N CYS A 247 -8.68 21.70 -20.74
CA CYS A 247 -9.72 22.52 -21.34
C CYS A 247 -9.21 23.45 -22.42
N ARG A 248 -10.13 23.84 -23.30
CA ARG A 248 -9.85 24.82 -24.33
C ARG A 248 -10.45 26.16 -23.91
N LEU A 249 -9.66 27.22 -24.05
CA LEU A 249 -10.10 28.55 -23.65
C LEU A 249 -10.46 29.39 -24.87
N GLU A 250 -11.45 30.26 -24.70
CA GLU A 250 -11.92 31.07 -25.80
C GLU A 250 -10.99 32.26 -26.02
N LYS A 251 -10.62 32.91 -24.92
CA LYS A 251 -9.74 34.07 -24.99
C LYS A 251 -8.31 33.65 -24.66
N PRO A 252 -7.31 34.36 -25.22
CA PRO A 252 -5.91 34.01 -24.93
C PRO A 252 -5.57 34.11 -23.45
N ALA A 253 -4.85 33.11 -22.94
CA ALA A 253 -4.50 33.06 -21.53
C ALA A 253 -3.09 32.51 -21.31
N LYS A 254 -2.12 33.40 -21.11
CA LYS A 254 -0.79 33.00 -20.69
C LYS A 254 -0.91 32.26 -19.37
N TYR A 255 -0.03 31.31 -19.11
CA TYR A 255 -0.12 30.55 -17.87
C TYR A 255 0.08 31.48 -16.66
N ASP A 256 0.92 32.48 -16.82
CA ASP A 256 1.16 33.45 -15.75
C ASP A 256 -0.09 34.29 -15.51
N ASP A 257 -0.94 34.43 -16.51
CA ASP A 257 -2.21 35.13 -16.35
C ASP A 257 -3.21 34.24 -15.62
N ILE A 258 -3.17 32.94 -15.90
CA ILE A 258 -4.03 31.99 -15.20
C ILE A 258 -3.65 31.98 -13.72
N LYS A 259 -2.36 31.91 -13.43
CA LYS A 259 -1.88 31.93 -12.06
C LYS A 259 -2.33 33.20 -11.34
N LYS A 260 -2.25 34.33 -12.03
CA LYS A 260 -2.62 35.61 -11.44
C LYS A 260 -4.08 35.63 -11.01
N VAL A 261 -4.99 35.29 -11.92
CA VAL A 261 -6.42 35.36 -11.61
C VAL A 261 -6.81 34.33 -10.55
N VAL A 262 -6.22 33.15 -10.59
CA VAL A 262 -6.54 32.13 -9.60
C VAL A 262 -6.05 32.54 -8.22
N LYS A 263 -4.84 33.08 -8.14
CA LYS A 263 -4.31 33.53 -6.86
C LYS A 263 -5.13 34.70 -6.33
N GLN A 264 -5.53 35.60 -7.22
CA GLN A 264 -6.39 36.72 -6.86
C GLN A 264 -7.67 36.20 -6.23
N ALA A 265 -8.29 35.22 -6.87
CA ALA A 265 -9.54 34.66 -6.37
C ALA A 265 -9.34 33.99 -5.01
N SER A 266 -8.23 33.29 -4.82
CA SER A 266 -7.98 32.55 -3.60
C SER A 266 -7.79 33.47 -2.39
N GLU A 267 -7.43 34.72 -2.67
CA GLU A 267 -7.20 35.70 -1.62
C GLU A 267 -8.42 36.59 -1.40
N GLY A 268 -9.35 36.58 -2.36
CA GLY A 268 -10.50 37.45 -2.32
C GLY A 268 -11.83 36.71 -2.16
N PRO A 269 -12.67 36.74 -3.21
CA PRO A 269 -14.04 36.21 -3.03
C PRO A 269 -14.12 34.71 -2.77
N LEU A 270 -13.08 33.96 -3.13
CA LEU A 270 -13.08 32.50 -2.94
C LEU A 270 -12.13 32.07 -1.82
N LYS A 271 -11.79 33.01 -0.95
CA LYS A 271 -10.91 32.72 0.18
C LYS A 271 -11.49 31.62 1.06
N GLY A 272 -10.67 30.60 1.33
CA GLY A 272 -11.09 29.47 2.14
C GLY A 272 -11.72 28.35 1.34
N ILE A 273 -12.06 28.63 0.09
CA ILE A 273 -12.70 27.65 -0.78
C ILE A 273 -11.74 27.20 -1.89
N LEU A 274 -11.21 28.18 -2.61
CA LEU A 274 -10.20 27.93 -3.63
C LEU A 274 -8.83 28.36 -3.11
N GLY A 275 -7.89 27.42 -3.08
CA GLY A 275 -6.55 27.69 -2.61
C GLY A 275 -5.58 27.88 -3.78
N TYR A 276 -4.37 28.32 -3.47
CA TYR A 276 -3.36 28.54 -4.47
C TYR A 276 -1.99 28.29 -3.87
N THR A 277 -1.16 27.53 -4.58
CA THR A 277 0.20 27.31 -4.14
C THR A 277 1.18 27.18 -5.31
N GLU A 278 2.43 27.53 -5.04
CA GLU A 278 3.52 27.34 -5.98
C GLU A 278 4.55 26.37 -5.40
N HIS A 279 4.26 25.86 -4.21
CA HIS A 279 5.16 24.95 -3.51
C HIS A 279 5.18 23.57 -4.16
N GLN A 280 6.26 22.82 -3.94
CA GLN A 280 6.43 21.48 -4.50
C GLN A 280 5.65 20.47 -3.68
N VAL A 281 4.34 20.48 -3.83
CA VAL A 281 3.46 19.73 -2.95
C VAL A 281 3.16 18.32 -3.46
N VAL A 282 2.88 17.42 -2.52
CA VAL A 282 2.34 16.09 -2.83
C VAL A 282 1.06 15.91 -2.02
N SER A 283 0.30 14.85 -2.30
CA SER A 283 -1.04 14.70 -1.74
C SER A 283 -1.12 14.84 -0.21
N SER A 284 -0.17 14.24 0.52
CA SER A 284 -0.26 14.24 1.98
C SER A 284 -0.15 15.67 2.56
N ASP A 285 0.39 16.60 1.78
CA ASP A 285 0.47 17.99 2.21
C ASP A 285 -0.91 18.64 2.32
N PHE A 286 -1.95 17.95 1.86
CA PHE A 286 -3.30 18.47 1.90
C PHE A 286 -4.21 17.69 2.85
N ASN A 287 -3.63 16.83 3.68
CA ASN A 287 -4.44 16.06 4.61
C ASN A 287 -4.95 16.96 5.71
N SER A 288 -6.29 16.99 5.87
CA SER A 288 -6.98 17.85 6.83
C SER A 288 -6.97 19.31 6.38
N ASP A 289 -6.74 19.51 5.09
CA ASP A 289 -6.85 20.83 4.50
C ASP A 289 -8.32 21.14 4.23
N THR A 290 -8.77 22.35 4.58
CA THR A 290 -10.19 22.69 4.54
C THR A 290 -10.65 23.32 3.21
N HIS A 291 -9.71 23.61 2.32
CA HIS A 291 -10.07 24.17 1.02
C HIS A 291 -10.83 23.13 0.20
N SER A 292 -11.73 23.59 -0.66
CA SER A 292 -12.43 22.71 -1.59
C SER A 292 -11.52 22.31 -2.74
N SER A 293 -10.58 23.19 -3.04
CA SER A 293 -9.77 23.12 -4.24
C SER A 293 -8.51 23.95 -4.04
N THR A 294 -7.34 23.36 -4.25
CA THR A 294 -6.09 24.11 -4.21
C THR A 294 -5.31 23.95 -5.52
N PHE A 295 -5.27 25.05 -6.27
CA PHE A 295 -4.56 25.12 -7.55
C PHE A 295 -3.07 24.89 -7.38
N ASP A 296 -2.54 23.91 -8.12
CA ASP A 296 -1.12 23.55 -8.08
C ASP A 296 -0.40 24.22 -9.24
N ALA A 297 0.23 25.35 -8.97
CA ALA A 297 0.80 26.17 -10.04
C ALA A 297 1.90 25.43 -10.81
N GLY A 298 2.81 24.80 -10.08
CA GLY A 298 3.94 24.14 -10.69
C GLY A 298 3.58 22.89 -11.49
N ALA A 299 2.48 22.26 -11.13
CA ALA A 299 2.09 20.99 -11.74
C ALA A 299 1.37 21.17 -13.08
N GLY A 300 0.71 22.30 -13.27
CA GLY A 300 -0.05 22.54 -14.49
C GLY A 300 0.87 22.75 -15.66
N ILE A 301 0.31 22.63 -16.87
CA ILE A 301 1.09 22.83 -18.08
C ILE A 301 0.25 23.48 -19.17
N ALA A 302 0.89 24.32 -19.97
CA ALA A 302 0.23 25.00 -21.08
C ALA A 302 0.88 24.61 -22.40
N LEU A 303 0.07 24.07 -23.30
CA LEU A 303 0.56 23.77 -24.64
C LEU A 303 0.59 25.05 -25.47
N ASN A 304 -0.44 25.87 -25.29
CA ASN A 304 -0.53 27.17 -25.94
C ASN A 304 -1.53 28.06 -25.20
N ASP A 305 -1.79 29.26 -25.74
CA ASP A 305 -2.63 30.23 -25.05
C ASP A 305 -4.08 29.76 -24.90
N HIS A 306 -4.46 28.71 -25.62
CA HIS A 306 -5.85 28.29 -25.66
C HIS A 306 -6.07 26.85 -25.20
N PHE A 307 -4.98 26.15 -24.86
CA PHE A 307 -5.08 24.73 -24.48
C PHE A 307 -4.18 24.42 -23.29
N VAL A 308 -4.80 24.11 -22.15
CA VAL A 308 -4.07 23.94 -20.90
C VAL A 308 -4.55 22.76 -20.05
N LYS A 309 -3.65 22.28 -19.19
CA LYS A 309 -3.97 21.27 -18.21
C LYS A 309 -3.76 21.87 -16.81
N LEU A 310 -4.84 21.94 -16.04
CA LEU A 310 -4.80 22.57 -14.71
C LEU A 310 -4.98 21.54 -13.61
N ILE A 311 -4.18 21.66 -12.55
CA ILE A 311 -4.15 20.67 -11.49
C ILE A 311 -4.65 21.29 -10.19
N SER A 312 -5.55 20.58 -9.51
CA SER A 312 -6.09 21.07 -8.25
C SER A 312 -6.30 19.94 -7.24
N TRP A 313 -5.76 20.15 -6.04
CA TRP A 313 -5.82 19.16 -4.97
C TRP A 313 -7.04 19.36 -4.08
N TYR A 314 -7.52 18.27 -3.49
CA TYR A 314 -8.54 18.39 -2.46
C TYR A 314 -8.55 17.20 -1.50
N ASP A 315 -8.65 17.52 -0.21
CA ASP A 315 -8.97 16.53 0.80
C ASP A 315 -10.44 16.18 0.63
N ASN A 316 -10.72 15.06 -0.01
CA ASN A 316 -12.08 14.69 -0.35
C ASN A 316 -12.98 14.52 0.88
N GLU A 317 -12.36 14.21 2.02
CA GLU A 317 -13.11 14.05 3.25
C GLU A 317 -13.33 15.38 3.98
N PHE A 318 -12.22 16.05 4.28
CA PHE A 318 -12.19 17.20 5.19
C PHE A 318 -12.75 18.48 4.55
N GLY A 319 -12.38 18.72 3.30
CA GLY A 319 -12.83 19.91 2.60
C GLY A 319 -14.34 19.91 2.45
N TYR A 320 -14.85 18.81 1.90
CA TYR A 320 -16.28 18.66 1.65
C TYR A 320 -17.10 18.76 2.93
N SER A 321 -16.59 18.16 4.02
CA SER A 321 -17.29 18.18 5.30
C SER A 321 -17.47 19.60 5.83
N ASN A 322 -16.44 20.42 5.69
CA ASN A 322 -16.55 21.82 6.09
C ASN A 322 -17.53 22.58 5.22
N ARG A 323 -17.54 22.29 3.92
CA ARG A 323 -18.48 22.93 3.01
C ARG A 323 -19.93 22.64 3.43
N VAL A 324 -20.20 21.42 3.87
CA VAL A 324 -21.54 21.05 4.32
C VAL A 324 -21.97 21.96 5.48
N VAL A 325 -21.05 22.19 6.42
CA VAL A 325 -21.33 23.05 7.55
C VAL A 325 -21.52 24.50 7.08
N ASP A 326 -20.63 24.94 6.18
CA ASP A 326 -20.70 26.29 5.63
C ASP A 326 -22.06 26.54 4.98
N LEU A 327 -22.49 25.59 4.16
CA LEU A 327 -23.74 25.72 3.43
C LEU A 327 -24.92 25.83 4.39
N MET A 328 -24.94 24.98 5.41
CA MET A 328 -26.02 24.99 6.39
C MET A 328 -26.10 26.34 7.12
N ALA A 329 -24.94 26.88 7.49
CA ALA A 329 -24.90 28.18 8.16
C ALA A 329 -25.44 29.25 7.24
N HIS A 330 -25.11 29.16 5.95
CA HIS A 330 -25.63 30.11 4.98
C HIS A 330 -27.14 29.96 4.83
N MET A 331 -27.63 28.72 4.74
CA MET A 331 -29.06 28.46 4.65
C MET A 331 -29.80 29.10 5.81
N ALA A 332 -29.23 28.98 7.00
CA ALA A 332 -29.85 29.54 8.20
C ALA A 332 -29.94 31.07 8.13
N SER A 333 -28.98 31.68 7.45
CA SER A 333 -28.95 33.13 7.30
C SER A 333 -30.11 33.64 6.46
N LYS A 334 -30.66 32.77 5.61
CA LYS A 334 -31.73 33.16 4.70
C LYS A 334 -33.14 32.92 5.26
N GLU A 335 -33.23 32.20 6.38
CA GLU A 335 -34.54 31.93 6.98
C GLU A 335 -35.27 33.25 7.23
N LYS B 3 19.06 24.23 26.99
CA LYS B 3 20.22 24.98 27.47
C LYS B 3 21.51 24.55 26.76
N VAL B 4 21.66 23.26 26.50
CA VAL B 4 22.83 22.79 25.76
C VAL B 4 22.62 23.03 24.28
N LYS B 5 23.65 23.50 23.59
CA LYS B 5 23.57 23.76 22.16
C LYS B 5 23.94 22.49 21.41
N VAL B 6 23.11 22.16 20.42
CA VAL B 6 23.19 20.88 19.73
C VAL B 6 23.41 21.02 18.23
N GLY B 7 24.29 20.17 17.71
CA GLY B 7 24.49 20.03 16.28
C GLY B 7 23.85 18.73 15.82
N VAL B 8 23.33 18.70 14.60
CA VAL B 8 22.73 17.50 14.05
C VAL B 8 23.46 17.10 12.77
N ASN B 9 24.02 15.90 12.76
CA ASN B 9 24.65 15.37 11.55
C ASN B 9 23.74 14.35 10.88
N GLY B 10 23.26 14.71 9.68
CA GLY B 10 22.31 13.90 8.95
C GLY B 10 20.89 14.36 9.21
N PHE B 11 20.37 15.16 8.29
CA PHE B 11 19.06 15.80 8.45
C PHE B 11 17.96 14.94 7.83
N GLY B 12 17.85 13.71 8.30
CA GLY B 12 16.88 12.76 7.78
C GLY B 12 15.64 12.63 8.64
N ARG B 13 15.05 11.44 8.66
CA ARG B 13 13.86 11.21 9.45
C ARG B 13 14.14 11.55 10.90
N ILE B 14 15.19 10.95 11.46
CA ILE B 14 15.53 11.19 12.85
C ILE B 14 16.09 12.59 13.04
N GLY B 15 17.00 13.00 12.16
CA GLY B 15 17.58 14.33 12.24
C GLY B 15 16.53 15.42 12.29
N ARG B 16 15.57 15.35 11.37
CA ARG B 16 14.55 16.39 11.26
C ARG B 16 13.57 16.32 12.42
N LEU B 17 13.22 15.13 12.86
CA LEU B 17 12.24 14.98 13.93
C LEU B 17 12.88 15.21 15.30
N VAL B 18 14.18 14.96 15.42
CA VAL B 18 14.90 15.39 16.63
C VAL B 18 14.85 16.91 16.69
N THR B 19 14.99 17.56 15.54
CA THR B 19 14.94 19.01 15.47
C THR B 19 13.56 19.51 15.86
N ARG B 20 12.52 18.85 15.38
CA ARG B 20 11.14 19.17 15.78
C ARG B 20 10.95 19.01 17.27
N ALA B 21 11.39 17.87 17.80
CA ALA B 21 11.23 17.59 19.22
C ALA B 21 11.94 18.63 20.06
N ALA B 22 13.12 19.05 19.59
CA ALA B 22 13.93 20.02 20.31
C ALA B 22 13.22 21.37 20.42
N PHE B 23 12.67 21.84 19.31
CA PHE B 23 12.01 23.15 19.29
C PHE B 23 10.65 23.12 19.96
N ASN B 24 9.94 21.99 19.86
CA ASN B 24 8.65 21.85 20.51
C ASN B 24 8.77 21.82 22.03
N SER B 25 9.76 21.09 22.53
CA SER B 25 9.95 20.90 23.96
C SER B 25 10.82 22.00 24.56
N GLY B 26 11.74 22.53 23.77
CA GLY B 26 12.66 23.55 24.22
C GLY B 26 13.72 23.04 25.20
N LYS B 27 13.89 21.72 25.27
CA LYS B 27 14.83 21.12 26.22
C LYS B 27 16.28 21.31 25.81
N VAL B 28 16.52 21.42 24.50
CA VAL B 28 17.84 21.71 23.95
C VAL B 28 17.70 22.72 22.81
N ASP B 29 18.82 23.30 22.40
CA ASP B 29 18.82 24.28 21.30
C ASP B 29 19.65 23.81 20.11
N ILE B 30 19.00 23.56 18.99
CA ILE B 30 19.68 23.23 17.76
C ILE B 30 20.37 24.50 17.25
N VAL B 31 21.68 24.45 17.02
CA VAL B 31 22.41 25.61 16.52
C VAL B 31 23.17 25.31 15.23
N ALA B 32 23.25 24.04 14.85
CA ALA B 32 23.96 23.66 13.64
C ALA B 32 23.42 22.34 13.06
N ILE B 33 23.47 22.24 11.74
CA ILE B 33 23.03 21.06 11.02
C ILE B 33 23.98 20.79 9.86
N ASN B 34 24.33 19.53 9.68
CA ASN B 34 25.16 19.12 8.54
C ASN B 34 24.50 18.02 7.72
N ASP B 35 24.51 18.20 6.40
CA ASP B 35 23.98 17.20 5.48
C ASP B 35 24.38 17.55 4.03
N PRO B 36 25.36 16.82 3.46
CA PRO B 36 25.86 17.14 2.11
C PRO B 36 24.82 17.03 1.00
N PHE B 37 23.72 16.32 1.25
CA PHE B 37 22.76 16.01 0.19
C PHE B 37 21.47 16.83 0.33
N ILE B 38 21.48 17.82 1.21
CA ILE B 38 20.35 18.73 1.36
C ILE B 38 20.85 20.14 1.59
N ASP B 39 20.74 20.99 0.58
CA ASP B 39 21.15 22.38 0.71
C ASP B 39 20.14 23.15 1.56
N LEU B 40 20.53 24.36 1.95
CA LEU B 40 19.74 25.19 2.85
C LEU B 40 18.28 25.36 2.41
N ASN B 41 18.06 25.75 1.17
CA ASN B 41 16.72 25.96 0.66
C ASN B 41 15.91 24.67 0.70
N TYR B 42 16.57 23.56 0.42
CA TYR B 42 15.93 22.25 0.43
C TYR B 42 15.56 21.85 1.87
N MET B 43 16.40 22.23 2.82
CA MET B 43 16.13 21.94 4.22
C MET B 43 14.82 22.58 4.68
N VAL B 44 14.56 23.80 4.22
CA VAL B 44 13.33 24.51 4.58
C VAL B 44 12.12 23.66 4.20
N TYR B 45 12.14 23.16 2.97
CA TYR B 45 11.04 22.35 2.44
C TYR B 45 10.91 21.00 3.14
N MET B 46 12.04 20.31 3.34
CA MET B 46 12.01 18.99 3.95
C MET B 46 11.58 19.05 5.42
N PHE B 47 11.97 20.12 6.10
CA PHE B 47 11.61 20.27 7.50
C PHE B 47 10.19 20.74 7.67
N GLN B 48 9.75 21.63 6.78
CA GLN B 48 8.42 22.21 6.91
C GLN B 48 7.32 21.21 6.58
N TYR B 49 7.49 20.48 5.48
CA TYR B 49 6.49 19.52 5.02
C TYR B 49 6.91 18.08 5.30
N ASP B 50 6.03 17.32 5.93
CA ASP B 50 6.32 15.96 6.32
C ASP B 50 5.10 15.06 6.05
N SER B 51 5.31 14.03 5.25
CA SER B 51 4.22 13.13 4.87
C SER B 51 3.61 12.39 6.06
N THR B 52 4.42 12.07 7.05
CA THR B 52 4.00 11.24 8.16
C THR B 52 3.41 12.06 9.32
N HIS B 53 4.08 13.16 9.66
CA HIS B 53 3.73 13.93 10.85
C HIS B 53 3.15 15.30 10.53
N GLY B 54 2.86 15.56 9.26
CA GLY B 54 2.19 16.78 8.86
C GLY B 54 3.11 17.98 8.84
N LYS B 55 2.55 19.13 8.47
CA LYS B 55 3.31 20.36 8.37
C LYS B 55 3.79 20.83 9.75
N PHE B 56 5.02 21.34 9.78
CA PHE B 56 5.62 21.82 11.03
C PHE B 56 4.81 22.99 11.60
N HIS B 57 4.49 22.90 12.88
CA HIS B 57 3.82 23.97 13.60
C HIS B 57 4.85 25.00 14.07
N GLY B 58 4.97 26.06 13.30
CA GLY B 58 5.96 27.08 13.58
C GLY B 58 6.43 27.70 12.28
N THR B 59 7.52 28.46 12.35
CA THR B 59 8.06 29.13 11.17
C THR B 59 9.42 28.55 10.80
N VAL B 60 9.65 28.40 9.50
CA VAL B 60 10.95 27.99 9.01
C VAL B 60 11.23 28.74 7.70
N LYS B 61 12.44 29.30 7.60
CA LYS B 61 12.86 30.00 6.41
C LYS B 61 14.38 30.04 6.31
N ALA B 62 14.86 30.43 5.15
CA ALA B 62 16.28 30.63 4.93
C ALA B 62 16.58 32.13 4.92
N GLU B 63 17.52 32.55 5.77
CA GLU B 63 17.89 33.95 5.86
C GLU B 63 19.39 34.09 6.14
N ASN B 64 20.09 34.75 5.22
CA ASN B 64 21.52 35.03 5.36
C ASN B 64 22.34 33.76 5.55
N GLY B 65 22.02 32.73 4.76
CA GLY B 65 22.76 31.48 4.79
C GLY B 65 22.38 30.58 5.95
N LYS B 66 21.50 31.06 6.83
CA LYS B 66 21.11 30.33 8.02
C LYS B 66 19.72 29.72 7.87
N LEU B 67 19.53 28.56 8.48
CA LEU B 67 18.19 28.00 8.61
C LEU B 67 17.56 28.59 9.86
N VAL B 68 16.45 29.29 9.70
CA VAL B 68 15.80 29.98 10.81
C VAL B 68 14.49 29.30 11.17
N ILE B 69 14.50 28.60 12.30
CA ILE B 69 13.31 27.92 12.81
C ILE B 69 12.81 28.66 14.06
N ASN B 70 11.55 29.09 14.01
CA ASN B 70 10.93 29.86 15.08
C ASN B 70 11.80 31.05 15.50
N GLY B 71 12.43 31.68 14.52
CA GLY B 71 13.25 32.85 14.76
C GLY B 71 14.67 32.54 15.20
N ASN B 72 14.98 31.25 15.35
CA ASN B 72 16.30 30.83 15.80
C ASN B 72 17.23 30.43 14.65
N PRO B 73 18.32 31.18 14.44
CA PRO B 73 19.22 30.87 13.33
C PRO B 73 20.05 29.61 13.57
N ILE B 74 20.27 28.85 12.50
CA ILE B 74 21.01 27.60 12.57
C ILE B 74 22.07 27.57 11.47
N THR B 75 23.32 27.35 11.88
CA THR B 75 24.40 27.24 10.92
C THR B 75 24.24 25.95 10.12
N ILE B 76 24.44 26.03 8.81
CA ILE B 76 24.27 24.88 7.92
C ILE B 76 25.59 24.49 7.28
N PHE B 77 25.99 23.24 7.47
CA PHE B 77 27.20 22.72 6.85
C PHE B 77 26.84 21.75 5.73
N GLN B 78 27.80 21.44 4.86
CA GLN B 78 27.58 20.55 3.73
C GLN B 78 28.76 19.59 3.56
N GLU B 79 29.21 19.01 4.68
CA GLU B 79 30.43 18.21 4.70
C GLU B 79 30.15 16.71 4.71
N ARG B 80 30.81 15.97 3.82
CA ARG B 80 30.73 14.51 3.80
C ARG B 80 31.59 13.88 4.90
N ASP B 81 32.71 14.54 5.20
CA ASP B 81 33.68 14.05 6.18
C ASP B 81 33.38 14.66 7.56
N PRO B 82 32.93 13.83 8.52
CA PRO B 82 32.55 14.35 9.85
C PRO B 82 33.66 15.12 10.55
N SER B 83 34.92 14.79 10.24
CA SER B 83 36.04 15.42 10.91
C SER B 83 36.25 16.86 10.43
N LYS B 84 35.53 17.26 9.38
CA LYS B 84 35.71 18.57 8.78
C LYS B 84 34.63 19.58 9.18
N ILE B 85 33.62 19.11 9.92
CA ILE B 85 32.52 19.97 10.34
C ILE B 85 32.94 20.82 11.53
N LYS B 86 32.87 22.14 11.37
CA LYS B 86 33.31 23.05 12.42
C LYS B 86 32.21 23.28 13.48
N TRP B 87 31.90 22.23 14.23
CA TRP B 87 30.91 22.31 15.29
C TRP B 87 31.29 23.36 16.32
N GLY B 88 32.57 23.43 16.66
CA GLY B 88 33.06 24.36 17.65
C GLY B 88 32.77 25.81 17.31
N ASP B 89 33.08 26.20 16.07
CA ASP B 89 32.82 27.56 15.63
C ASP B 89 31.33 27.89 15.68
N ALA B 90 30.48 26.90 15.47
CA ALA B 90 29.04 27.11 15.44
C ALA B 90 28.45 27.10 16.85
N GLY B 91 29.22 26.66 17.84
CA GLY B 91 28.77 26.60 19.21
C GLY B 91 28.02 25.31 19.55
N ALA B 92 28.15 24.30 18.69
CA ALA B 92 27.54 23.00 18.94
C ALA B 92 28.34 22.17 19.94
N GLU B 93 27.81 22.00 21.14
CA GLU B 93 28.49 21.26 22.21
C GLU B 93 28.22 19.75 22.07
N TYR B 94 26.95 19.40 21.88
CA TYR B 94 26.56 18.02 21.60
C TYR B 94 26.23 17.85 20.13
N VAL B 95 26.64 16.73 19.55
CA VAL B 95 26.29 16.38 18.18
C VAL B 95 25.44 15.11 18.14
N VAL B 96 24.27 15.21 17.53
CA VAL B 96 23.45 14.04 17.25
C VAL B 96 23.95 13.42 15.95
N GLU B 97 24.48 12.20 16.05
CA GLU B 97 25.00 11.49 14.89
C GLU B 97 23.91 10.61 14.31
N SER B 98 23.22 11.12 13.29
CA SER B 98 22.04 10.45 12.76
C SER B 98 22.09 10.28 11.24
N THR B 99 23.28 9.99 10.71
CA THR B 99 23.45 9.64 9.31
C THR B 99 23.27 8.14 9.12
N GLY B 100 23.67 7.37 10.12
CA GLY B 100 23.57 5.93 10.06
C GLY B 100 24.82 5.22 9.54
N VAL B 101 25.86 5.99 9.21
CA VAL B 101 27.09 5.41 8.66
C VAL B 101 28.30 5.63 9.56
N PHE B 102 28.12 6.30 10.70
CA PHE B 102 29.21 6.53 11.66
C PHE B 102 28.81 6.08 13.07
N THR B 103 28.60 4.77 13.24
CA THR B 103 28.02 4.24 14.47
C THR B 103 29.05 3.67 15.44
N THR B 104 30.29 3.53 15.01
CA THR B 104 31.36 3.12 15.93
C THR B 104 31.93 4.33 16.65
N MET B 105 32.57 4.09 17.78
CA MET B 105 33.15 5.20 18.54
C MET B 105 34.27 5.86 17.73
N GLU B 106 34.99 5.07 16.95
CA GLU B 106 36.05 5.60 16.10
C GLU B 106 35.48 6.56 15.06
N LYS B 107 34.44 6.12 14.37
CA LYS B 107 33.83 6.90 13.29
C LYS B 107 33.09 8.11 13.85
N ALA B 108 32.31 7.90 14.89
CA ALA B 108 31.56 8.98 15.53
C ALA B 108 32.49 9.97 16.23
N GLY B 109 33.66 9.50 16.65
CA GLY B 109 34.61 10.33 17.37
C GLY B 109 35.22 11.42 16.50
N ALA B 110 34.99 11.36 15.20
CA ALA B 110 35.51 12.37 14.28
C ALA B 110 34.93 13.74 14.58
N HIS B 111 33.73 13.77 15.16
CA HIS B 111 33.05 15.02 15.47
C HIS B 111 33.83 15.81 16.53
N LEU B 112 34.64 15.12 17.32
CA LEU B 112 35.45 15.79 18.34
C LEU B 112 36.54 16.66 17.72
N GLN B 113 37.03 16.26 16.54
CA GLN B 113 38.08 17.02 15.85
C GLN B 113 37.58 18.39 15.41
N GLY B 114 36.27 18.51 15.23
CA GLY B 114 35.67 19.77 14.81
C GLY B 114 35.21 20.63 15.96
N GLY B 115 35.40 20.14 17.19
CA GLY B 115 35.12 20.92 18.38
C GLY B 115 33.92 20.48 19.20
N ALA B 116 33.22 19.44 18.75
CA ALA B 116 32.11 18.89 19.52
C ALA B 116 32.64 18.27 20.82
N LYS B 117 31.90 18.45 21.91
CA LYS B 117 32.33 17.96 23.21
C LYS B 117 31.85 16.53 23.44
N ARG B 118 30.63 16.23 22.99
CA ARG B 118 30.05 14.89 23.12
C ARG B 118 29.24 14.53 21.89
N VAL B 119 29.13 13.23 21.64
CA VAL B 119 28.40 12.71 20.50
C VAL B 119 27.37 11.67 20.96
N ILE B 120 26.16 11.80 20.43
CA ILE B 120 25.08 10.85 20.70
C ILE B 120 24.69 10.17 19.39
N ILE B 121 25.01 8.89 19.29
CA ILE B 121 24.71 8.10 18.09
C ILE B 121 23.24 7.68 18.10
N SER B 122 22.50 8.05 17.06
CA SER B 122 21.07 7.77 17.01
C SER B 122 20.77 6.36 16.50
N ALA B 123 21.52 5.39 16.98
CA ALA B 123 21.39 4.01 16.52
C ALA B 123 22.25 3.11 17.39
N PRO B 124 22.07 1.78 17.25
CA PRO B 124 22.95 0.87 17.97
C PRO B 124 24.41 1.10 17.61
N SER B 125 25.31 0.81 18.53
CA SER B 125 26.74 0.92 18.28
C SER B 125 27.44 -0.36 18.69
N ALA B 126 28.46 -0.75 17.93
CA ALA B 126 29.20 -1.96 18.20
C ALA B 126 29.99 -1.85 19.50
N ASP B 127 30.39 -0.63 19.87
CA ASP B 127 31.25 -0.46 21.05
C ASP B 127 30.87 0.74 21.93
N ALA B 128 30.07 1.67 21.43
CA ALA B 128 29.69 2.82 22.25
C ALA B 128 28.70 2.40 23.33
N PRO B 129 28.82 2.96 24.54
CA PRO B 129 27.85 2.64 25.60
C PRO B 129 26.43 3.05 25.21
N MET B 130 25.49 2.11 25.27
CA MET B 130 24.10 2.38 24.90
C MET B 130 23.27 2.75 26.11
N PHE B 131 22.35 3.69 25.93
CA PHE B 131 21.47 4.13 27.01
C PHE B 131 20.04 4.22 26.54
N VAL B 132 19.13 3.81 27.44
CA VAL B 132 17.70 3.89 27.21
C VAL B 132 17.04 4.65 28.35
N MET B 133 16.38 5.75 28.02
CA MET B 133 15.73 6.57 29.03
C MET B 133 14.70 5.78 29.80
N GLY B 134 14.74 5.89 31.12
CA GLY B 134 13.81 5.19 32.00
C GLY B 134 14.36 3.84 32.45
N VAL B 135 15.43 3.38 31.81
CA VAL B 135 15.99 2.06 32.10
C VAL B 135 17.38 2.17 32.75
N ASN B 136 18.33 2.81 32.08
CA ASN B 136 19.69 2.89 32.59
C ASN B 136 20.37 4.22 32.33
N HIS B 137 19.61 5.27 32.06
CA HIS B 137 20.20 6.54 31.67
C HIS B 137 20.95 7.16 32.84
N GLU B 138 20.67 6.71 34.06
CA GLU B 138 21.38 7.23 35.23
C GLU B 138 22.79 6.65 35.32
N LYS B 139 23.05 5.60 34.55
CA LYS B 139 24.38 4.99 34.54
C LYS B 139 25.37 5.83 33.77
N TYR B 140 24.87 6.82 33.03
CA TYR B 140 25.74 7.73 32.30
C TYR B 140 26.57 8.54 33.27
N ASP B 141 27.82 8.82 32.90
CA ASP B 141 28.67 9.74 33.65
C ASP B 141 29.48 10.60 32.69
N ASN B 142 30.04 11.69 33.20
CA ASN B 142 30.65 12.72 32.37
C ASN B 142 31.97 12.31 31.68
N SER B 143 32.44 11.09 31.93
CA SER B 143 33.64 10.61 31.25
C SER B 143 33.30 10.04 29.87
N LEU B 144 32.02 9.85 29.59
CA LEU B 144 31.56 9.28 28.32
C LEU B 144 31.26 10.37 27.28
N LYS B 145 32.16 10.52 26.31
CA LYS B 145 32.03 11.58 25.31
C LYS B 145 31.34 11.08 24.05
N ILE B 146 31.22 9.76 23.91
CA ILE B 146 30.57 9.14 22.76
C ILE B 146 29.66 8.03 23.24
N ILE B 147 28.34 8.23 23.13
CA ILE B 147 27.37 7.24 23.56
C ILE B 147 26.32 6.98 22.50
N SER B 148 25.50 5.95 22.75
CA SER B 148 24.42 5.57 21.84
C SER B 148 23.08 5.55 22.56
N ASN B 149 22.02 5.92 21.84
CA ASN B 149 20.66 5.89 22.37
C ASN B 149 19.94 4.62 21.92
N ALA B 150 20.70 3.61 21.51
CA ALA B 150 20.16 2.33 21.05
C ALA B 150 19.23 2.52 19.85
N SER B 151 18.43 1.50 19.54
CA SER B 151 17.48 1.58 18.43
C SER B 151 16.08 1.93 18.92
N CYS B 152 15.18 2.20 17.98
CA CYS B 152 13.78 2.45 18.31
C CYS B 152 13.16 1.22 18.97
N THR B 153 13.44 0.04 18.41
CA THR B 153 12.88 -1.20 18.94
C THR B 153 13.39 -1.50 20.36
N THR B 154 14.67 -1.24 20.60
CA THR B 154 15.25 -1.45 21.91
C THR B 154 14.58 -0.54 22.94
N ASN B 155 14.30 0.70 22.52
CA ASN B 155 13.63 1.66 23.40
C ASN B 155 12.18 1.27 23.67
N CYS B 156 11.61 0.43 22.82
CA CYS B 156 10.27 -0.09 23.07
C CYS B 156 10.34 -1.28 24.01
N LEU B 157 11.26 -2.20 23.74
CA LEU B 157 11.34 -3.44 24.50
C LEU B 157 11.89 -3.23 25.91
N ALA B 158 12.93 -2.42 26.05
CA ALA B 158 13.64 -2.32 27.33
C ALA B 158 12.79 -1.81 28.50
N PRO B 159 12.00 -0.74 28.28
CA PRO B 159 11.17 -0.26 29.40
C PRO B 159 10.17 -1.31 29.87
N LEU B 160 9.55 -2.01 28.92
CA LEU B 160 8.61 -3.07 29.25
C LEU B 160 9.33 -4.21 29.93
N ALA B 161 10.48 -4.60 29.38
CA ALA B 161 11.26 -5.69 29.94
C ALA B 161 11.70 -5.38 31.37
N LYS B 162 12.00 -4.11 31.64
CA LYS B 162 12.40 -3.70 32.98
C LYS B 162 11.28 -3.96 33.97
N VAL B 163 10.07 -3.57 33.62
CA VAL B 163 8.93 -3.71 34.52
C VAL B 163 8.62 -5.19 34.78
N ILE B 164 8.63 -5.99 33.73
CA ILE B 164 8.36 -7.41 33.88
C ILE B 164 9.48 -8.09 34.67
N HIS B 165 10.73 -7.77 34.35
CA HIS B 165 11.85 -8.38 35.05
C HIS B 165 11.89 -7.97 36.52
N ASP B 166 11.68 -6.68 36.79
CA ASP B 166 11.72 -6.17 38.17
C ASP B 166 10.70 -6.85 39.07
N ASN B 167 9.55 -7.19 38.49
CA ASN B 167 8.43 -7.73 39.26
C ASN B 167 8.34 -9.25 39.27
N PHE B 168 8.62 -9.88 38.13
CA PHE B 168 8.42 -11.32 38.00
C PHE B 168 9.67 -12.07 37.54
N GLY B 169 10.63 -11.32 36.99
CA GLY B 169 11.84 -11.93 36.46
C GLY B 169 11.59 -12.61 35.14
N ILE B 170 12.47 -12.34 34.16
CA ILE B 170 12.39 -12.98 32.86
C ILE B 170 13.48 -14.04 32.75
N VAL B 171 13.08 -15.30 32.73
CA VAL B 171 14.02 -16.40 32.54
C VAL B 171 14.56 -16.35 31.13
N GLU B 172 13.65 -16.29 30.17
CA GLU B 172 14.01 -16.28 28.77
C GLU B 172 12.88 -15.68 27.94
N GLY B 173 13.23 -15.04 26.83
CA GLY B 173 12.25 -14.40 25.99
C GLY B 173 12.66 -14.32 24.54
N LEU B 174 11.66 -14.39 23.67
CA LEU B 174 11.86 -14.24 22.23
C LEU B 174 10.91 -13.18 21.71
N MET B 175 11.48 -12.24 20.96
CA MET B 175 10.74 -11.06 20.52
C MET B 175 10.55 -11.07 19.01
N THR B 176 9.38 -10.63 18.58
CA THR B 176 9.14 -10.29 17.18
C THR B 176 8.65 -8.85 17.13
N THR B 177 9.16 -8.10 16.18
CA THR B 177 8.65 -6.76 15.94
C THR B 177 8.10 -6.67 14.51
N VAL B 178 6.85 -6.25 14.41
CA VAL B 178 6.27 -5.89 13.14
C VAL B 178 6.60 -4.41 12.93
N HIS B 179 7.46 -4.14 11.96
CA HIS B 179 8.09 -2.82 11.83
C HIS B 179 7.67 -2.09 10.58
N ALA B 180 7.42 -0.78 10.72
CA ALA B 180 7.16 0.08 9.57
C ALA B 180 8.40 0.16 8.68
N ILE B 181 8.23 0.54 7.42
CA ILE B 181 9.37 0.63 6.53
C ILE B 181 10.24 1.83 6.88
N THR B 182 11.48 1.80 6.40
CA THR B 182 12.42 2.86 6.66
C THR B 182 13.15 3.24 5.38
N ALA B 183 14.03 4.22 5.48
CA ALA B 183 14.73 4.75 4.31
C ALA B 183 15.67 3.72 3.70
N THR B 184 16.12 2.74 4.49
CA THR B 184 17.08 1.75 4.01
C THR B 184 16.45 0.74 3.04
N GLN B 185 15.12 0.68 3.00
CA GLN B 185 14.44 -0.27 2.13
C GLN B 185 14.20 0.30 0.73
N LYS B 186 13.72 -0.56 -0.17
CA LYS B 186 13.56 -0.24 -1.58
C LYS B 186 12.09 -0.20 -1.99
N THR B 187 11.77 0.67 -2.93
CA THR B 187 10.42 0.74 -3.48
C THR B 187 10.09 -0.49 -4.31
N VAL B 188 11.07 -0.98 -5.05
CA VAL B 188 10.93 -2.20 -5.84
C VAL B 188 12.18 -3.05 -5.68
N ASP B 189 12.11 -4.31 -6.09
CA ASP B 189 13.25 -5.22 -5.98
C ASP B 189 14.54 -4.56 -6.48
N GLY B 190 15.48 -4.36 -5.58
CA GLY B 190 16.74 -3.70 -5.91
C GLY B 190 17.92 -4.30 -5.14
N PRO B 191 19.13 -3.79 -5.42
CA PRO B 191 20.34 -4.36 -4.82
C PRO B 191 20.46 -4.12 -3.32
N SER B 192 20.88 -5.15 -2.60
CA SER B 192 21.19 -5.06 -1.18
C SER B 192 22.09 -6.23 -0.83
N GLY B 193 23.29 -6.23 -1.40
CA GLY B 193 24.18 -7.38 -1.38
C GLY B 193 24.46 -8.00 -0.02
N LYS B 194 24.43 -7.19 1.03
CA LYS B 194 24.73 -7.66 2.36
C LYS B 194 23.50 -8.28 3.03
N LEU B 195 22.33 -7.79 2.64
CA LEU B 195 21.07 -8.23 3.24
C LEU B 195 20.03 -8.44 2.15
N TRP B 196 20.09 -9.59 1.51
CA TRP B 196 19.31 -9.85 0.30
C TRP B 196 17.82 -9.60 0.45
N ARG B 197 17.25 -10.00 1.59
CA ARG B 197 15.81 -9.84 1.79
C ARG B 197 15.42 -8.36 1.84
N ASP B 198 16.28 -7.53 2.40
CA ASP B 198 15.96 -6.11 2.58
C ASP B 198 15.93 -5.36 1.25
N GLY B 199 16.46 -5.99 0.20
CA GLY B 199 16.45 -5.39 -1.12
C GLY B 199 15.12 -5.56 -1.85
N ARG B 200 14.32 -6.52 -1.41
CA ARG B 200 13.05 -6.79 -2.09
C ARG B 200 12.06 -5.66 -1.87
N GLY B 201 11.15 -5.48 -2.82
CA GLY B 201 10.21 -4.37 -2.81
C GLY B 201 9.45 -4.24 -1.50
N ALA B 202 9.56 -3.07 -0.88
CA ALA B 202 9.00 -2.85 0.45
C ALA B 202 7.48 -2.72 0.45
N LEU B 203 6.91 -2.31 -0.68
CA LEU B 203 5.46 -2.14 -0.78
C LEU B 203 4.74 -3.48 -0.93
N GLN B 204 5.41 -4.42 -1.59
CA GLN B 204 4.78 -5.68 -1.95
C GLN B 204 4.96 -6.77 -0.90
N ASN B 205 5.99 -6.64 -0.06
CA ASN B 205 6.42 -7.76 0.78
C ASN B 205 6.39 -7.55 2.28
N ILE B 206 6.09 -8.65 2.98
CA ILE B 206 6.49 -8.84 4.36
C ILE B 206 7.94 -9.34 4.32
N ILE B 207 8.85 -8.61 4.95
CA ILE B 207 10.28 -8.93 4.84
C ILE B 207 10.88 -9.28 6.20
N PRO B 208 11.24 -10.55 6.40
CA PRO B 208 11.88 -10.87 7.68
C PRO B 208 13.27 -10.26 7.75
N ALA B 209 13.63 -9.76 8.93
CA ALA B 209 14.86 -9.02 9.11
C ALA B 209 15.47 -9.31 10.46
N SER B 210 16.80 -9.28 10.51
CA SER B 210 17.52 -9.49 11.75
C SER B 210 17.77 -8.16 12.44
N THR B 211 17.50 -8.13 13.74
CA THR B 211 17.72 -6.96 14.56
C THR B 211 18.35 -7.38 15.88
N GLY B 212 19.35 -6.63 16.34
CA GLY B 212 20.00 -6.91 17.60
C GLY B 212 19.28 -6.26 18.77
N ALA B 213 18.04 -5.84 18.54
CA ALA B 213 17.28 -5.09 19.53
C ALA B 213 17.08 -5.87 20.83
N ALA B 214 16.62 -7.12 20.72
CA ALA B 214 16.41 -7.97 21.88
C ALA B 214 17.73 -8.23 22.59
N LYS B 215 18.76 -8.54 21.82
CA LYS B 215 20.09 -8.78 22.35
C LYS B 215 20.60 -7.54 23.08
N ALA B 216 20.28 -6.38 22.51
CA ALA B 216 20.74 -5.09 23.04
C ALA B 216 20.15 -4.80 24.41
N VAL B 217 18.95 -5.31 24.67
CA VAL B 217 18.30 -5.15 25.96
C VAL B 217 19.17 -5.78 27.06
N GLY B 218 19.96 -6.77 26.67
CA GLY B 218 20.90 -7.40 27.59
C GLY B 218 22.03 -6.47 28.02
N LYS B 219 22.23 -5.39 27.27
CA LYS B 219 23.28 -4.43 27.61
C LYS B 219 22.80 -3.36 28.57
N VAL B 220 21.60 -2.84 28.33
CA VAL B 220 21.04 -1.79 29.19
C VAL B 220 20.44 -2.39 30.46
N ILE B 221 20.08 -3.67 30.39
CA ILE B 221 19.66 -4.42 31.58
C ILE B 221 20.55 -5.66 31.69
N PRO B 222 21.72 -5.52 32.33
CA PRO B 222 22.73 -6.58 32.46
C PRO B 222 22.19 -7.94 32.89
N GLU B 223 21.25 -7.96 33.82
CA GLU B 223 20.71 -9.23 34.32
C GLU B 223 20.05 -10.05 33.22
N LEU B 224 19.65 -9.39 32.13
CA LEU B 224 18.98 -10.08 31.02
C LEU B 224 19.96 -10.40 29.89
N ASN B 225 21.25 -10.22 30.14
CA ASN B 225 22.25 -10.51 29.13
C ASN B 225 22.21 -11.98 28.73
N GLY B 226 22.02 -12.24 27.44
CA GLY B 226 21.98 -13.59 26.91
C GLY B 226 20.64 -14.27 27.02
N LYS B 227 19.65 -13.57 27.56
CA LYS B 227 18.34 -14.16 27.85
C LYS B 227 17.26 -13.78 26.84
N LEU B 228 17.59 -12.88 25.92
CA LEU B 228 16.64 -12.39 24.93
C LEU B 228 17.20 -12.46 23.53
N LYS B 229 16.36 -12.88 22.59
CA LYS B 229 16.68 -12.82 21.17
C LYS B 229 15.41 -12.41 20.43
N GLY B 230 15.59 -11.93 19.20
CA GLY B 230 14.43 -11.52 18.42
C GLY B 230 14.71 -11.34 16.96
N MET B 231 13.65 -11.02 16.23
CA MET B 231 13.75 -10.71 14.80
C MET B 231 12.61 -9.79 14.44
N ALA B 232 12.55 -9.39 13.17
CA ALA B 232 11.60 -8.39 12.73
C ALA B 232 10.90 -8.81 11.46
N PHE B 233 9.70 -8.27 11.26
CA PHE B 233 8.99 -8.35 9.99
C PHE B 233 8.71 -6.93 9.52
N ARG B 234 9.37 -6.52 8.44
CA ARG B 234 9.11 -5.22 7.83
C ARG B 234 7.86 -5.31 6.97
N VAL B 235 6.93 -4.38 7.17
CA VAL B 235 5.67 -4.39 6.42
C VAL B 235 5.36 -2.99 5.86
N PRO B 236 4.50 -2.93 4.84
CA PRO B 236 4.25 -1.66 4.13
C PRO B 236 3.36 -0.65 4.88
N THR B 237 3.84 -0.13 6.01
CA THR B 237 3.25 1.07 6.61
C THR B 237 4.33 2.12 6.74
N ALA B 238 3.93 3.38 6.65
CA ALA B 238 4.88 4.48 6.62
C ALA B 238 5.54 4.72 7.97
N ASN B 239 4.81 4.41 9.04
CA ASN B 239 5.32 4.67 10.39
C ASN B 239 4.54 3.89 11.45
N VAL B 240 5.13 3.83 12.65
CA VAL B 240 4.58 3.10 13.81
C VAL B 240 4.84 1.60 13.69
N SER B 241 5.44 1.06 14.74
CA SER B 241 5.80 -0.35 14.80
C SER B 241 5.25 -0.95 16.08
N VAL B 242 5.38 -2.27 16.23
CA VAL B 242 4.88 -2.96 17.41
C VAL B 242 5.79 -4.13 17.79
N VAL B 243 5.97 -4.32 19.10
CA VAL B 243 6.79 -5.40 19.64
C VAL B 243 5.90 -6.51 20.17
N ASP B 244 6.35 -7.74 19.94
CA ASP B 244 5.68 -8.95 20.39
C ASP B 244 6.64 -9.77 21.26
N LEU B 245 6.59 -9.57 22.57
CA LEU B 245 7.51 -10.24 23.48
C LEU B 245 6.89 -11.49 24.09
N THR B 246 7.44 -12.64 23.72
CA THR B 246 7.04 -13.92 24.28
C THR B 246 8.12 -14.36 25.26
N CYS B 247 7.77 -14.45 26.54
CA CYS B 247 8.76 -14.69 27.57
C CYS B 247 8.28 -15.60 28.69
N ARG B 248 9.22 -16.31 29.30
CA ARG B 248 8.93 -17.15 30.44
C ARG B 248 9.31 -16.43 31.74
N LEU B 249 8.35 -16.35 32.66
CA LEU B 249 8.55 -15.66 33.94
C LEU B 249 8.98 -16.63 35.01
N GLU B 250 9.94 -16.25 35.85
CA GLU B 250 10.39 -17.18 36.88
C GLU B 250 9.44 -17.19 38.07
N LYS B 251 8.82 -16.06 38.37
CA LYS B 251 7.77 -15.98 39.39
C LYS B 251 6.40 -15.95 38.72
N PRO B 252 5.39 -16.61 39.31
CA PRO B 252 4.07 -16.65 38.68
C PRO B 252 3.42 -15.27 38.60
N ALA B 253 2.63 -15.03 37.56
CA ALA B 253 1.92 -13.77 37.42
C ALA B 253 0.65 -13.93 36.61
N LYS B 254 -0.49 -13.59 37.22
CA LYS B 254 -1.73 -13.50 36.48
C LYS B 254 -1.62 -12.34 35.51
N TYR B 255 -2.40 -12.37 34.43
CA TYR B 255 -2.31 -11.32 33.43
C TYR B 255 -2.72 -9.97 34.03
N ASP B 256 -3.64 -10.00 34.98
CA ASP B 256 -4.07 -8.78 35.65
C ASP B 256 -2.96 -8.22 36.53
N ASP B 257 -2.12 -9.10 37.07
CA ASP B 257 -0.97 -8.65 37.84
C ASP B 257 0.00 -7.91 36.94
N ILE B 258 0.21 -8.44 35.74
CA ILE B 258 1.10 -7.80 34.77
C ILE B 258 0.55 -6.42 34.39
N LYS B 259 -0.75 -6.37 34.09
CA LYS B 259 -1.40 -5.13 33.73
C LYS B 259 -1.20 -4.09 34.82
N LYS B 260 -1.41 -4.51 36.07
CA LYS B 260 -1.32 -3.63 37.21
C LYS B 260 0.05 -2.98 37.32
N VAL B 261 1.11 -3.80 37.28
CA VAL B 261 2.45 -3.26 37.49
C VAL B 261 2.90 -2.40 36.32
N VAL B 262 2.48 -2.75 35.10
CA VAL B 262 2.82 -1.94 33.94
C VAL B 262 2.12 -0.59 34.04
N LYS B 263 0.81 -0.61 34.30
CA LYS B 263 0.05 0.63 34.41
C LYS B 263 0.61 1.52 35.51
N GLN B 264 0.97 0.90 36.64
CA GLN B 264 1.56 1.62 37.75
C GLN B 264 2.87 2.30 37.31
N ALA B 265 3.67 1.59 36.53
CA ALA B 265 4.92 2.16 36.03
C ALA B 265 4.65 3.33 35.10
N SER B 266 3.64 3.21 34.26
CA SER B 266 3.35 4.23 33.26
C SER B 266 2.86 5.52 33.92
N GLU B 267 2.28 5.39 35.11
CA GLU B 267 1.75 6.55 35.83
C GLU B 267 2.77 7.17 36.77
N GLY B 268 3.91 6.50 36.95
CA GLY B 268 4.90 6.93 37.92
C GLY B 268 6.29 7.11 37.33
N PRO B 269 7.25 6.26 37.75
CA PRO B 269 8.65 6.46 37.37
C PRO B 269 8.91 6.45 35.87
N LEU B 270 8.06 5.76 35.10
CA LEU B 270 8.25 5.66 33.66
C LEU B 270 7.25 6.50 32.88
N LYS B 271 6.68 7.50 33.55
CA LYS B 271 5.72 8.39 32.90
C LYS B 271 6.36 9.07 31.69
N GLY B 272 5.66 9.03 30.56
CA GLY B 272 6.14 9.65 29.34
C GLY B 272 7.01 8.71 28.51
N ILE B 273 7.51 7.66 29.15
CA ILE B 273 8.37 6.69 28.49
C ILE B 273 7.57 5.42 28.18
N LEU B 274 7.04 4.79 29.21
CA LEU B 274 6.18 3.62 29.06
C LEU B 274 4.73 4.01 29.21
N GLY B 275 3.92 3.69 28.20
CA GLY B 275 2.51 3.99 28.20
C GLY B 275 1.68 2.74 28.43
N TYR B 276 0.42 2.92 28.77
CA TYR B 276 -0.51 1.83 29.05
C TYR B 276 -1.91 2.15 28.52
N THR B 277 -2.52 1.22 27.80
CA THR B 277 -3.87 1.42 27.31
C THR B 277 -4.68 0.11 27.31
N GLU B 278 -6.00 0.24 27.42
CA GLU B 278 -6.92 -0.88 27.28
C GLU B 278 -7.84 -0.64 26.10
N HIS B 279 -7.65 0.49 25.42
CA HIS B 279 -8.48 0.84 24.28
C HIS B 279 -8.19 -0.07 23.10
N GLN B 280 -9.12 -0.11 22.15
CA GLN B 280 -9.00 -0.97 20.97
C GLN B 280 -8.17 -0.28 19.89
N VAL B 281 -6.87 -0.20 20.13
CA VAL B 281 -5.99 0.62 19.31
C VAL B 281 -5.47 -0.11 18.06
N VAL B 282 -5.17 0.67 17.03
CA VAL B 282 -4.43 0.20 15.86
C VAL B 282 -3.23 1.10 15.69
N SER B 283 -2.38 0.80 14.72
CA SER B 283 -1.08 1.47 14.64
C SER B 283 -1.19 2.99 14.44
N SER B 284 -2.12 3.43 13.60
CA SER B 284 -2.24 4.86 13.32
C SER B 284 -2.57 5.67 14.57
N ASP B 285 -3.16 5.03 15.57
CA ASP B 285 -3.50 5.74 16.81
C ASP B 285 -2.26 6.20 17.57
N PHE B 286 -1.09 5.70 17.18
CA PHE B 286 0.16 6.04 17.85
C PHE B 286 1.06 6.95 17.01
N ASN B 287 0.54 7.42 15.88
CA ASN B 287 1.33 8.32 15.05
C ASN B 287 1.58 9.64 15.79
N SER B 288 2.85 10.03 15.87
CA SER B 288 3.29 11.22 16.61
C SER B 288 3.14 11.08 18.12
N ASP B 289 2.96 9.86 18.60
CA ASP B 289 2.94 9.61 20.03
C ASP B 289 4.37 9.60 20.55
N THR B 290 4.64 10.32 21.63
CA THR B 290 6.00 10.53 22.11
C THR B 290 6.48 9.47 23.10
N HIS B 291 5.65 8.48 23.41
CA HIS B 291 6.09 7.41 24.29
C HIS B 291 7.15 6.54 23.60
N SER B 292 7.99 5.89 24.39
CA SER B 292 8.94 4.91 23.86
C SER B 292 8.25 3.59 23.61
N SER B 293 7.25 3.30 24.44
CA SER B 293 6.63 2.00 24.49
C SER B 293 5.22 2.16 25.07
N THR B 294 4.22 1.57 24.43
CA THR B 294 2.87 1.59 24.99
C THR B 294 2.27 0.19 25.00
N PHE B 295 2.13 -0.34 26.21
CA PHE B 295 1.58 -1.66 26.46
C PHE B 295 0.13 -1.75 25.97
N ASP B 296 -0.14 -2.76 25.15
CA ASP B 296 -1.49 -3.02 24.65
C ASP B 296 -2.10 -4.15 25.46
N ALA B 297 -2.92 -3.81 26.44
CA ALA B 297 -3.44 -4.80 27.38
C ALA B 297 -4.35 -5.80 26.69
N GLY B 298 -5.27 -5.31 25.87
CA GLY B 298 -6.26 -6.15 25.22
C GLY B 298 -5.64 -7.13 24.23
N ALA B 299 -4.46 -6.81 23.71
CA ALA B 299 -3.86 -7.59 22.63
C ALA B 299 -3.03 -8.75 23.16
N GLY B 300 -2.53 -8.63 24.38
CA GLY B 300 -1.67 -9.66 24.95
C GLY B 300 -2.45 -10.91 25.26
N ILE B 301 -1.72 -12.01 25.45
CA ILE B 301 -2.32 -13.28 25.82
C ILE B 301 -1.44 -14.05 26.78
N ALA B 302 -2.08 -14.73 27.72
CA ALA B 302 -1.40 -15.57 28.71
C ALA B 302 -1.81 -17.02 28.55
N LEU B 303 -0.83 -17.89 28.39
CA LEU B 303 -1.08 -19.33 28.33
C LEU B 303 -1.14 -19.90 29.73
N ASN B 304 -0.20 -19.47 30.57
CA ASN B 304 -0.22 -19.81 31.99
C ASN B 304 0.47 -18.71 32.79
N ASP B 305 0.60 -18.89 34.10
CA ASP B 305 1.17 -17.86 34.95
C ASP B 305 2.65 -17.61 34.69
N HIS B 306 3.28 -18.49 33.92
CA HIS B 306 4.72 -18.43 33.67
C HIS B 306 5.08 -18.16 32.21
N PHE B 307 4.09 -18.10 31.33
CA PHE B 307 4.34 -18.04 29.89
C PHE B 307 3.35 -17.11 29.19
N VAL B 308 3.83 -15.97 28.74
CA VAL B 308 2.97 -14.90 28.24
C VAL B 308 3.48 -14.25 26.95
N LYS B 309 2.56 -13.62 26.24
CA LYS B 309 2.89 -12.83 25.06
C LYS B 309 2.43 -11.39 25.31
N LEU B 310 3.39 -10.47 25.35
CA LEU B 310 3.12 -9.07 25.67
C LEU B 310 3.32 -8.17 24.44
N ILE B 311 2.38 -7.27 24.22
CA ILE B 311 2.36 -6.43 23.02
C ILE B 311 2.57 -4.98 23.39
N SER B 312 3.46 -4.31 22.65
CA SER B 312 3.72 -2.90 22.89
C SER B 312 3.97 -2.10 21.61
N TRP B 313 3.29 -0.97 21.51
CA TRP B 313 3.37 -0.10 20.34
C TRP B 313 4.43 0.99 20.48
N TYR B 314 5.00 1.40 19.35
CA TYR B 314 5.88 2.55 19.33
C TYR B 314 5.92 3.25 17.98
N ASP B 315 5.79 4.57 18.05
CA ASP B 315 6.14 5.42 16.93
C ASP B 315 7.66 5.43 16.82
N ASN B 316 8.17 4.60 15.92
CA ASN B 316 9.62 4.42 15.77
C ASN B 316 10.35 5.72 15.42
N GLU B 317 9.65 6.66 14.79
CA GLU B 317 10.24 7.94 14.41
C GLU B 317 10.17 8.96 15.55
N PHE B 318 8.95 9.19 16.03
CA PHE B 318 8.68 10.30 16.93
C PHE B 318 9.06 9.99 18.38
N GLY B 319 8.86 8.75 18.81
CA GLY B 319 9.22 8.36 20.16
C GLY B 319 10.71 8.45 20.37
N TYR B 320 11.45 7.83 19.46
CA TYR B 320 12.90 7.77 19.56
C TYR B 320 13.51 9.17 19.49
N SER B 321 13.01 9.99 18.57
CA SER B 321 13.53 11.33 18.42
C SER B 321 13.41 12.13 19.72
N ASN B 322 12.27 12.00 20.38
CA ASN B 322 12.08 12.67 21.66
C ASN B 322 13.02 12.14 22.73
N ARG B 323 13.31 10.83 22.69
CA ARG B 323 14.23 10.25 23.65
C ARG B 323 15.65 10.78 23.44
N VAL B 324 16.02 11.04 22.19
CA VAL B 324 17.35 11.61 21.91
C VAL B 324 17.47 12.97 22.61
N VAL B 325 16.39 13.75 22.56
CA VAL B 325 16.39 15.07 23.20
C VAL B 325 16.44 14.92 24.72
N ASP B 326 15.62 14.01 25.25
CA ASP B 326 15.58 13.75 26.68
C ASP B 326 16.95 13.32 27.18
N LEU B 327 17.61 12.47 26.41
CA LEU B 327 18.93 11.98 26.79
C LEU B 327 19.91 13.14 26.89
N MET B 328 19.92 13.99 25.87
CA MET B 328 20.84 15.11 25.84
C MET B 328 20.53 16.10 26.96
N ALA B 329 19.25 16.26 27.28
CA ALA B 329 18.86 17.15 28.36
C ALA B 329 19.37 16.60 29.69
N HIS B 330 19.32 15.29 29.84
CA HIS B 330 19.81 14.68 31.06
C HIS B 330 21.32 14.80 31.18
N MET B 331 22.02 14.55 30.08
CA MET B 331 23.48 14.68 30.06
C MET B 331 23.89 16.10 30.45
N ALA B 332 23.18 17.07 29.89
CA ALA B 332 23.52 18.48 30.12
C ALA B 332 23.38 18.83 31.58
N SER B 333 22.42 18.20 32.26
CA SER B 333 22.15 18.49 33.66
C SER B 333 23.27 18.00 34.57
N LYS B 334 24.09 17.07 34.07
CA LYS B 334 25.19 16.50 34.85
C LYS B 334 26.47 17.30 34.70
N GLU B 335 26.55 18.15 33.69
CA GLU B 335 27.77 18.92 33.41
C GLU B 335 28.13 19.79 34.60
N LYS C 3 19.10 -15.12 -32.49
CA LYS C 3 20.27 -15.36 -33.33
C LYS C 3 21.41 -14.38 -33.00
N VAL C 4 21.11 -13.09 -32.89
CA VAL C 4 22.13 -12.12 -32.50
C VAL C 4 22.49 -12.27 -31.01
N LYS C 5 23.78 -12.23 -30.73
CA LYS C 5 24.27 -12.36 -29.35
C LYS C 5 24.28 -11.01 -28.67
N VAL C 6 23.76 -10.97 -27.45
CA VAL C 6 23.51 -9.72 -26.76
C VAL C 6 24.21 -9.68 -25.40
N GLY C 7 24.68 -8.48 -25.05
CA GLY C 7 25.24 -8.23 -23.73
C GLY C 7 24.37 -7.23 -23.01
N VAL C 8 24.25 -7.38 -21.69
CA VAL C 8 23.43 -6.49 -20.89
C VAL C 8 24.27 -5.76 -19.85
N ASN C 9 24.28 -4.43 -19.91
CA ASN C 9 24.94 -3.62 -18.90
C ASN C 9 23.95 -3.08 -17.88
N GLY C 10 24.09 -3.52 -16.64
CA GLY C 10 23.17 -3.17 -15.58
C GLY C 10 22.06 -4.20 -15.43
N PHE C 11 22.10 -4.94 -14.34
CA PHE C 11 21.16 -6.04 -14.11
C PHE C 11 20.03 -5.62 -13.17
N GLY C 12 19.35 -4.53 -13.53
CA GLY C 12 18.25 -3.99 -12.74
C GLY C 12 16.92 -4.49 -13.26
N ARG C 13 15.84 -3.80 -12.93
CA ARG C 13 14.50 -4.21 -13.34
C ARG C 13 14.43 -4.47 -14.84
N ILE C 14 14.92 -3.51 -15.62
CA ILE C 14 14.88 -3.62 -17.08
C ILE C 14 15.91 -4.63 -17.55
N GLY C 15 17.14 -4.49 -17.09
CA GLY C 15 18.19 -5.44 -17.43
C GLY C 15 17.76 -6.88 -17.22
N ARG C 16 17.20 -7.15 -16.04
CA ARG C 16 16.77 -8.50 -15.69
C ARG C 16 15.54 -8.94 -16.50
N LEU C 17 14.61 -8.02 -16.73
CA LEU C 17 13.39 -8.38 -17.45
C LEU C 17 13.61 -8.44 -18.97
N VAL C 18 14.62 -7.73 -19.46
CA VAL C 18 15.04 -7.90 -20.85
C VAL C 18 15.64 -9.29 -20.99
N THR C 19 16.39 -9.71 -19.99
CA THR C 19 16.98 -11.05 -19.98
C THR C 19 15.87 -12.11 -19.97
N ARG C 20 14.83 -11.88 -19.16
CA ARG C 20 13.69 -12.78 -19.11
C ARG C 20 13.00 -12.86 -20.46
N ALA C 21 12.73 -11.69 -21.03
CA ALA C 21 12.06 -11.59 -22.31
C ALA C 21 12.85 -12.34 -23.39
N ALA C 22 14.17 -12.15 -23.38
CA ALA C 22 15.03 -12.78 -24.38
C ALA C 22 14.90 -14.29 -24.35
N PHE C 23 15.05 -14.86 -23.15
CA PHE C 23 15.01 -16.32 -23.01
C PHE C 23 13.60 -16.87 -23.19
N ASN C 24 12.60 -16.11 -22.75
CA ASN C 24 11.21 -16.54 -22.93
C ASN C 24 10.81 -16.55 -24.42
N SER C 25 11.18 -15.50 -25.15
CA SER C 25 10.80 -15.38 -26.55
C SER C 25 11.79 -16.09 -27.46
N GLY C 26 13.05 -16.10 -27.04
CA GLY C 26 14.11 -16.72 -27.83
C GLY C 26 14.50 -15.91 -29.05
N LYS C 27 14.13 -14.63 -29.08
CA LYS C 27 14.38 -13.80 -30.26
C LYS C 27 15.84 -13.33 -30.35
N VAL C 28 16.53 -13.29 -29.20
CA VAL C 28 17.95 -13.00 -29.15
C VAL C 28 18.61 -13.88 -28.08
N ASP C 29 19.94 -13.94 -28.10
CA ASP C 29 20.70 -14.74 -27.14
C ASP C 29 21.56 -13.88 -26.22
N ILE C 30 21.22 -13.83 -24.94
CA ILE C 30 22.05 -13.17 -23.95
C ILE C 30 23.31 -14.00 -23.74
N VAL C 31 24.48 -13.38 -23.90
CA VAL C 31 25.75 -14.10 -23.73
C VAL C 31 26.67 -13.43 -22.71
N ALA C 32 26.30 -12.24 -22.27
CA ALA C 32 27.13 -11.50 -21.31
C ALA C 32 26.31 -10.52 -20.48
N ILE C 33 26.70 -10.36 -19.22
CA ILE C 33 26.06 -9.41 -18.33
C ILE C 33 27.11 -8.73 -17.47
N ASN C 34 26.93 -7.43 -17.25
CA ASN C 34 27.84 -6.65 -16.42
C ASN C 34 27.07 -5.86 -15.36
N ASP C 35 27.55 -5.94 -14.12
CA ASP C 35 26.96 -5.17 -13.01
C ASP C 35 27.88 -5.26 -11.79
N PRO C 36 28.56 -4.13 -11.45
CA PRO C 36 29.49 -4.11 -10.32
C PRO C 36 28.86 -4.33 -8.94
N PHE C 37 27.56 -4.11 -8.83
CA PHE C 37 26.89 -4.15 -7.53
C PHE C 37 26.08 -5.43 -7.31
N ILE C 38 26.27 -6.41 -8.19
CA ILE C 38 25.58 -7.69 -8.07
C ILE C 38 26.49 -8.83 -8.50
N ASP C 39 27.04 -9.57 -7.53
CA ASP C 39 27.95 -10.66 -7.87
C ASP C 39 27.16 -11.84 -8.43
N LEU C 40 27.89 -12.87 -8.84
CA LEU C 40 27.30 -14.02 -9.54
C LEU C 40 26.18 -14.70 -8.75
N ASN C 41 26.45 -15.01 -7.49
CA ASN C 41 25.45 -15.68 -6.66
C ASN C 41 24.20 -14.83 -6.45
N TYR C 42 24.42 -13.52 -6.30
CA TYR C 42 23.32 -12.59 -6.09
C TYR C 42 22.47 -12.48 -7.36
N MET C 43 23.13 -12.50 -8.51
CA MET C 43 22.43 -12.46 -9.80
C MET C 43 21.44 -13.61 -9.91
N VAL C 44 21.86 -14.80 -9.51
CA VAL C 44 20.99 -15.98 -9.54
C VAL C 44 19.71 -15.71 -8.77
N TYR C 45 19.86 -15.13 -7.58
CA TYR C 45 18.74 -14.88 -6.69
C TYR C 45 17.82 -13.78 -7.24
N MET C 46 18.41 -12.69 -7.69
CA MET C 46 17.63 -11.55 -8.19
C MET C 46 16.87 -11.89 -9.47
N PHE C 47 17.47 -12.75 -10.29
CA PHE C 47 16.86 -13.13 -11.55
C PHE C 47 15.80 -14.20 -11.35
N GLN C 48 16.05 -15.12 -10.43
CA GLN C 48 15.11 -16.22 -10.19
C GLN C 48 13.84 -15.71 -9.54
N TYR C 49 13.99 -14.96 -8.44
CA TYR C 49 12.84 -14.50 -7.66
C TYR C 49 12.51 -13.06 -7.97
N ASP C 50 11.22 -12.78 -8.18
CA ASP C 50 10.77 -11.46 -8.57
C ASP C 50 9.41 -11.14 -7.94
N SER C 51 9.38 -10.11 -7.11
CA SER C 51 8.17 -9.78 -6.37
C SER C 51 6.99 -9.50 -7.30
N THR C 52 7.28 -8.96 -8.47
CA THR C 52 6.23 -8.46 -9.36
C THR C 52 5.78 -9.48 -10.39
N HIS C 53 6.72 -10.21 -10.97
CA HIS C 53 6.41 -11.10 -12.08
C HIS C 53 6.61 -12.57 -11.72
N GLY C 54 6.90 -12.83 -10.44
CA GLY C 54 6.96 -14.18 -9.93
C GLY C 54 8.25 -14.88 -10.27
N LYS C 55 8.38 -16.11 -9.80
CA LYS C 55 9.58 -16.91 -10.01
C LYS C 55 9.77 -17.20 -11.49
N PHE C 56 11.00 -17.07 -11.96
CA PHE C 56 11.34 -17.32 -13.36
C PHE C 56 10.99 -18.75 -13.79
N HIS C 57 10.27 -18.86 -14.89
CA HIS C 57 9.89 -20.16 -15.43
C HIS C 57 11.03 -20.76 -16.22
N GLY C 58 11.85 -21.56 -15.55
CA GLY C 58 13.03 -22.14 -16.16
C GLY C 58 14.08 -22.39 -15.11
N THR C 59 15.31 -22.66 -15.56
CA THR C 59 16.41 -22.92 -14.63
C THR C 59 17.37 -21.76 -14.58
N VAL C 60 17.95 -21.54 -13.40
CA VAL C 60 19.01 -20.55 -13.25
C VAL C 60 19.95 -21.03 -12.17
N LYS C 61 21.25 -20.89 -12.42
CA LYS C 61 22.27 -21.32 -11.47
C LYS C 61 23.62 -20.70 -11.80
N ALA C 62 24.54 -20.80 -10.85
CA ALA C 62 25.92 -20.41 -11.06
C ALA C 62 26.78 -21.66 -11.26
N GLU C 63 27.56 -21.69 -12.34
CA GLU C 63 28.48 -22.81 -12.60
C GLU C 63 29.70 -22.32 -13.35
N ASN C 64 30.88 -22.58 -12.78
CA ASN C 64 32.15 -22.21 -13.38
C ASN C 64 32.25 -20.71 -13.68
N GLY C 65 31.81 -19.89 -12.74
CA GLY C 65 31.90 -18.45 -12.86
C GLY C 65 30.91 -17.85 -13.84
N LYS C 66 30.02 -18.69 -14.37
CA LYS C 66 29.03 -18.26 -15.36
C LYS C 66 27.62 -18.29 -14.80
N LEU C 67 26.77 -17.38 -15.30
CA LEU C 67 25.34 -17.45 -15.02
C LEU C 67 24.71 -18.32 -16.10
N VAL C 68 24.01 -19.36 -15.68
CA VAL C 68 23.43 -20.32 -16.62
C VAL C 68 21.91 -20.25 -16.54
N ILE C 69 21.28 -19.77 -17.61
CA ILE C 69 19.84 -19.68 -17.69
C ILE C 69 19.32 -20.65 -18.76
N ASN C 70 18.47 -21.58 -18.35
CA ASN C 70 17.96 -22.61 -19.24
C ASN C 70 19.08 -23.35 -19.97
N GLY C 71 20.19 -23.60 -19.26
CA GLY C 71 21.30 -24.36 -19.79
C GLY C 71 22.25 -23.55 -20.65
N ASN C 72 21.99 -22.25 -20.78
CA ASN C 72 22.81 -21.36 -21.60
C ASN C 72 23.78 -20.55 -20.74
N PRO C 73 25.10 -20.78 -20.90
CA PRO C 73 26.07 -20.03 -20.08
C PRO C 73 26.23 -18.57 -20.49
N ILE C 74 26.40 -17.71 -19.49
CA ILE C 74 26.50 -16.27 -19.70
C ILE C 74 27.71 -15.72 -18.96
N THR C 75 28.55 -14.98 -19.67
CA THR C 75 29.75 -14.40 -19.09
C THR C 75 29.40 -13.22 -18.20
N ILE C 76 29.97 -13.19 -17.00
CA ILE C 76 29.69 -12.13 -16.04
C ILE C 76 30.87 -11.18 -15.87
N PHE C 77 30.60 -9.89 -16.01
CA PHE C 77 31.59 -8.86 -15.78
C PHE C 77 31.21 -8.03 -14.58
N GLN C 78 32.22 -7.45 -13.92
CA GLN C 78 32.02 -6.57 -12.78
C GLN C 78 32.80 -5.28 -13.00
N GLU C 79 32.49 -4.57 -14.09
CA GLU C 79 33.20 -3.33 -14.45
C GLU C 79 32.34 -2.11 -14.19
N ARG C 80 32.89 -1.13 -13.50
CA ARG C 80 32.19 0.13 -13.26
C ARG C 80 32.30 1.01 -14.51
N ASP C 81 33.44 0.90 -15.20
CA ASP C 81 33.72 1.70 -16.38
C ASP C 81 33.35 0.93 -17.66
N PRO C 82 32.31 1.39 -18.38
CA PRO C 82 31.81 0.61 -19.53
C PRO C 82 32.84 0.37 -20.63
N SER C 83 33.84 1.24 -20.74
CA SER C 83 34.84 1.10 -21.79
C SER C 83 35.78 -0.08 -21.55
N LYS C 84 35.72 -0.64 -20.33
CA LYS C 84 36.62 -1.71 -19.93
C LYS C 84 35.99 -3.09 -20.08
N ILE C 85 34.74 -3.14 -20.52
CA ILE C 85 34.03 -4.41 -20.64
C ILE C 85 34.39 -5.11 -21.94
N LYS C 86 34.94 -6.32 -21.83
CA LYS C 86 35.33 -7.11 -23.00
C LYS C 86 34.12 -7.80 -23.65
N TRP C 87 33.18 -6.99 -24.15
CA TRP C 87 32.01 -7.55 -24.83
C TRP C 87 32.43 -8.45 -25.97
N GLY C 88 33.43 -7.99 -26.74
CA GLY C 88 33.89 -8.73 -27.91
C GLY C 88 34.28 -10.17 -27.58
N ASP C 89 35.16 -10.32 -26.59
CA ASP C 89 35.65 -11.64 -26.21
C ASP C 89 34.52 -12.57 -25.77
N ALA C 90 33.50 -11.98 -25.14
CA ALA C 90 32.36 -12.75 -24.66
C ALA C 90 31.42 -13.10 -25.81
N GLY C 91 31.62 -12.45 -26.96
CA GLY C 91 30.82 -12.72 -28.15
C GLY C 91 29.57 -11.87 -28.26
N ALA C 92 29.48 -10.81 -27.46
CA ALA C 92 28.32 -9.94 -27.48
C ALA C 92 28.44 -8.89 -28.60
N GLU C 93 27.50 -8.92 -29.55
CA GLU C 93 27.47 -7.97 -30.66
C GLU C 93 26.69 -6.70 -30.31
N TYR C 94 25.48 -6.89 -29.79
CA TYR C 94 24.66 -5.79 -29.33
C TYR C 94 24.76 -5.69 -27.81
N VAL C 95 24.74 -4.47 -27.29
CA VAL C 95 24.77 -4.24 -25.84
C VAL C 95 23.58 -3.38 -25.43
N VAL C 96 22.78 -3.93 -24.52
CA VAL C 96 21.69 -3.18 -23.91
C VAL C 96 22.25 -2.36 -22.77
N GLU C 97 22.22 -1.05 -22.93
CA GLU C 97 22.66 -0.14 -21.88
C GLU C 97 21.47 0.20 -21.00
N SER C 98 21.40 -0.43 -19.82
CA SER C 98 20.23 -0.30 -18.96
C SER C 98 20.60 0.05 -17.52
N THR C 99 21.67 0.81 -17.34
CA THR C 99 22.09 1.23 -16.00
C THR C 99 21.36 2.51 -15.61
N GLY C 100 21.03 3.32 -16.61
CA GLY C 100 20.37 4.59 -16.37
C GLY C 100 21.32 5.74 -16.14
N VAL C 101 22.62 5.49 -16.28
CA VAL C 101 23.64 6.53 -16.08
C VAL C 101 24.59 6.65 -17.26
N PHE C 102 24.25 6.03 -18.39
CA PHE C 102 25.02 6.16 -19.62
C PHE C 102 24.08 6.35 -20.80
N THR C 103 23.21 7.35 -20.71
CA THR C 103 22.14 7.51 -21.70
C THR C 103 22.50 8.43 -22.87
N THR C 104 23.70 9.00 -22.83
CA THR C 104 24.19 9.84 -23.93
C THR C 104 25.01 9.01 -24.91
N MET C 105 25.15 9.49 -26.13
CA MET C 105 25.92 8.76 -27.13
C MET C 105 27.39 8.67 -26.73
N GLU C 106 27.93 9.74 -26.16
CA GLU C 106 29.33 9.75 -25.72
C GLU C 106 29.57 8.69 -24.65
N LYS C 107 28.62 8.55 -23.73
CA LYS C 107 28.75 7.62 -22.61
C LYS C 107 28.44 6.18 -23.03
N ALA C 108 27.33 6.00 -23.73
CA ALA C 108 26.94 4.68 -24.21
C ALA C 108 27.94 4.15 -25.22
N GLY C 109 28.56 5.06 -25.98
CA GLY C 109 29.53 4.68 -26.98
C GLY C 109 30.75 3.96 -26.42
N ALA C 110 30.91 3.99 -25.09
CA ALA C 110 32.03 3.32 -24.45
C ALA C 110 32.00 1.80 -24.69
N HIS C 111 30.82 1.25 -24.92
CA HIS C 111 30.69 -0.19 -25.13
C HIS C 111 31.36 -0.65 -26.41
N LEU C 112 31.53 0.28 -27.35
CA LEU C 112 32.12 -0.05 -28.65
C LEU C 112 33.62 -0.31 -28.50
N GLN C 113 34.24 0.35 -27.53
CA GLN C 113 35.68 0.20 -27.32
C GLN C 113 36.01 -1.19 -26.83
N GLY C 114 34.99 -1.87 -26.29
CA GLY C 114 35.14 -3.22 -25.78
C GLY C 114 34.79 -4.28 -26.83
N GLY C 115 34.47 -3.83 -28.03
CA GLY C 115 34.23 -4.75 -29.14
C GLY C 115 32.78 -4.94 -29.52
N ALA C 116 31.86 -4.32 -28.78
CA ALA C 116 30.45 -4.38 -29.15
C ALA C 116 30.25 -3.62 -30.47
N LYS C 117 29.26 -4.04 -31.25
CA LYS C 117 29.04 -3.46 -32.57
C LYS C 117 27.96 -2.37 -32.52
N ARG C 118 26.95 -2.59 -31.68
CA ARG C 118 25.86 -1.63 -31.55
C ARG C 118 25.39 -1.54 -30.11
N VAL C 119 24.79 -0.40 -29.77
CA VAL C 119 24.31 -0.14 -28.42
C VAL C 119 22.87 0.34 -28.44
N ILE C 120 22.04 -0.29 -27.61
CA ILE C 120 20.65 0.10 -27.45
C ILE C 120 20.44 0.62 -26.04
N ILE C 121 20.13 1.90 -25.94
CA ILE C 121 19.90 2.54 -24.65
C ILE C 121 18.46 2.34 -24.24
N SER C 122 18.25 1.67 -23.11
CA SER C 122 16.90 1.34 -22.64
C SER C 122 16.29 2.51 -21.85
N ALA C 123 16.35 3.70 -22.44
CA ALA C 123 15.82 4.90 -21.82
C ALA C 123 15.92 6.04 -22.83
N PRO C 124 15.21 7.15 -22.56
CA PRO C 124 15.37 8.31 -23.42
C PRO C 124 16.81 8.79 -23.44
N SER C 125 17.24 9.33 -24.59
CA SER C 125 18.58 9.88 -24.72
C SER C 125 18.50 11.33 -25.16
N ALA C 126 19.41 12.14 -24.64
CA ALA C 126 19.49 13.53 -25.04
C ALA C 126 19.84 13.64 -26.52
N ASP C 127 20.63 12.70 -27.03
CA ASP C 127 21.15 12.83 -28.40
C ASP C 127 21.02 11.59 -29.28
N ALA C 128 20.98 10.40 -28.69
CA ALA C 128 20.86 9.19 -29.51
C ALA C 128 19.48 9.11 -30.18
N PRO C 129 19.42 8.65 -31.44
CA PRO C 129 18.11 8.52 -32.11
C PRO C 129 17.18 7.56 -31.37
N MET C 130 15.96 7.98 -31.11
CA MET C 130 15.00 7.14 -30.39
C MET C 130 14.05 6.42 -31.34
N PHE C 131 13.76 5.16 -31.02
CA PHE C 131 12.88 4.34 -31.86
C PHE C 131 11.79 3.70 -31.01
N VAL C 132 10.60 3.60 -31.59
CA VAL C 132 9.47 2.91 -30.96
C VAL C 132 8.91 1.89 -31.93
N MET C 133 8.95 0.62 -31.53
CA MET C 133 8.45 -0.46 -32.36
C MET C 133 6.99 -0.25 -32.74
N GLY C 134 6.70 -0.36 -34.02
CA GLY C 134 5.36 -0.16 -34.55
C GLY C 134 5.13 1.23 -35.08
N VAL C 135 6.03 2.16 -34.76
CA VAL C 135 5.83 3.57 -35.10
C VAL C 135 6.89 4.05 -36.07
N ASN C 136 8.16 3.90 -35.70
CA ASN C 136 9.25 4.39 -36.55
C ASN C 136 10.48 3.47 -36.58
N HIS C 137 10.30 2.20 -36.23
CA HIS C 137 11.43 1.29 -36.20
C HIS C 137 11.99 1.07 -37.61
N GLU C 138 11.14 1.25 -38.62
CA GLU C 138 11.57 1.09 -40.00
C GLU C 138 12.51 2.22 -40.42
N LYS C 139 12.60 3.28 -39.62
CA LYS C 139 13.52 4.38 -39.88
C LYS C 139 14.92 4.08 -39.33
N TYR C 140 15.06 2.96 -38.63
CA TYR C 140 16.38 2.48 -38.24
C TYR C 140 17.13 2.05 -39.50
N ASP C 141 18.42 2.32 -39.56
CA ASP C 141 19.26 1.79 -40.64
C ASP C 141 20.63 1.42 -40.10
N ASN C 142 21.39 0.69 -40.91
CA ASN C 142 22.62 0.06 -40.43
C ASN C 142 23.74 1.03 -40.05
N SER C 143 23.61 2.30 -40.43
CA SER C 143 24.62 3.28 -40.07
C SER C 143 24.58 3.62 -38.58
N LEU C 144 23.48 3.30 -37.91
CA LEU C 144 23.25 3.74 -36.54
C LEU C 144 23.77 2.72 -35.52
N LYS C 145 24.85 3.08 -34.84
CA LYS C 145 25.52 2.19 -33.90
C LYS C 145 25.03 2.36 -32.46
N ILE C 146 24.54 3.56 -32.15
CA ILE C 146 24.03 3.86 -30.81
C ILE C 146 22.62 4.42 -30.93
N ILE C 147 21.64 3.69 -30.43
CA ILE C 147 20.25 4.15 -30.49
C ILE C 147 19.57 4.02 -29.13
N SER C 148 18.33 4.51 -29.09
CA SER C 148 17.53 4.51 -27.88
C SER C 148 16.15 3.92 -28.15
N ASN C 149 15.62 3.16 -27.20
CA ASN C 149 14.27 2.61 -27.31
C ASN C 149 13.26 3.50 -26.60
N ALA C 150 13.64 4.75 -26.32
CA ALA C 150 12.77 5.71 -25.65
C ALA C 150 12.34 5.21 -24.27
N SER C 151 11.20 5.68 -23.78
CA SER C 151 10.73 5.31 -22.44
C SER C 151 9.50 4.42 -22.50
N CYS C 152 9.13 3.88 -21.35
CA CYS C 152 7.94 3.03 -21.25
C CYS C 152 6.71 3.83 -21.65
N THR C 153 6.62 5.07 -21.16
CA THR C 153 5.45 5.90 -21.41
C THR C 153 5.36 6.27 -22.90
N THR C 154 6.49 6.61 -23.50
CA THR C 154 6.53 6.94 -24.92
C THR C 154 6.06 5.73 -25.73
N ASN C 155 6.49 4.54 -25.32
CA ASN C 155 6.09 3.33 -26.02
C ASN C 155 4.61 3.00 -25.85
N CYS C 156 3.98 3.55 -24.81
CA CYS C 156 2.55 3.39 -24.66
C CYS C 156 1.77 4.41 -25.48
N LEU C 157 2.26 5.65 -25.48
CA LEU C 157 1.53 6.74 -26.10
C LEU C 157 1.69 6.78 -27.62
N ALA C 158 2.89 6.47 -28.11
CA ALA C 158 3.21 6.64 -29.53
C ALA C 158 2.36 5.75 -30.46
N PRO C 159 2.26 4.45 -30.15
CA PRO C 159 1.46 3.57 -31.02
C PRO C 159 0.01 4.03 -31.10
N LEU C 160 -0.56 4.39 -29.95
CA LEU C 160 -1.92 4.92 -29.91
C LEU C 160 -2.01 6.23 -30.69
N ALA C 161 -1.06 7.11 -30.47
CA ALA C 161 -1.03 8.40 -31.15
C ALA C 161 -0.96 8.20 -32.66
N LYS C 162 -0.20 7.19 -33.08
CA LYS C 162 -0.03 6.92 -34.50
C LYS C 162 -1.37 6.61 -35.17
N VAL C 163 -2.13 5.70 -34.58
CA VAL C 163 -3.40 5.28 -35.14
C VAL C 163 -4.38 6.45 -35.20
N ILE C 164 -4.41 7.26 -34.14
CA ILE C 164 -5.33 8.38 -34.07
C ILE C 164 -4.93 9.47 -35.05
N HIS C 165 -3.65 9.80 -35.08
CA HIS C 165 -3.17 10.84 -36.01
C HIS C 165 -3.36 10.41 -37.46
N ASP C 166 -3.07 9.15 -37.76
CA ASP C 166 -3.19 8.64 -39.12
C ASP C 166 -4.63 8.74 -39.62
N ASN C 167 -5.59 8.46 -38.76
CA ASN C 167 -6.98 8.36 -39.18
C ASN C 167 -7.77 9.67 -39.08
N PHE C 168 -7.47 10.46 -38.06
CA PHE C 168 -8.27 11.65 -37.78
C PHE C 168 -7.43 12.93 -37.67
N GLY C 169 -6.12 12.77 -37.47
CA GLY C 169 -5.24 13.91 -37.31
C GLY C 169 -5.37 14.55 -35.94
N ILE C 170 -4.28 14.56 -35.18
CA ILE C 170 -4.26 15.22 -33.87
C ILE C 170 -3.82 16.67 -34.03
N VAL C 171 -4.75 17.59 -33.81
CA VAL C 171 -4.44 19.02 -33.85
C VAL C 171 -3.52 19.35 -32.67
N GLU C 172 -3.88 18.85 -31.50
CA GLU C 172 -3.11 19.07 -30.29
C GLU C 172 -3.58 18.09 -29.23
N GLY C 173 -2.71 17.81 -28.26
CA GLY C 173 -3.05 16.87 -27.21
C GLY C 173 -2.28 17.10 -25.93
N LEU C 174 -2.92 16.75 -24.82
CA LEU C 174 -2.28 16.79 -23.51
C LEU C 174 -2.46 15.44 -22.83
N MET C 175 -1.37 14.93 -22.25
CA MET C 175 -1.36 13.58 -21.69
C MET C 175 -1.09 13.58 -20.19
N THR C 176 -1.77 12.69 -19.48
CA THR C 176 -1.45 12.39 -18.10
C THR C 176 -1.22 10.89 -17.97
N THR C 177 -0.20 10.51 -17.22
CA THR C 177 0.01 9.11 -16.92
C THR C 177 -0.03 8.88 -15.42
N VAL C 178 -0.91 7.97 -15.00
CA VAL C 178 -0.89 7.49 -13.63
C VAL C 178 0.12 6.35 -13.62
N HIS C 179 1.26 6.59 -12.97
CA HIS C 179 2.42 5.70 -13.09
C HIS C 179 2.71 4.97 -11.79
N ALA C 180 2.96 3.67 -11.90
CA ALA C 180 3.35 2.85 -10.76
C ALA C 180 4.72 3.31 -10.24
N ILE C 181 5.06 2.95 -9.01
CA ILE C 181 6.32 3.40 -8.42
C ILE C 181 7.51 2.76 -9.13
N THR C 182 8.66 3.39 -9.00
CA THR C 182 9.89 2.90 -9.61
C THR C 182 11.03 2.97 -8.62
N ALA C 183 12.18 2.46 -9.04
CA ALA C 183 13.36 2.37 -8.20
C ALA C 183 13.93 3.74 -7.81
N THR C 184 13.64 4.77 -8.59
CA THR C 184 14.20 6.09 -8.30
C THR C 184 13.47 6.77 -7.13
N GLN C 185 12.30 6.22 -6.76
CA GLN C 185 11.52 6.80 -5.66
C GLN C 185 11.98 6.32 -4.28
N LYS C 186 11.46 6.97 -3.25
CA LYS C 186 11.89 6.74 -1.87
C LYS C 186 10.77 6.14 -1.03
N THR C 187 11.14 5.30 -0.07
CA THR C 187 10.19 4.65 0.80
C THR C 187 9.60 5.62 1.82
N VAL C 188 10.42 6.58 2.24
CA VAL C 188 9.99 7.63 3.14
C VAL C 188 10.60 8.95 2.67
N ASP C 189 10.06 10.07 3.15
CA ASP C 189 10.56 11.39 2.78
C ASP C 189 12.08 11.43 2.86
N GLY C 190 12.73 11.56 1.69
CA GLY C 190 14.18 11.58 1.62
C GLY C 190 14.67 12.53 0.53
N PRO C 191 16.00 12.65 0.41
CA PRO C 191 16.63 13.60 -0.52
C PRO C 191 16.45 13.25 -1.99
N SER C 192 15.99 14.23 -2.76
CA SER C 192 15.91 14.14 -4.20
C SER C 192 16.15 15.55 -4.76
N GLY C 193 17.37 16.02 -4.58
CA GLY C 193 17.70 17.43 -4.74
C GLY C 193 17.24 18.11 -6.01
N LYS C 194 17.27 17.38 -7.11
CA LYS C 194 16.94 17.96 -8.41
C LYS C 194 15.43 17.88 -8.69
N LEU C 195 14.74 17.06 -7.92
CA LEU C 195 13.31 16.84 -8.09
C LEU C 195 12.64 16.62 -6.74
N TRP C 196 12.25 17.71 -6.08
CA TRP C 196 11.85 17.66 -4.68
C TRP C 196 10.66 16.73 -4.42
N ARG C 197 9.65 16.78 -5.28
CA ARG C 197 8.46 15.95 -5.05
C ARG C 197 8.79 14.46 -5.10
N ASP C 198 9.74 14.08 -5.95
CA ASP C 198 10.11 12.67 -6.11
C ASP C 198 10.78 12.10 -4.87
N GLY C 199 11.21 12.96 -3.95
CA GLY C 199 11.82 12.53 -2.71
C GLY C 199 10.81 12.13 -1.66
N ARG C 200 9.57 12.58 -1.81
CA ARG C 200 8.54 12.31 -0.81
C ARG C 200 8.16 10.83 -0.81
N GLY C 201 7.73 10.34 0.34
CA GLY C 201 7.38 8.93 0.51
C GLY C 201 6.45 8.39 -0.55
N ALA C 202 6.89 7.32 -1.22
CA ALA C 202 6.15 6.78 -2.36
C ALA C 202 4.88 6.03 -1.97
N LEU C 203 4.87 5.46 -0.77
CA LEU C 203 3.72 4.69 -0.31
C LEU C 203 2.60 5.60 0.15
N GLN C 204 2.95 6.80 0.60
CA GLN C 204 1.98 7.70 1.21
C GLN C 204 1.35 8.68 0.22
N ASN C 205 2.01 8.90 -0.92
CA ASN C 205 1.69 10.06 -1.75
C ASN C 205 1.34 9.82 -3.21
N ILE C 206 0.37 10.58 -3.68
CA ILE C 206 0.21 10.85 -5.09
C ILE C 206 1.21 11.96 -5.39
N ILE C 207 2.16 11.69 -6.29
CA ILE C 207 3.25 12.60 -6.55
C ILE C 207 3.23 13.06 -8.00
N PRO C 208 2.96 14.35 -8.24
CA PRO C 208 3.05 14.82 -9.62
C PRO C 208 4.49 14.89 -10.09
N ALA C 209 4.74 14.52 -11.33
CA ALA C 209 6.09 14.44 -11.84
C ALA C 209 6.12 14.84 -13.32
N SER C 210 7.31 15.22 -13.77
CA SER C 210 7.52 15.65 -15.15
C SER C 210 7.95 14.45 -15.99
N THR C 211 7.52 14.46 -17.25
CA THR C 211 7.88 13.42 -18.18
C THR C 211 7.90 14.00 -19.59
N GLY C 212 8.98 13.75 -20.31
CA GLY C 212 9.10 14.20 -21.68
C GLY C 212 8.53 13.19 -22.65
N ALA C 213 7.71 12.28 -22.13
CA ALA C 213 7.13 11.22 -22.94
C ALA C 213 6.30 11.78 -24.09
N ALA C 214 5.38 12.67 -23.76
CA ALA C 214 4.50 13.27 -24.76
C ALA C 214 5.27 14.06 -25.80
N LYS C 215 6.30 14.76 -25.35
CA LYS C 215 7.16 15.53 -26.23
C LYS C 215 8.01 14.60 -27.11
N ALA C 216 8.44 13.49 -26.53
CA ALA C 216 9.22 12.49 -27.26
C ALA C 216 8.44 11.92 -28.44
N VAL C 217 7.13 11.80 -28.29
CA VAL C 217 6.28 11.30 -29.36
C VAL C 217 6.46 12.14 -30.61
N GLY C 218 6.73 13.43 -30.40
CA GLY C 218 6.93 14.35 -31.50
C GLY C 218 8.18 14.06 -32.31
N LYS C 219 9.10 13.27 -31.73
CA LYS C 219 10.32 12.89 -32.45
C LYS C 219 10.10 11.61 -33.25
N VAL C 220 9.45 10.61 -32.64
CA VAL C 220 9.18 9.37 -33.34
C VAL C 220 8.06 9.57 -34.35
N ILE C 221 7.24 10.60 -34.13
CA ILE C 221 6.23 11.01 -35.10
C ILE C 221 6.41 12.50 -35.40
N PRO C 222 7.29 12.83 -36.35
CA PRO C 222 7.66 14.22 -36.65
C PRO C 222 6.48 15.18 -36.82
N GLU C 223 5.41 14.73 -37.46
CA GLU C 223 4.24 15.56 -37.71
C GLU C 223 3.60 16.07 -36.41
N LEU C 224 3.82 15.35 -35.32
CA LEU C 224 3.25 15.73 -34.03
C LEU C 224 4.24 16.50 -33.16
N ASN C 225 5.35 16.92 -33.75
CA ASN C 225 6.34 17.70 -33.03
C ASN C 225 5.74 19.02 -32.55
N GLY C 226 5.75 19.22 -31.24
CA GLY C 226 5.24 20.45 -30.65
C GLY C 226 3.75 20.44 -30.36
N LYS C 227 3.08 19.35 -30.70
CA LYS C 227 1.63 19.28 -30.58
C LYS C 227 1.18 18.52 -29.33
N LEU C 228 2.14 17.92 -28.62
CA LEU C 228 1.83 17.14 -27.43
C LEU C 228 2.75 17.48 -26.26
N LYS C 229 2.18 17.52 -25.07
CA LYS C 229 2.99 17.48 -23.85
C LYS C 229 2.17 16.85 -22.74
N GLY C 230 2.82 16.53 -21.64
CA GLY C 230 2.14 15.85 -20.56
C GLY C 230 2.87 15.87 -19.24
N MET C 231 2.35 15.10 -18.30
CA MET C 231 2.93 14.98 -16.98
C MET C 231 2.46 13.67 -16.39
N ALA C 232 2.88 13.39 -15.15
CA ALA C 232 2.62 12.10 -14.54
C ALA C 232 2.18 12.27 -13.10
N PHE C 233 1.34 11.36 -12.64
CA PHE C 233 1.08 11.19 -11.22
C PHE C 233 1.62 9.83 -10.80
N ARG C 234 2.60 9.86 -9.90
CA ARG C 234 3.12 8.64 -9.32
C ARG C 234 2.22 8.22 -8.17
N VAL C 235 1.82 6.95 -8.18
CA VAL C 235 0.92 6.42 -7.16
C VAL C 235 1.46 5.10 -6.58
N PRO C 236 1.01 4.72 -5.37
CA PRO C 236 1.58 3.55 -4.70
C PRO C 236 1.08 2.20 -5.24
N THR C 237 1.53 1.85 -6.45
CA THR C 237 1.33 0.51 -6.98
C THR C 237 2.67 0.00 -7.49
N ALA C 238 2.88 -1.31 -7.40
CA ALA C 238 4.18 -1.91 -7.68
C ALA C 238 4.51 -1.92 -9.17
N ASN C 239 3.47 -2.08 -9.99
CA ASN C 239 3.67 -2.19 -11.44
C ASN C 239 2.37 -1.91 -12.18
N VAL C 240 2.49 -1.71 -13.48
CA VAL C 240 1.41 -1.33 -14.40
C VAL C 240 1.00 0.12 -14.23
N SER C 241 1.00 0.83 -15.35
CA SER C 241 0.65 2.23 -15.42
C SER C 241 -0.39 2.43 -16.50
N VAL C 242 -0.90 3.66 -16.62
CA VAL C 242 -1.95 3.95 -17.58
C VAL C 242 -1.80 5.36 -18.15
N VAL C 243 -2.03 5.48 -19.45
CA VAL C 243 -1.96 6.76 -20.14
C VAL C 243 -3.35 7.34 -20.33
N ASP C 244 -3.43 8.65 -20.16
CA ASP C 244 -4.66 9.39 -20.35
C ASP C 244 -4.42 10.50 -21.37
N LEU C 245 -4.79 10.25 -22.62
CA LEU C 245 -4.56 11.19 -23.72
C LEU C 245 -5.81 11.99 -24.07
N THR C 246 -5.77 13.28 -23.78
CA THR C 246 -6.84 14.19 -24.13
C THR C 246 -6.41 15.01 -25.34
N CYS C 247 -7.03 14.76 -26.48
CA CYS C 247 -6.60 15.37 -27.73
C CYS C 247 -7.76 15.91 -28.53
N ARG C 248 -7.47 16.95 -29.30
CA ARG C 248 -8.43 17.52 -30.24
C ARG C 248 -8.11 17.02 -31.64
N LEU C 249 -9.15 16.63 -32.38
CA LEU C 249 -8.98 16.04 -33.71
C LEU C 249 -9.47 16.98 -34.79
N GLU C 250 -8.80 16.99 -35.94
CA GLU C 250 -9.21 17.88 -37.02
C GLU C 250 -10.35 17.30 -37.85
N LYS C 251 -10.34 15.98 -38.03
CA LYS C 251 -11.42 15.29 -38.74
C LYS C 251 -12.40 14.66 -37.75
N PRO C 252 -13.72 14.70 -38.05
CA PRO C 252 -14.72 14.13 -37.14
C PRO C 252 -14.44 12.66 -36.82
N ALA C 253 -14.66 12.28 -35.56
CA ALA C 253 -14.42 10.91 -35.13
C ALA C 253 -15.38 10.49 -34.03
N LYS C 254 -16.43 9.77 -34.42
CA LYS C 254 -17.29 9.14 -33.43
C LYS C 254 -16.45 8.15 -32.65
N TYR C 255 -16.82 7.91 -31.40
CA TYR C 255 -16.02 7.04 -30.55
C TYR C 255 -16.00 5.61 -31.11
N ASP C 256 -17.09 5.17 -31.71
CA ASP C 256 -17.15 3.85 -32.32
C ASP C 256 -16.14 3.74 -33.46
N ASP C 257 -15.94 4.83 -34.18
CA ASP C 257 -14.95 4.86 -35.25
C ASP C 257 -13.53 4.77 -34.67
N ILE C 258 -13.30 5.44 -33.55
CA ILE C 258 -12.01 5.37 -32.88
C ILE C 258 -11.75 3.94 -32.44
N LYS C 259 -12.75 3.32 -31.83
CA LYS C 259 -12.65 1.93 -31.41
C LYS C 259 -12.32 1.03 -32.60
N LYS C 260 -13.01 1.25 -33.71
CA LYS C 260 -12.83 0.41 -34.90
C LYS C 260 -11.39 0.44 -35.41
N VAL C 261 -10.84 1.64 -35.63
CA VAL C 261 -9.50 1.76 -36.20
C VAL C 261 -8.43 1.25 -35.24
N VAL C 262 -8.64 1.45 -33.95
CA VAL C 262 -7.70 0.97 -32.95
C VAL C 262 -7.70 -0.55 -32.89
N LYS C 263 -8.89 -1.15 -32.85
CA LYS C 263 -9.00 -2.60 -32.85
C LYS C 263 -8.38 -3.17 -34.12
N GLN C 264 -8.69 -2.53 -35.25
CA GLN C 264 -8.21 -2.97 -36.54
C GLN C 264 -6.68 -3.01 -36.56
N ALA C 265 -6.05 -2.01 -35.95
CA ALA C 265 -4.60 -1.96 -35.88
C ALA C 265 -4.05 -3.02 -34.93
N SER C 266 -4.76 -3.28 -33.85
CA SER C 266 -4.31 -4.26 -32.87
C SER C 266 -4.28 -5.67 -33.46
N GLU C 267 -5.07 -5.90 -34.50
CA GLU C 267 -5.16 -7.22 -35.12
C GLU C 267 -4.27 -7.34 -36.37
N GLY C 268 -3.68 -6.22 -36.80
CA GLY C 268 -2.89 -6.19 -38.01
C GLY C 268 -1.44 -5.78 -37.81
N PRO C 269 -1.07 -4.59 -38.31
CA PRO C 269 0.34 -4.18 -38.28
C PRO C 269 0.90 -3.98 -36.87
N LEU C 270 0.03 -3.62 -35.92
CA LEU C 270 0.47 -3.36 -34.56
C LEU C 270 0.16 -4.51 -33.60
N LYS C 271 0.00 -5.71 -34.15
CA LYS C 271 -0.27 -6.88 -33.34
C LYS C 271 0.89 -7.13 -32.37
N GLY C 272 0.55 -7.27 -31.09
CA GLY C 272 1.57 -7.51 -30.06
C GLY C 272 2.12 -6.22 -29.48
N ILE C 273 1.88 -5.11 -30.16
CA ILE C 273 2.35 -3.80 -29.71
C ILE C 273 1.18 -3.00 -29.14
N LEU C 274 0.19 -2.77 -29.99
CA LEU C 274 -1.04 -2.09 -29.57
C LEU C 274 -2.15 -3.09 -29.33
N GLY C 275 -2.61 -3.16 -28.08
CA GLY C 275 -3.69 -4.05 -27.71
C GLY C 275 -5.03 -3.32 -27.69
N TYR C 276 -6.10 -4.10 -27.70
CA TYR C 276 -7.45 -3.56 -27.65
C TYR C 276 -8.33 -4.42 -26.74
N THR C 277 -9.07 -3.79 -25.85
CA THR C 277 -10.01 -4.52 -25.00
C THR C 277 -11.25 -3.68 -24.71
N GLU C 278 -12.37 -4.37 -24.52
CA GLU C 278 -13.62 -3.77 -24.09
C GLU C 278 -14.04 -4.33 -22.73
N HIS C 279 -13.16 -5.12 -22.12
CA HIS C 279 -13.47 -5.75 -20.84
C HIS C 279 -13.31 -4.78 -19.68
N GLN C 280 -13.90 -5.14 -18.55
CA GLN C 280 -13.89 -4.31 -17.35
C GLN C 280 -12.60 -4.51 -16.58
N VAL C 281 -11.50 -4.04 -17.16
CA VAL C 281 -10.16 -4.31 -16.62
C VAL C 281 -9.69 -3.29 -15.59
N VAL C 282 -8.76 -3.74 -14.76
CA VAL C 282 -8.05 -2.89 -13.80
C VAL C 282 -6.56 -3.16 -13.97
N SER C 283 -5.72 -2.33 -13.35
CA SER C 283 -4.29 -2.36 -13.62
C SER C 283 -3.65 -3.75 -13.47
N SER C 284 -4.01 -4.50 -12.44
CA SER C 284 -3.37 -5.79 -12.20
C SER C 284 -3.64 -6.78 -13.34
N ASP C 285 -4.70 -6.57 -14.10
CA ASP C 285 -5.01 -7.46 -15.21
C ASP C 285 -3.94 -7.38 -16.30
N PHE C 286 -3.13 -6.33 -16.27
CA PHE C 286 -2.09 -6.13 -17.27
C PHE C 286 -0.69 -6.46 -16.74
N ASN C 287 -0.62 -7.03 -15.55
CA ASN C 287 0.67 -7.44 -15.03
C ASN C 287 1.26 -8.54 -15.91
N SER C 288 2.52 -8.36 -16.30
CA SER C 288 3.21 -9.28 -17.22
C SER C 288 2.57 -9.34 -18.60
N ASP C 289 1.84 -8.29 -18.97
CA ASP C 289 1.34 -8.16 -20.33
C ASP C 289 2.46 -7.57 -21.20
N THR C 290 2.71 -8.17 -22.35
CA THR C 290 3.85 -7.80 -23.18
C THR C 290 3.53 -6.69 -24.20
N HIS C 291 2.26 -6.28 -24.26
CA HIS C 291 1.87 -5.18 -25.13
C HIS C 291 2.51 -3.86 -24.69
N SER C 292 2.82 -3.00 -25.65
CA SER C 292 3.31 -1.66 -25.34
C SER C 292 2.16 -0.78 -24.83
N SER C 293 0.95 -1.10 -25.28
CA SER C 293 -0.18 -0.20 -25.12
C SER C 293 -1.47 -0.96 -25.37
N THR C 294 -2.37 -0.98 -24.39
CA THR C 294 -3.67 -1.61 -24.58
C THR C 294 -4.78 -0.60 -24.37
N PHE C 295 -5.48 -0.29 -25.46
CA PHE C 295 -6.58 0.67 -25.47
C PHE C 295 -7.75 0.13 -24.65
N ASP C 296 -8.21 0.93 -23.69
CA ASP C 296 -9.33 0.57 -22.83
C ASP C 296 -10.61 1.22 -23.36
N ALA C 297 -11.35 0.48 -24.17
CA ALA C 297 -12.50 1.05 -24.85
C ALA C 297 -13.53 1.59 -23.87
N GLY C 298 -13.81 0.80 -22.83
CA GLY C 298 -14.85 1.15 -21.87
C GLY C 298 -14.51 2.33 -20.97
N ALA C 299 -13.22 2.66 -20.87
CA ALA C 299 -12.77 3.71 -19.95
C ALA C 299 -12.73 5.09 -20.60
N GLY C 300 -12.67 5.12 -21.93
CA GLY C 300 -12.53 6.38 -22.64
C GLY C 300 -13.81 7.18 -22.70
N ILE C 301 -13.68 8.47 -22.97
CA ILE C 301 -14.84 9.34 -23.10
C ILE C 301 -14.65 10.37 -24.21
N ALA C 302 -15.77 10.69 -24.86
CA ALA C 302 -15.79 11.67 -25.92
C ALA C 302 -16.79 12.78 -25.56
N LEU C 303 -16.33 14.02 -25.65
CA LEU C 303 -17.21 15.16 -25.46
C LEU C 303 -17.92 15.49 -26.76
N ASN C 304 -17.19 15.36 -27.86
CA ASN C 304 -17.77 15.51 -29.19
C ASN C 304 -16.88 14.81 -30.21
N ASP C 305 -17.20 14.97 -31.49
CA ASP C 305 -16.48 14.26 -32.54
C ASP C 305 -15.05 14.76 -32.71
N HIS C 306 -14.69 15.86 -32.03
CA HIS C 306 -13.38 16.48 -32.20
C HIS C 306 -12.58 16.57 -30.91
N PHE C 307 -13.18 16.15 -29.80
CA PHE C 307 -12.54 16.28 -28.49
C PHE C 307 -12.79 15.04 -27.63
N VAL C 308 -11.74 14.25 -27.42
CA VAL C 308 -11.86 12.95 -26.78
C VAL C 308 -10.77 12.72 -25.74
N LYS C 309 -11.03 11.79 -24.83
CA LYS C 309 -10.05 11.34 -23.85
C LYS C 309 -9.86 9.83 -24.00
N LEU C 310 -8.66 9.43 -24.40
CA LEU C 310 -8.38 8.03 -24.69
C LEU C 310 -7.48 7.43 -23.62
N ILE C 311 -7.84 6.23 -23.16
CA ILE C 311 -7.13 5.56 -22.08
C ILE C 311 -6.40 4.32 -22.58
N SER C 312 -5.15 4.16 -22.15
CA SER C 312 -4.36 3.00 -22.56
C SER C 312 -3.45 2.50 -21.44
N TRP C 313 -3.48 1.19 -21.22
CA TRP C 313 -2.72 0.56 -20.15
C TRP C 313 -1.37 0.05 -20.64
N TYR C 314 -0.39 0.03 -19.74
CA TYR C 314 0.87 -0.62 -20.06
C TYR C 314 1.61 -1.11 -18.83
N ASP C 315 2.06 -2.35 -18.91
CA ASP C 315 3.02 -2.86 -17.96
C ASP C 315 4.33 -2.15 -18.25
N ASN C 316 4.65 -1.15 -17.44
CA ASN C 316 5.81 -0.30 -17.68
C ASN C 316 7.12 -1.09 -17.63
N GLU C 317 7.11 -2.24 -16.97
CA GLU C 317 8.29 -3.09 -16.89
C GLU C 317 8.37 -4.11 -18.03
N PHE C 318 7.30 -4.90 -18.20
CA PHE C 318 7.33 -6.07 -19.09
C PHE C 318 7.14 -5.70 -20.56
N GLY C 319 6.25 -4.77 -20.85
CA GLY C 319 6.02 -4.33 -22.22
C GLY C 319 7.29 -3.75 -22.81
N TYR C 320 7.88 -2.81 -22.09
CA TYR C 320 9.09 -2.14 -22.55
C TYR C 320 10.23 -3.14 -22.78
N SER C 321 10.42 -4.07 -21.83
CA SER C 321 11.51 -5.03 -21.93
C SER C 321 11.40 -5.88 -23.18
N ASN C 322 10.18 -6.26 -23.53
CA ASN C 322 9.95 -7.05 -24.74
C ASN C 322 10.18 -6.21 -25.99
N ARG C 323 9.93 -4.90 -25.90
CA ARG C 323 10.20 -4.01 -27.03
C ARG C 323 11.70 -3.84 -27.26
N VAL C 324 12.49 -3.82 -26.19
CA VAL C 324 13.94 -3.76 -26.33
C VAL C 324 14.41 -4.97 -27.14
N VAL C 325 13.89 -6.14 -26.79
CA VAL C 325 14.23 -7.37 -27.50
C VAL C 325 13.73 -7.35 -28.94
N ASP C 326 12.50 -6.87 -29.15
CA ASP C 326 11.95 -6.77 -30.51
C ASP C 326 12.81 -5.86 -31.37
N LEU C 327 13.24 -4.75 -30.78
CA LEU C 327 14.05 -3.77 -31.50
C LEU C 327 15.37 -4.38 -31.94
N MET C 328 16.01 -5.09 -31.02
CA MET C 328 17.28 -5.74 -31.34
C MET C 328 17.07 -6.80 -32.42
N ALA C 329 15.97 -7.52 -32.34
CA ALA C 329 15.66 -8.54 -33.33
C ALA C 329 15.49 -7.88 -34.69
N HIS C 330 14.84 -6.72 -34.70
CA HIS C 330 14.63 -6.00 -35.94
C HIS C 330 15.96 -5.52 -36.52
N MET C 331 16.82 -4.96 -35.67
CA MET C 331 18.15 -4.55 -36.10
C MET C 331 18.92 -5.70 -36.75
N ALA C 332 18.85 -6.88 -36.15
CA ALA C 332 19.58 -8.05 -36.62
C ALA C 332 19.05 -8.53 -37.97
N SER C 333 17.75 -8.33 -38.20
CA SER C 333 17.14 -8.75 -39.46
C SER C 333 17.66 -7.92 -40.62
N LYS C 334 18.13 -6.71 -40.32
CA LYS C 334 18.67 -5.83 -41.35
C LYS C 334 20.15 -6.12 -41.60
N GLU C 335 20.64 -7.21 -41.03
CA GLU C 335 22.08 -7.40 -40.85
C GLU C 335 22.46 -8.88 -40.86
N LYS D 3 -11.88 -37.79 -10.55
CA LYS D 3 -12.91 -38.79 -10.81
C LYS D 3 -14.24 -38.42 -10.15
N VAL D 4 -14.19 -38.07 -8.86
CA VAL D 4 -15.39 -37.69 -8.13
C VAL D 4 -15.93 -36.35 -8.61
N LYS D 5 -17.25 -36.24 -8.67
CA LYS D 5 -17.90 -35.02 -9.12
C LYS D 5 -18.20 -34.11 -7.93
N VAL D 6 -17.89 -32.83 -8.08
CA VAL D 6 -17.98 -31.88 -6.98
C VAL D 6 -18.89 -30.70 -7.31
N GLY D 7 -19.62 -30.25 -6.29
CA GLY D 7 -20.42 -29.03 -6.38
C GLY D 7 -19.82 -27.99 -5.47
N VAL D 8 -20.08 -26.71 -5.77
CA VAL D 8 -19.51 -25.61 -5.00
C VAL D 8 -20.60 -24.61 -4.61
N ASN D 9 -20.84 -24.48 -3.32
CA ASN D 9 -21.76 -23.47 -2.81
C ASN D 9 -20.99 -22.25 -2.33
N GLY D 10 -21.12 -21.15 -3.07
CA GLY D 10 -20.37 -19.94 -2.81
C GLY D 10 -19.21 -19.84 -3.78
N PHE D 11 -19.06 -18.68 -4.41
CA PHE D 11 -18.07 -18.46 -5.45
C PHE D 11 -17.19 -17.27 -5.11
N GLY D 12 -16.76 -17.22 -3.85
CA GLY D 12 -15.87 -16.18 -3.36
C GLY D 12 -14.43 -16.60 -3.54
N ARG D 13 -13.53 -15.97 -2.79
CA ARG D 13 -12.10 -16.24 -2.91
C ARG D 13 -11.82 -17.74 -2.83
N ILE D 14 -12.45 -18.41 -1.87
CA ILE D 14 -12.21 -19.83 -1.66
C ILE D 14 -12.90 -20.67 -2.74
N GLY D 15 -14.19 -20.45 -2.95
CA GLY D 15 -14.94 -21.19 -3.95
C GLY D 15 -14.28 -21.15 -5.31
N ARG D 16 -13.79 -19.97 -5.70
CA ARG D 16 -13.18 -19.82 -7.02
C ARG D 16 -11.82 -20.50 -7.07
N LEU D 17 -11.05 -20.43 -5.99
CA LEU D 17 -9.71 -21.01 -6.01
C LEU D 17 -9.76 -22.53 -5.82
N VAL D 18 -10.79 -23.04 -5.17
CA VAL D 18 -11.01 -24.49 -5.14
C VAL D 18 -11.27 -24.96 -6.57
N THR D 19 -12.06 -24.19 -7.31
CA THR D 19 -12.38 -24.51 -8.68
C THR D 19 -11.12 -24.48 -9.55
N ARG D 20 -10.29 -23.47 -9.35
CA ARG D 20 -9.01 -23.37 -10.06
C ARG D 20 -8.12 -24.57 -9.74
N ALA D 21 -7.99 -24.87 -8.45
CA ALA D 21 -7.15 -25.99 -8.03
C ALA D 21 -7.66 -27.30 -8.60
N ALA D 22 -8.99 -27.43 -8.67
CA ALA D 22 -9.62 -28.63 -9.18
C ALA D 22 -9.26 -28.87 -10.64
N PHE D 23 -9.34 -27.83 -11.46
CA PHE D 23 -9.06 -27.95 -12.88
C PHE D 23 -7.57 -28.00 -13.17
N ASN D 24 -6.78 -27.26 -12.40
CA ASN D 24 -5.33 -27.30 -12.57
C ASN D 24 -4.76 -28.67 -12.22
N SER D 25 -5.22 -29.23 -11.09
CA SER D 25 -4.69 -30.52 -10.63
C SER D 25 -5.41 -31.69 -11.29
N GLY D 26 -6.69 -31.48 -11.60
CA GLY D 26 -7.50 -32.53 -12.23
C GLY D 26 -7.83 -33.68 -11.31
N LYS D 27 -7.66 -33.47 -10.01
CA LYS D 27 -7.93 -34.53 -9.04
C LYS D 27 -9.42 -34.73 -8.82
N VAL D 28 -10.20 -33.68 -9.09
CA VAL D 28 -11.66 -33.75 -9.02
C VAL D 28 -12.27 -33.00 -10.19
N ASP D 29 -13.57 -33.21 -10.40
CA ASP D 29 -14.30 -32.54 -11.49
C ASP D 29 -15.46 -31.71 -10.94
N ILE D 30 -15.40 -30.41 -11.17
CA ILE D 30 -16.52 -29.53 -10.81
C ILE D 30 -17.63 -29.71 -11.84
N VAL D 31 -18.87 -29.84 -11.37
CA VAL D 31 -20.03 -30.02 -12.25
C VAL D 31 -21.20 -29.16 -11.82
N ALA D 32 -21.03 -28.39 -10.75
CA ALA D 32 -22.11 -27.55 -10.26
C ALA D 32 -21.57 -26.43 -9.37
N ILE D 33 -22.19 -25.25 -9.47
CA ILE D 33 -21.85 -24.12 -8.62
C ILE D 33 -23.12 -23.38 -8.22
N ASN D 34 -23.11 -22.80 -7.03
CA ASN D 34 -24.25 -22.04 -6.52
C ASN D 34 -23.81 -20.77 -5.80
N ASP D 35 -24.30 -19.62 -6.28
CA ASP D 35 -24.06 -18.34 -5.62
C ASP D 35 -25.12 -17.32 -6.07
N PRO D 36 -26.00 -16.91 -5.13
CA PRO D 36 -27.08 -15.97 -5.48
C PRO D 36 -26.58 -14.62 -5.99
N PHE D 37 -25.57 -14.05 -5.33
CA PHE D 37 -25.14 -12.70 -5.61
C PHE D 37 -24.27 -12.57 -6.87
N ILE D 38 -24.14 -13.66 -7.63
CA ILE D 38 -23.27 -13.66 -8.82
C ILE D 38 -23.91 -14.45 -9.97
N ASP D 39 -24.34 -13.73 -11.01
CA ASP D 39 -24.95 -14.40 -12.16
C ASP D 39 -23.88 -14.95 -13.09
N LEU D 40 -24.33 -15.62 -14.16
CA LEU D 40 -23.43 -16.40 -15.01
C LEU D 40 -22.34 -15.57 -15.68
N ASN D 41 -22.72 -14.44 -16.26
CA ASN D 41 -21.75 -13.59 -16.96
C ASN D 41 -20.68 -13.08 -15.99
N TYR D 42 -21.10 -12.75 -14.78
CA TYR D 42 -20.19 -12.21 -13.78
C TYR D 42 -19.23 -13.31 -13.30
N MET D 43 -19.71 -14.54 -13.19
CA MET D 43 -18.87 -15.67 -12.80
C MET D 43 -17.67 -15.81 -13.73
N VAL D 44 -17.91 -15.68 -15.02
CA VAL D 44 -16.85 -15.77 -16.02
C VAL D 44 -15.78 -14.73 -15.77
N TYR D 45 -16.20 -13.49 -15.50
CA TYR D 45 -15.30 -12.39 -15.24
C TYR D 45 -14.50 -12.60 -13.95
N MET D 46 -15.19 -12.92 -12.86
CA MET D 46 -14.58 -13.06 -11.55
C MET D 46 -13.61 -14.23 -11.51
N PHE D 47 -13.92 -15.28 -12.27
CA PHE D 47 -13.07 -16.46 -12.30
C PHE D 47 -11.88 -16.22 -13.24
N GLN D 48 -12.15 -15.60 -14.37
CA GLN D 48 -11.10 -15.34 -15.36
C GLN D 48 -10.04 -14.37 -14.85
N TYR D 49 -10.49 -13.22 -14.34
CA TYR D 49 -9.57 -12.19 -13.85
C TYR D 49 -9.45 -12.20 -12.34
N ASP D 50 -8.20 -12.25 -11.87
CA ASP D 50 -7.92 -12.29 -10.43
C ASP D 50 -6.71 -11.42 -10.09
N SER D 51 -6.92 -10.44 -9.22
CA SER D 51 -5.88 -9.47 -8.89
C SER D 51 -4.66 -10.10 -8.21
N THR D 52 -4.90 -11.18 -7.47
CA THR D 52 -3.86 -11.79 -6.66
C THR D 52 -3.11 -12.89 -7.41
N HIS D 53 -3.86 -13.78 -8.06
CA HIS D 53 -3.28 -14.98 -8.65
C HIS D 53 -3.27 -14.95 -10.17
N GLY D 54 -3.67 -13.81 -10.73
CA GLY D 54 -3.58 -13.59 -12.16
C GLY D 54 -4.68 -14.24 -12.95
N LYS D 55 -4.67 -14.02 -14.25
CA LYS D 55 -5.67 -14.57 -15.15
C LYS D 55 -5.61 -16.10 -15.15
N PHE D 56 -6.78 -16.72 -15.25
CA PHE D 56 -6.86 -18.18 -15.24
C PHE D 56 -6.17 -18.78 -16.46
N HIS D 57 -5.45 -19.87 -16.24
CA HIS D 57 -4.77 -20.58 -17.33
C HIS D 57 -5.69 -21.63 -17.92
N GLY D 58 -6.35 -21.27 -19.02
CA GLY D 58 -7.32 -22.12 -19.66
C GLY D 58 -8.47 -21.27 -20.16
N THR D 59 -9.52 -21.91 -20.65
CA THR D 59 -10.67 -21.21 -21.19
C THR D 59 -11.79 -21.10 -20.16
N VAL D 60 -12.56 -20.01 -20.25
CA VAL D 60 -13.76 -19.85 -19.45
C VAL D 60 -14.76 -19.00 -20.23
N LYS D 61 -15.99 -19.50 -20.32
CA LYS D 61 -17.03 -18.81 -21.08
C LYS D 61 -18.42 -19.25 -20.62
N ALA D 62 -19.43 -18.44 -20.94
CA ALA D 62 -20.81 -18.80 -20.71
C ALA D 62 -21.36 -19.47 -21.96
N GLU D 63 -22.25 -20.44 -21.78
CA GLU D 63 -22.81 -21.18 -22.90
C GLU D 63 -24.02 -21.99 -22.45
N ASN D 64 -25.19 -21.69 -23.02
CA ASN D 64 -26.42 -22.38 -22.72
C ASN D 64 -26.76 -22.36 -21.23
N GLY D 65 -26.41 -21.26 -20.57
CA GLY D 65 -26.67 -21.10 -19.15
C GLY D 65 -25.72 -21.91 -18.30
N LYS D 66 -24.61 -22.36 -18.90
CA LYS D 66 -23.61 -23.14 -18.21
C LYS D 66 -22.25 -22.44 -18.22
N LEU D 67 -21.57 -22.47 -17.08
CA LEU D 67 -20.19 -21.99 -16.99
C LEU D 67 -19.27 -23.05 -17.56
N VAL D 68 -18.64 -22.75 -18.69
CA VAL D 68 -17.80 -23.71 -19.37
C VAL D 68 -16.33 -23.42 -19.12
N ILE D 69 -15.68 -24.28 -18.33
CA ILE D 69 -14.27 -24.13 -18.02
C ILE D 69 -13.48 -25.27 -18.67
N ASN D 70 -12.51 -24.91 -19.50
CA ASN D 70 -11.70 -25.90 -20.21
C ASN D 70 -12.56 -26.94 -20.93
N GLY D 71 -13.63 -26.47 -21.59
CA GLY D 71 -14.49 -27.35 -22.33
C GLY D 71 -15.40 -28.20 -21.46
N ASN D 72 -15.44 -27.90 -20.16
CA ASN D 72 -16.29 -28.63 -19.23
C ASN D 72 -17.46 -27.77 -18.78
N PRO D 73 -18.70 -28.15 -19.17
CA PRO D 73 -19.85 -27.35 -18.72
C PRO D 73 -20.14 -27.54 -17.24
N ILE D 74 -20.68 -26.50 -16.61
CA ILE D 74 -20.98 -26.53 -15.19
C ILE D 74 -22.35 -25.91 -14.93
N THR D 75 -23.19 -26.65 -14.20
CA THR D 75 -24.53 -26.16 -13.86
C THR D 75 -24.45 -25.07 -12.79
N ILE D 76 -25.28 -24.03 -12.96
CA ILE D 76 -25.29 -22.90 -12.04
C ILE D 76 -26.60 -22.82 -11.28
N PHE D 77 -26.53 -22.37 -10.03
CA PHE D 77 -27.73 -22.16 -9.20
C PHE D 77 -27.64 -20.81 -8.51
N GLN D 78 -28.78 -20.30 -8.06
CA GLN D 78 -28.86 -19.00 -7.41
C GLN D 78 -29.71 -19.06 -6.14
N GLU D 79 -29.61 -20.17 -5.41
CA GLU D 79 -30.42 -20.39 -4.22
C GLU D 79 -29.79 -19.79 -2.97
N ARG D 80 -30.57 -18.98 -2.24
CA ARG D 80 -30.10 -18.40 -0.99
C ARG D 80 -30.18 -19.41 0.15
N ASP D 81 -31.14 -20.34 0.05
CA ASP D 81 -31.33 -21.37 1.06
C ASP D 81 -30.68 -22.69 0.60
N PRO D 82 -29.60 -23.12 1.28
CA PRO D 82 -28.85 -24.31 0.88
C PRO D 82 -29.69 -25.56 0.64
N SER D 83 -30.75 -25.72 1.42
CA SER D 83 -31.59 -26.91 1.34
C SER D 83 -32.33 -26.97 0.00
N LYS D 84 -32.39 -25.84 -0.70
CA LYS D 84 -33.15 -25.74 -1.93
C LYS D 84 -32.28 -26.01 -3.16
N ILE D 85 -31.01 -26.35 -2.95
CA ILE D 85 -30.09 -26.60 -4.06
C ILE D 85 -30.15 -28.05 -4.51
N LYS D 86 -30.49 -28.26 -5.79
CA LYS D 86 -30.61 -29.60 -6.35
C LYS D 86 -29.26 -30.16 -6.79
N TRP D 87 -28.43 -30.54 -5.82
CA TRP D 87 -27.10 -31.07 -6.11
C TRP D 87 -27.19 -32.39 -6.87
N GLY D 88 -28.08 -33.27 -6.41
CA GLY D 88 -28.21 -34.61 -6.97
C GLY D 88 -28.54 -34.60 -8.45
N ASP D 89 -29.41 -33.68 -8.85
CA ASP D 89 -29.84 -33.57 -10.25
C ASP D 89 -28.67 -33.21 -11.17
N ALA D 90 -27.76 -32.37 -10.68
CA ALA D 90 -26.61 -31.93 -11.47
C ALA D 90 -25.48 -32.97 -11.44
N GLY D 91 -25.59 -33.94 -10.53
CA GLY D 91 -24.61 -35.00 -10.44
C GLY D 91 -23.48 -34.70 -9.46
N ALA D 92 -23.75 -33.77 -8.53
CA ALA D 92 -22.75 -33.39 -7.54
C ALA D 92 -22.75 -34.35 -6.35
N GLU D 93 -21.65 -35.07 -6.18
CA GLU D 93 -21.52 -36.02 -5.08
C GLU D 93 -21.06 -35.31 -3.81
N TYR D 94 -19.89 -34.67 -3.89
CA TYR D 94 -19.37 -33.86 -2.80
C TYR D 94 -19.73 -32.39 -3.01
N VAL D 95 -20.09 -31.72 -1.93
CA VAL D 95 -20.36 -30.27 -1.97
C VAL D 95 -19.36 -29.54 -1.09
N VAL D 96 -18.72 -28.52 -1.66
CA VAL D 96 -17.82 -27.66 -0.91
C VAL D 96 -18.62 -26.47 -0.40
N GLU D 97 -18.84 -26.44 0.91
CA GLU D 97 -19.54 -25.33 1.56
C GLU D 97 -18.57 -24.20 1.87
N SER D 98 -18.60 -23.15 1.06
CA SER D 98 -17.60 -22.08 1.13
C SER D 98 -18.19 -20.67 1.25
N THR D 99 -19.44 -20.58 1.70
CA THR D 99 -20.06 -19.28 1.91
C THR D 99 -19.61 -18.67 3.23
N GLY D 100 -19.30 -19.54 4.20
CA GLY D 100 -18.80 -19.12 5.49
C GLY D 100 -19.89 -18.80 6.50
N VAL D 101 -21.14 -19.05 6.12
CA VAL D 101 -22.29 -18.77 6.99
C VAL D 101 -23.09 -20.03 7.27
N PHE D 102 -22.54 -21.18 6.87
CA PHE D 102 -23.14 -22.47 7.18
C PHE D 102 -22.04 -23.41 7.70
N THR D 103 -21.39 -22.99 8.77
CA THR D 103 -20.23 -23.70 9.30
C THR D 103 -20.62 -24.79 10.30
N THR D 104 -21.89 -24.84 10.68
CA THR D 104 -22.35 -25.81 11.67
C THR D 104 -22.90 -27.07 11.02
N MET D 105 -22.95 -28.16 11.78
CA MET D 105 -23.42 -29.45 11.28
C MET D 105 -24.87 -29.37 10.81
N GLU D 106 -25.67 -28.57 11.51
CA GLU D 106 -27.07 -28.39 11.16
C GLU D 106 -27.22 -27.69 9.81
N LYS D 107 -26.67 -26.48 9.72
CA LYS D 107 -26.80 -25.66 8.52
C LYS D 107 -26.13 -26.32 7.31
N ALA D 108 -24.92 -26.84 7.51
CA ALA D 108 -24.16 -27.44 6.43
C ALA D 108 -24.84 -28.71 5.90
N GLY D 109 -25.60 -29.37 6.78
CA GLY D 109 -26.28 -30.60 6.40
C GLY D 109 -27.41 -30.37 5.42
N ALA D 110 -27.77 -29.10 5.23
CA ALA D 110 -28.87 -28.74 4.33
C ALA D 110 -28.59 -29.24 2.91
N HIS D 111 -27.31 -29.29 2.54
CA HIS D 111 -26.92 -29.74 1.20
C HIS D 111 -27.33 -31.19 0.96
N LEU D 112 -27.39 -31.97 2.03
CA LEU D 112 -27.74 -33.39 1.93
C LEU D 112 -29.17 -33.55 1.45
N GLN D 113 -30.05 -32.66 1.90
CA GLN D 113 -31.47 -32.72 1.54
C GLN D 113 -31.65 -32.60 0.03
N GLY D 114 -30.67 -32.02 -0.65
CA GLY D 114 -30.76 -31.78 -2.08
C GLY D 114 -30.19 -32.91 -2.93
N GLY D 115 -29.57 -33.89 -2.29
CA GLY D 115 -29.02 -35.04 -2.99
C GLY D 115 -27.51 -35.14 -2.88
N ALA D 116 -26.92 -34.32 -2.02
CA ALA D 116 -25.48 -34.38 -1.79
C ALA D 116 -25.16 -35.56 -0.88
N LYS D 117 -24.06 -36.26 -1.18
CA LYS D 117 -23.64 -37.41 -0.39
C LYS D 117 -22.74 -37.00 0.77
N ARG D 118 -21.84 -36.06 0.51
CA ARG D 118 -20.94 -35.54 1.54
C ARG D 118 -20.75 -34.04 1.42
N VAL D 119 -20.52 -33.37 2.54
CA VAL D 119 -20.29 -31.94 2.57
C VAL D 119 -18.93 -31.63 3.19
N ILE D 120 -18.14 -30.81 2.51
CA ILE D 120 -16.84 -30.37 3.00
C ILE D 120 -16.89 -28.87 3.27
N ILE D 121 -16.82 -28.52 4.55
CA ILE D 121 -16.80 -27.11 4.97
C ILE D 121 -15.40 -26.55 4.81
N SER D 122 -15.28 -25.46 4.05
CA SER D 122 -13.98 -24.83 3.82
C SER D 122 -13.73 -23.74 4.86
N ALA D 123 -13.96 -24.09 6.13
CA ALA D 123 -13.75 -23.17 7.24
C ALA D 123 -13.88 -23.93 8.54
N PRO D 124 -13.41 -23.34 9.65
CA PRO D 124 -13.60 -23.99 10.95
C PRO D 124 -15.07 -24.27 11.22
N SER D 125 -15.35 -25.31 12.00
CA SER D 125 -16.71 -25.62 12.42
C SER D 125 -16.76 -25.83 13.92
N ALA D 126 -17.86 -25.42 14.53
CA ALA D 126 -18.00 -25.50 15.98
C ALA D 126 -18.29 -26.92 16.44
N ASP D 127 -18.76 -27.77 15.53
CA ASP D 127 -19.19 -29.12 15.90
C ASP D 127 -18.99 -30.17 14.81
N ALA D 128 -18.46 -29.78 13.66
CA ALA D 128 -18.16 -30.74 12.60
C ALA D 128 -16.71 -31.20 12.71
N PRO D 129 -16.44 -32.49 12.44
CA PRO D 129 -15.06 -32.99 12.54
C PRO D 129 -14.10 -32.27 11.59
N MET D 130 -13.05 -31.67 12.15
CA MET D 130 -12.07 -30.94 11.35
C MET D 130 -10.93 -31.85 10.95
N PHE D 131 -10.46 -31.68 9.72
CA PHE D 131 -9.33 -32.46 9.20
C PHE D 131 -8.26 -31.55 8.61
N VAL D 132 -7.01 -31.94 8.81
CA VAL D 132 -5.87 -31.28 8.18
C VAL D 132 -5.02 -32.33 7.48
N MET D 133 -4.89 -32.19 6.16
CA MET D 133 -4.09 -33.11 5.36
C MET D 133 -2.66 -33.16 5.91
N GLY D 134 -2.15 -34.38 6.04
CA GLY D 134 -0.80 -34.60 6.54
C GLY D 134 -0.75 -34.81 8.03
N VAL D 135 -1.78 -34.36 8.75
CA VAL D 135 -1.78 -34.39 10.20
C VAL D 135 -2.71 -35.48 10.74
N ASN D 136 -3.97 -35.48 10.29
CA ASN D 136 -4.94 -36.44 10.82
C ASN D 136 -5.97 -36.91 9.79
N HIS D 137 -5.65 -36.76 8.50
CA HIS D 137 -6.61 -37.09 7.46
C HIS D 137 -6.87 -38.59 7.38
N GLU D 138 -5.97 -39.40 7.92
CA GLU D 138 -6.17 -40.85 7.96
C GLU D 138 -7.23 -41.24 8.99
N LYS D 139 -7.66 -40.30 9.82
CA LYS D 139 -8.72 -40.56 10.80
C LYS D 139 -10.10 -40.46 10.16
N TYR D 140 -10.16 -40.02 8.91
CA TYR D 140 -11.42 -39.96 8.19
C TYR D 140 -11.92 -41.36 7.84
N ASP D 141 -13.21 -41.61 8.05
CA ASP D 141 -13.84 -42.86 7.63
C ASP D 141 -15.14 -42.55 6.88
N ASN D 142 -15.78 -43.58 6.35
CA ASN D 142 -16.93 -43.40 5.47
C ASN D 142 -18.24 -43.05 6.18
N SER D 143 -18.27 -43.15 7.50
CA SER D 143 -19.48 -42.80 8.25
C SER D 143 -19.66 -41.28 8.33
N LEU D 144 -18.58 -40.54 8.12
CA LEU D 144 -18.62 -39.08 8.20
C LEU D 144 -19.15 -38.48 6.90
N LYS D 145 -20.26 -37.76 7.00
CA LYS D 145 -20.93 -37.17 5.84
C LYS D 145 -20.71 -35.66 5.78
N ILE D 146 -20.42 -35.06 6.93
CA ILE D 146 -20.17 -33.62 7.02
C ILE D 146 -18.86 -33.39 7.77
N ILE D 147 -17.85 -32.88 7.08
CA ILE D 147 -16.57 -32.61 7.70
C ILE D 147 -16.07 -31.20 7.38
N SER D 148 -14.98 -30.82 8.05
CA SER D 148 -14.40 -29.50 7.89
C SER D 148 -12.91 -29.61 7.62
N ASN D 149 -12.39 -28.69 6.82
CA ASN D 149 -10.97 -28.67 6.52
C ASN D 149 -10.25 -27.60 7.33
N ALA D 150 -10.84 -27.24 8.48
CA ALA D 150 -10.27 -26.23 9.37
C ALA D 150 -10.05 -24.89 8.63
N SER D 151 -9.16 -24.05 9.15
CA SER D 151 -8.86 -22.75 8.56
C SER D 151 -7.57 -22.76 7.76
N CYS D 152 -7.26 -21.63 7.12
CA CYS D 152 -6.03 -21.51 6.37
C CYS D 152 -4.83 -21.52 7.31
N THR D 153 -4.96 -20.83 8.45
CA THR D 153 -3.86 -20.72 9.40
C THR D 153 -3.60 -22.03 10.14
N THR D 154 -4.67 -22.74 10.50
CA THR D 154 -4.53 -24.03 11.15
C THR D 154 -3.76 -25.00 10.26
N ASN D 155 -4.06 -24.96 8.96
CA ASN D 155 -3.38 -25.82 7.99
C ASN D 155 -1.91 -25.47 7.87
N CYS D 156 -1.54 -24.24 8.23
CA CYS D 156 -0.15 -23.85 8.20
C CYS D 156 0.57 -24.31 9.47
N LEU D 157 -0.07 -24.10 10.61
CA LEU D 157 0.56 -24.40 11.89
C LEU D 157 0.65 -25.90 12.20
N ALA D 158 -0.44 -26.62 11.93
CA ALA D 158 -0.55 -28.02 12.40
C ALA D 158 0.52 -28.95 11.83
N PRO D 159 0.78 -28.88 10.51
CA PRO D 159 1.83 -29.76 9.95
C PRO D 159 3.18 -29.52 10.60
N LEU D 160 3.56 -28.26 10.77
CA LEU D 160 4.80 -27.93 11.46
C LEU D 160 4.75 -28.41 12.91
N ALA D 161 3.65 -28.09 13.59
CA ALA D 161 3.48 -28.47 14.99
C ALA D 161 3.59 -29.99 15.17
N LYS D 162 3.11 -30.74 14.19
CA LYS D 162 3.18 -32.19 14.24
C LYS D 162 4.62 -32.67 14.21
N VAL D 163 5.41 -32.15 13.28
CA VAL D 163 6.80 -32.57 13.14
C VAL D 163 7.62 -32.20 14.36
N ILE D 164 7.41 -31.01 14.91
CA ILE D 164 8.16 -30.57 16.08
C ILE D 164 7.75 -31.37 17.30
N HIS D 165 6.46 -31.63 17.43
CA HIS D 165 5.96 -32.37 18.58
C HIS D 165 6.42 -33.82 18.52
N ASP D 166 6.29 -34.43 17.35
CA ASP D 166 6.67 -35.83 17.17
C ASP D 166 8.13 -36.08 17.54
N ASN D 167 8.99 -35.09 17.28
CA ASN D 167 10.43 -35.29 17.45
C ASN D 167 11.01 -34.76 18.76
N PHE D 168 10.44 -33.68 19.29
CA PHE D 168 11.01 -33.03 20.47
C PHE D 168 9.98 -32.78 21.57
N GLY D 169 8.71 -32.73 21.19
CA GLY D 169 7.63 -32.53 22.15
C GLY D 169 7.44 -31.08 22.54
N ILE D 170 6.30 -30.52 22.15
CA ILE D 170 5.97 -29.14 22.51
C ILE D 170 5.35 -29.11 23.90
N VAL D 171 6.08 -28.54 24.85
CA VAL D 171 5.58 -28.37 26.20
C VAL D 171 4.52 -27.27 26.18
N GLU D 172 4.85 -26.17 25.50
CA GLU D 172 3.93 -25.06 25.37
C GLU D 172 4.38 -24.15 24.23
N GLY D 173 3.44 -23.40 23.68
CA GLY D 173 3.74 -22.54 22.54
C GLY D 173 2.77 -21.39 22.41
N LEU D 174 3.30 -20.25 21.97
CA LEU D 174 2.50 -19.08 21.68
C LEU D 174 2.77 -18.65 20.25
N MET D 175 1.71 -18.36 19.51
CA MET D 175 1.81 -18.12 18.08
C MET D 175 1.37 -16.71 17.71
N THR D 176 2.09 -16.14 16.76
CA THR D 176 1.70 -14.89 16.13
C THR D 176 1.62 -15.13 14.64
N THR D 177 0.60 -14.57 14.00
CA THR D 177 0.51 -14.64 12.55
C THR D 177 0.38 -13.22 11.99
N VAL D 178 1.33 -12.87 11.12
CA VAL D 178 1.28 -11.62 10.38
C VAL D 178 0.46 -11.91 9.14
N HIS D 179 -0.74 -11.36 9.10
CA HIS D 179 -1.77 -11.80 8.17
C HIS D 179 -2.02 -10.76 7.09
N ALA D 180 -1.99 -11.21 5.84
CA ALA D 180 -2.37 -10.36 4.71
C ALA D 180 -3.85 -9.98 4.81
N ILE D 181 -4.25 -8.89 4.16
CA ILE D 181 -5.62 -8.40 4.26
C ILE D 181 -6.63 -9.38 3.68
N THR D 182 -7.86 -9.31 4.18
CA THR D 182 -8.93 -10.17 3.71
C THR D 182 -10.19 -9.37 3.46
N ALA D 183 -11.20 -10.04 2.92
CA ALA D 183 -12.44 -9.40 2.52
C ALA D 183 -13.24 -8.83 3.69
N THR D 184 -13.03 -9.36 4.89
CA THR D 184 -13.78 -8.90 6.06
C THR D 184 -13.34 -7.51 6.53
N GLN D 185 -12.18 -7.06 6.04
CA GLN D 185 -11.65 -5.77 6.46
C GLN D 185 -12.20 -4.61 5.64
N LYS D 186 -11.92 -3.39 6.07
CA LYS D 186 -12.46 -2.18 5.46
C LYS D 186 -11.38 -1.32 4.81
N THR D 187 -11.71 -0.69 3.70
CA THR D 187 -10.79 0.21 3.02
C THR D 187 -10.50 1.46 3.86
N VAL D 188 -11.53 1.97 4.54
CA VAL D 188 -11.38 3.10 5.44
C VAL D 188 -12.10 2.80 6.76
N ASP D 189 -11.81 3.58 7.79
CA ASP D 189 -12.44 3.41 9.11
C ASP D 189 -13.95 3.28 8.97
N GLY D 190 -14.47 2.09 9.24
CA GLY D 190 -15.89 1.80 9.09
C GLY D 190 -16.40 0.89 10.19
N PRO D 191 -17.72 0.64 10.21
CA PRO D 191 -18.34 -0.13 11.28
C PRO D 191 -17.89 -1.60 11.31
N SER D 192 -17.61 -2.08 12.52
CA SER D 192 -17.37 -3.49 12.78
C SER D 192 -17.70 -3.73 14.24
N GLY D 193 -19.00 -3.72 14.54
CA GLY D 193 -19.48 -3.69 15.91
C GLY D 193 -18.95 -4.77 16.83
N LYS D 194 -18.78 -5.97 16.30
CA LYS D 194 -18.34 -7.10 17.11
C LYS D 194 -16.82 -7.11 17.28
N LEU D 195 -16.12 -6.47 16.34
CA LEU D 195 -14.65 -6.43 16.36
C LEU D 195 -14.15 -5.05 15.92
N TRP D 196 -13.98 -4.15 16.89
CA TRP D 196 -13.74 -2.74 16.60
C TRP D 196 -12.43 -2.48 15.83
N ARG D 197 -11.36 -3.18 16.20
CA ARG D 197 -10.08 -2.96 15.54
C ARG D 197 -10.17 -3.33 14.05
N ASP D 198 -10.98 -4.34 13.74
CA ASP D 198 -11.11 -4.80 12.35
C ASP D 198 -11.87 -3.79 11.48
N GLY D 199 -12.54 -2.83 12.12
CA GLY D 199 -13.24 -1.80 11.38
C GLY D 199 -12.31 -0.74 10.82
N ARG D 200 -11.12 -0.64 11.40
CA ARG D 200 -10.18 0.42 11.04
C ARG D 200 -9.55 0.16 9.68
N GLY D 201 -9.18 1.24 9.00
CA GLY D 201 -8.65 1.17 7.64
C GLY D 201 -7.50 0.20 7.48
N ALA D 202 -7.66 -0.74 6.55
CA ALA D 202 -6.71 -1.83 6.35
C ALA D 202 -5.42 -1.37 5.68
N LEU D 203 -5.53 -0.34 4.85
CA LEU D 203 -4.37 0.20 4.14
C LEU D 203 -3.46 0.98 5.08
N GLN D 204 -4.05 1.58 6.10
CA GLN D 204 -3.32 2.49 6.98
C GLN D 204 -2.70 1.78 8.19
N ASN D 205 -3.25 0.64 8.59
CA ASN D 205 -2.98 0.12 9.93
C ASN D 205 -2.39 -1.29 10.04
N ILE D 206 -1.56 -1.44 11.06
CA ILE D 206 -1.30 -2.75 11.64
C ILE D 206 -2.42 -2.97 12.66
N ILE D 207 -3.15 -4.08 12.53
CA ILE D 207 -4.35 -4.31 13.31
C ILE D 207 -4.25 -5.64 14.07
N PRO D 208 -4.11 -5.57 15.41
CA PRO D 208 -4.13 -6.85 16.13
C PRO D 208 -5.50 -7.51 16.06
N ALA D 209 -5.53 -8.83 16.09
CA ALA D 209 -6.78 -9.56 15.93
C ALA D 209 -6.67 -10.94 16.57
N SER D 210 -7.82 -11.46 16.98
CA SER D 210 -7.88 -12.78 17.62
C SER D 210 -7.99 -13.87 16.56
N THR D 211 -7.43 -15.03 16.87
CA THR D 211 -7.49 -16.18 15.99
C THR D 211 -7.53 -17.44 16.85
N GLY D 212 -8.28 -18.43 16.41
CA GLY D 212 -8.40 -19.69 17.15
C GLY D 212 -7.59 -20.80 16.51
N ALA D 213 -6.68 -20.42 15.61
CA ALA D 213 -5.87 -21.39 14.89
C ALA D 213 -5.05 -22.24 15.83
N ALA D 214 -4.32 -21.57 16.73
CA ALA D 214 -3.43 -22.26 17.65
C ALA D 214 -4.21 -23.22 18.54
N LYS D 215 -5.38 -22.78 19.00
CA LYS D 215 -6.24 -23.62 19.80
C LYS D 215 -6.81 -24.76 18.96
N ALA D 216 -7.06 -24.49 17.69
CA ALA D 216 -7.65 -25.50 16.81
C ALA D 216 -6.68 -26.66 16.59
N VAL D 217 -5.38 -26.39 16.68
CA VAL D 217 -4.39 -27.45 16.53
C VAL D 217 -4.60 -28.47 17.64
N GLY D 218 -5.11 -28.01 18.78
CA GLY D 218 -5.42 -28.87 19.90
C GLY D 218 -6.39 -29.98 19.52
N LYS D 219 -7.23 -29.74 18.53
CA LYS D 219 -8.19 -30.74 18.10
C LYS D 219 -7.54 -31.78 17.19
N VAL D 220 -6.92 -31.31 16.11
CA VAL D 220 -6.33 -32.22 15.13
C VAL D 220 -5.12 -32.94 15.70
N ILE D 221 -4.49 -32.34 16.70
CA ILE D 221 -3.41 -32.98 17.44
C ILE D 221 -3.77 -32.97 18.91
N PRO D 222 -4.52 -33.99 19.37
CA PRO D 222 -5.05 -34.07 20.73
C PRO D 222 -4.00 -33.85 21.82
N GLU D 223 -2.79 -34.36 21.62
CA GLU D 223 -1.74 -34.24 22.62
C GLU D 223 -1.34 -32.79 22.90
N LEU D 224 -1.69 -31.89 21.97
CA LEU D 224 -1.36 -30.47 22.12
C LEU D 224 -2.54 -29.64 22.57
N ASN D 225 -3.61 -30.32 23.00
CA ASN D 225 -4.80 -29.61 23.47
C ASN D 225 -4.47 -28.76 24.69
N GLY D 226 -4.76 -27.47 24.60
CA GLY D 226 -4.54 -26.56 25.70
C GLY D 226 -3.10 -26.09 25.86
N LYS D 227 -2.24 -26.46 24.91
CA LYS D 227 -0.81 -26.11 24.99
C LYS D 227 -0.43 -24.99 24.04
N LEU D 228 -1.37 -24.57 23.19
CA LEU D 228 -1.10 -23.51 22.22
C LEU D 228 -2.22 -22.48 22.19
N LYS D 229 -1.84 -21.21 22.11
CA LYS D 229 -2.78 -20.16 21.73
C LYS D 229 -2.00 -19.09 20.99
N GLY D 230 -2.71 -18.18 20.36
CA GLY D 230 -2.05 -17.15 19.57
C GLY D 230 -2.95 -15.99 19.21
N MET D 231 -2.39 -15.09 18.42
CA MET D 231 -3.10 -13.90 17.96
C MET D 231 -2.53 -13.49 16.62
N ALA D 232 -3.10 -12.46 16.02
CA ALA D 232 -2.72 -12.06 14.67
C ALA D 232 -2.46 -10.57 14.59
N PHE D 233 -1.65 -10.19 13.62
CA PHE D 233 -1.50 -8.82 13.20
C PHE D 233 -1.84 -8.73 11.73
N ARG D 234 -2.91 -8.01 11.42
CA ARG D 234 -3.29 -7.78 10.02
C ARG D 234 -2.44 -6.64 9.48
N VAL D 235 -1.87 -6.84 8.28
CA VAL D 235 -1.01 -5.84 7.68
C VAL D 235 -1.36 -5.62 6.20
N PRO D 236 -1.05 -4.42 5.66
CA PRO D 236 -1.48 -4.07 4.30
C PRO D 236 -0.71 -4.77 3.16
N THR D 237 -0.77 -6.10 3.13
CA THR D 237 -0.28 -6.86 1.97
C THR D 237 -1.43 -7.67 1.41
N ALA D 238 -1.39 -7.95 0.11
CA ALA D 238 -2.54 -8.50 -0.60
C ALA D 238 -2.76 -9.99 -0.31
N ASN D 239 -1.68 -10.76 -0.34
CA ASN D 239 -1.76 -12.18 -0.11
C ASN D 239 -0.49 -12.68 0.56
N VAL D 240 -0.51 -13.95 0.97
CA VAL D 240 0.58 -14.60 1.69
C VAL D 240 0.72 -14.04 3.10
N SER D 241 0.58 -14.96 4.05
CA SER D 241 0.74 -14.68 5.47
C SER D 241 1.87 -15.54 6.02
N VAL D 242 2.23 -15.31 7.28
CA VAL D 242 3.34 -16.01 7.91
C VAL D 242 3.04 -16.30 9.37
N VAL D 243 3.41 -17.51 9.79
CA VAL D 243 3.21 -17.95 11.17
C VAL D 243 4.51 -17.80 11.94
N ASP D 244 4.39 -17.30 13.15
CA ASP D 244 5.52 -17.15 14.06
C ASP D 244 5.24 -17.94 15.33
N LEU D 245 5.83 -19.13 15.42
CA LEU D 245 5.59 -20.04 16.55
C LEU D 245 6.75 -20.04 17.53
N THR D 246 6.50 -19.50 18.71
CA THR D 246 7.48 -19.51 19.80
C THR D 246 7.08 -20.58 20.82
N CYS D 247 7.87 -21.64 20.91
CA CYS D 247 7.50 -22.78 21.73
C CYS D 247 8.65 -23.34 22.56
N ARG D 248 8.31 -23.91 23.70
CA ARG D 248 9.26 -24.62 24.54
C ARG D 248 9.25 -26.10 24.19
N LEU D 249 10.44 -26.70 24.18
CA LEU D 249 10.59 -28.12 23.86
C LEU D 249 11.07 -28.88 25.08
N GLU D 250 10.55 -30.09 25.28
CA GLU D 250 10.94 -30.90 26.43
C GLU D 250 12.27 -31.61 26.17
N LYS D 251 12.45 -32.12 24.96
CA LYS D 251 13.71 -32.76 24.57
C LYS D 251 14.63 -31.74 23.91
N PRO D 252 15.95 -31.92 24.05
CA PRO D 252 16.87 -30.96 23.43
C PRO D 252 16.74 -30.96 21.92
N ALA D 253 16.90 -29.79 21.32
CA ALA D 253 16.76 -29.64 19.87
C ALA D 253 17.63 -28.51 19.36
N LYS D 254 18.85 -28.85 18.95
CA LYS D 254 19.69 -27.91 18.22
C LYS D 254 18.95 -27.50 16.96
N TYR D 255 19.16 -26.27 16.52
CA TYR D 255 18.42 -25.76 15.36
C TYR D 255 18.67 -26.63 14.12
N ASP D 256 19.89 -27.13 13.97
CA ASP D 256 20.23 -27.98 12.84
C ASP D 256 19.44 -29.28 12.84
N ASP D 257 19.10 -29.75 14.04
CA ASP D 257 18.30 -30.96 14.17
C ASP D 257 16.84 -30.67 13.83
N ILE D 258 16.39 -29.46 14.12
CA ILE D 258 15.04 -29.04 13.76
C ILE D 258 14.94 -28.96 12.25
N LYS D 259 15.91 -28.31 11.62
CA LYS D 259 15.95 -28.17 10.18
C LYS D 259 15.89 -29.54 9.50
N LYS D 260 16.73 -30.45 9.99
CA LYS D 260 16.82 -31.81 9.44
C LYS D 260 15.46 -32.50 9.44
N VAL D 261 14.80 -32.55 10.58
CA VAL D 261 13.54 -33.29 10.70
C VAL D 261 12.43 -32.63 9.90
N VAL D 262 12.45 -31.31 9.78
CA VAL D 262 11.43 -30.63 8.98
C VAL D 262 11.68 -30.85 7.49
N LYS D 263 12.93 -30.74 7.08
CA LYS D 263 13.29 -31.01 5.69
C LYS D 263 12.96 -32.45 5.33
N GLN D 264 13.28 -33.36 6.25
CA GLN D 264 13.00 -34.78 6.04
C GLN D 264 11.50 -34.99 5.84
N ALA D 265 10.70 -34.32 6.66
CA ALA D 265 9.26 -34.43 6.57
C ALA D 265 8.74 -33.82 5.26
N SER D 266 9.39 -32.76 4.80
CA SER D 266 8.96 -32.09 3.58
C SER D 266 9.26 -32.92 2.34
N GLU D 267 10.20 -33.85 2.46
CA GLU D 267 10.62 -34.67 1.31
C GLU D 267 9.91 -36.01 1.27
N GLY D 268 9.32 -36.41 2.40
CA GLY D 268 8.69 -37.71 2.52
C GLY D 268 7.19 -37.65 2.77
N PRO D 269 6.76 -37.98 4.00
CA PRO D 269 5.33 -38.17 4.26
C PRO D 269 4.51 -36.88 4.14
N LEU D 270 5.13 -35.72 4.35
CA LEU D 270 4.42 -34.44 4.24
C LEU D 270 4.77 -33.70 2.95
N LYS D 271 5.28 -34.44 1.96
CA LYS D 271 5.64 -33.83 0.69
C LYS D 271 4.43 -33.15 0.04
N GLY D 272 4.63 -31.90 -0.38
CA GLY D 272 3.56 -31.13 -1.01
C GLY D 272 2.71 -30.36 -0.02
N ILE D 273 2.77 -30.77 1.24
CA ILE D 273 1.99 -30.12 2.30
C ILE D 273 2.88 -29.19 3.12
N LEU D 274 3.95 -29.75 3.68
CA LEU D 274 4.93 -28.96 4.43
C LEU D 274 6.17 -28.75 3.58
N GLY D 275 6.47 -27.49 3.30
CA GLY D 275 7.65 -27.14 2.52
C GLY D 275 8.83 -26.80 3.40
N TYR D 276 10.01 -26.73 2.78
CA TYR D 276 11.23 -26.37 3.46
C TYR D 276 12.11 -25.54 2.54
N THR D 277 12.68 -24.46 3.07
CA THR D 277 13.60 -23.64 2.28
C THR D 277 14.64 -22.95 3.16
N GLU D 278 15.82 -22.75 2.56
CA GLU D 278 16.89 -21.99 3.19
C GLU D 278 17.20 -20.73 2.38
N HIS D 279 16.39 -20.46 1.38
CA HIS D 279 16.58 -19.29 0.53
C HIS D 279 16.15 -18.01 1.24
N GLN D 280 16.68 -16.87 0.78
CA GLN D 280 16.37 -15.57 1.35
C GLN D 280 15.01 -15.08 0.87
N VAL D 281 13.96 -15.74 1.33
CA VAL D 281 12.62 -15.52 0.80
C VAL D 281 11.86 -14.37 1.48
N VAL D 282 10.94 -13.79 0.73
CA VAL D 282 9.98 -12.83 1.28
C VAL D 282 8.58 -13.29 0.87
N SER D 283 7.56 -12.62 1.36
CA SER D 283 6.18 -13.10 1.22
C SER D 283 5.78 -13.35 -0.23
N SER D 284 6.14 -12.46 -1.14
CA SER D 284 5.70 -12.59 -2.53
C SER D 284 6.24 -13.86 -3.19
N ASP D 285 7.36 -14.38 -2.69
CA ASP D 285 7.93 -15.60 -3.25
C ASP D 285 7.02 -16.81 -3.04
N PHE D 286 5.98 -16.66 -2.21
CA PHE D 286 5.04 -17.74 -1.97
C PHE D 286 3.67 -17.49 -2.60
N ASN D 287 3.59 -16.49 -3.47
CA ASN D 287 2.37 -16.27 -4.23
C ASN D 287 2.04 -17.49 -5.07
N SER D 288 0.83 -18.00 -4.89
CA SER D 288 0.34 -19.19 -5.61
C SER D 288 1.15 -20.44 -5.28
N ASP D 289 1.79 -20.44 -4.13
CA ASP D 289 2.44 -21.65 -3.62
C ASP D 289 1.39 -22.58 -3.03
N THR D 290 1.43 -23.85 -3.43
CA THR D 290 0.36 -24.79 -3.07
C THR D 290 0.59 -25.51 -1.74
N HIS D 291 1.72 -25.24 -1.09
CA HIS D 291 2.00 -25.83 0.21
C HIS D 291 1.08 -25.25 1.28
N SER D 292 0.76 -26.06 2.29
CA SER D 292 -0.02 -25.56 3.43
C SER D 292 0.85 -24.66 4.31
N SER D 293 2.16 -24.90 4.26
CA SER D 293 3.11 -24.26 5.16
C SER D 293 4.52 -24.51 4.66
N THR D 294 5.36 -23.48 4.66
CA THR D 294 6.75 -23.63 4.24
C THR D 294 7.68 -23.05 5.30
N PHE D 295 8.42 -23.96 5.93
CA PHE D 295 9.38 -23.64 6.98
C PHE D 295 10.50 -22.75 6.45
N ASP D 296 10.71 -21.63 7.13
CA ASP D 296 11.77 -20.68 6.74
C ASP D 296 12.98 -20.90 7.65
N ALA D 297 13.98 -21.62 7.16
CA ALA D 297 15.12 -22.01 7.98
C ALA D 297 15.93 -20.80 8.44
N GLY D 298 16.20 -19.89 7.50
CA GLY D 298 17.05 -18.75 7.78
C GLY D 298 16.41 -17.75 8.72
N ALA D 299 15.08 -17.73 8.75
CA ALA D 299 14.36 -16.71 9.51
C ALA D 299 14.16 -17.10 10.98
N GLY D 300 14.20 -18.40 11.27
CA GLY D 300 13.97 -18.87 12.62
C GLY D 300 15.14 -18.59 13.54
N ILE D 301 14.87 -18.57 14.84
CA ILE D 301 15.92 -18.33 15.82
C ILE D 301 15.75 -19.22 17.05
N ALA D 302 16.87 -19.61 17.62
CA ALA D 302 16.90 -20.45 18.81
C ALA D 302 17.67 -19.74 19.92
N LEU D 303 17.02 -19.55 21.05
CA LEU D 303 17.69 -19.00 22.23
C LEU D 303 18.51 -20.10 22.88
N ASN D 304 17.95 -21.31 22.91
CA ASN D 304 18.64 -22.47 23.44
C ASN D 304 18.00 -23.76 22.93
N ASP D 305 18.48 -24.90 23.43
CA ASP D 305 18.04 -26.20 22.93
C ASP D 305 16.57 -26.49 23.25
N HIS D 306 15.94 -25.66 24.07
CA HIS D 306 14.56 -25.89 24.51
C HIS D 306 13.61 -24.74 24.19
N PHE D 307 14.14 -23.66 23.64
CA PHE D 307 13.32 -22.46 23.39
C PHE D 307 13.65 -21.84 22.04
N VAL D 308 12.68 -21.91 21.12
CA VAL D 308 12.91 -21.53 19.73
C VAL D 308 11.73 -20.75 19.13
N LYS D 309 12.02 -20.04 18.05
CA LYS D 309 11.00 -19.33 17.28
C LYS D 309 11.01 -19.83 15.85
N LEU D 310 9.91 -20.44 15.41
CA LEU D 310 9.85 -21.08 14.10
C LEU D 310 8.92 -20.34 13.15
N ILE D 311 9.41 -20.08 11.95
CA ILE D 311 8.73 -19.26 10.96
C ILE D 311 8.26 -20.08 9.77
N SER D 312 6.99 -19.91 9.40
CA SER D 312 6.42 -20.66 8.28
C SER D 312 5.45 -19.83 7.43
N TRP D 313 5.67 -19.86 6.12
CA TRP D 313 4.91 -19.06 5.17
C TRP D 313 3.76 -19.85 4.57
N TYR D 314 2.71 -19.14 4.16
CA TYR D 314 1.64 -19.78 3.41
C TYR D 314 0.83 -18.75 2.61
N ASP D 315 0.50 -19.12 1.38
CA ASP D 315 -0.50 -18.42 0.60
C ASP D 315 -1.85 -18.82 1.22
N ASN D 316 -2.40 -17.95 2.06
CA ASN D 316 -3.59 -18.28 2.85
C ASN D 316 -4.78 -18.66 1.98
N GLU D 317 -4.69 -18.37 0.69
CA GLU D 317 -5.74 -18.68 -0.27
C GLU D 317 -5.43 -19.97 -1.05
N PHE D 318 -4.32 -19.94 -1.77
CA PHE D 318 -3.96 -20.98 -2.73
C PHE D 318 -3.67 -22.32 -2.07
N GLY D 319 -2.89 -22.28 -1.00
CA GLY D 319 -2.54 -23.50 -0.29
C GLY D 319 -3.76 -24.22 0.24
N TYR D 320 -4.61 -23.48 0.94
CA TYR D 320 -5.82 -24.05 1.53
C TYR D 320 -6.77 -24.64 0.49
N SER D 321 -6.94 -23.95 -0.63
CA SER D 321 -7.88 -24.39 -1.66
C SER D 321 -7.47 -25.74 -2.23
N ASN D 322 -6.17 -25.94 -2.39
CA ASN D 322 -5.65 -27.21 -2.87
C ASN D 322 -5.85 -28.33 -1.85
N ARG D 323 -5.74 -28.00 -0.56
CA ARG D 323 -5.98 -28.99 0.48
C ARG D 323 -7.41 -29.49 0.46
N VAL D 324 -8.35 -28.59 0.21
CA VAL D 324 -9.75 -28.99 0.05
C VAL D 324 -9.88 -30.02 -1.07
N VAL D 325 -9.23 -29.75 -2.20
CA VAL D 325 -9.24 -30.71 -3.30
C VAL D 325 -8.56 -32.01 -2.89
N ASP D 326 -7.40 -31.92 -2.25
CA ASP D 326 -6.67 -33.09 -1.79
C ASP D 326 -7.52 -33.94 -0.85
N LEU D 327 -8.24 -33.26 0.04
CA LEU D 327 -9.08 -33.94 1.01
C LEU D 327 -10.17 -34.71 0.29
N MET D 328 -10.84 -34.05 -0.64
CA MET D 328 -11.91 -34.71 -1.40
C MET D 328 -11.37 -35.91 -2.17
N ALA D 329 -10.15 -35.79 -2.68
CA ALA D 329 -9.52 -36.87 -3.42
C ALA D 329 -9.24 -38.04 -2.49
N HIS D 330 -8.83 -37.73 -1.27
CA HIS D 330 -8.57 -38.77 -0.28
C HIS D 330 -9.85 -39.47 0.11
N MET D 331 -10.93 -38.69 0.28
CA MET D 331 -12.23 -39.25 0.59
C MET D 331 -12.69 -40.20 -0.51
N ALA D 332 -12.51 -39.79 -1.76
CA ALA D 332 -12.93 -40.59 -2.90
C ALA D 332 -12.18 -41.91 -2.95
N SER D 333 -10.93 -41.91 -2.49
CA SER D 333 -10.12 -43.12 -2.48
C SER D 333 -10.57 -44.09 -1.39
N LYS D 334 -11.34 -43.59 -0.43
CA LYS D 334 -11.81 -44.41 0.69
C LYS D 334 -13.20 -45.02 0.45
N GLU D 335 -13.87 -44.55 -0.59
CA GLU D 335 -15.23 -45.02 -0.89
C GLU D 335 -15.25 -46.53 -1.14
PA NAD E . -19.39 5.71 4.92
O1A NAD E . -19.57 4.23 4.56
O2A NAD E . -18.05 5.92 5.57
O5B NAD E . -20.55 6.14 5.95
C5B NAD E . -21.92 6.00 5.55
C4B NAD E . -22.72 5.44 6.76
O4B NAD E . -23.99 5.64 6.91
C3B NAD E . -22.19 4.31 7.67
O3B NAD E . -21.68 4.80 8.85
C2B NAD E . -23.50 3.52 7.88
O2B NAD E . -23.47 2.81 9.19
C1B NAD E . -24.46 4.44 7.86
N9A NAD E . -25.73 3.96 7.40
C8A NAD E . -25.97 2.98 6.48
N7A NAD E . -27.31 2.83 6.35
C5A NAD E . -27.90 3.71 7.16
C6A NAD E . -29.24 3.99 7.42
N6A NAD E . -30.44 3.41 6.89
N1A NAD E . -29.56 4.95 8.31
C2A NAD E . -28.59 5.65 8.97
N3A NAD E . -27.26 5.39 8.72
C4A NAD E . -26.93 4.41 7.82
O3 NAD E . -19.50 6.62 3.60
PN NAD E . -19.01 8.13 3.47
O1N NAD E . -17.60 8.15 2.94
O2N NAD E . -19.08 8.84 4.82
O5D NAD E . -19.98 8.88 2.41
C5D NAD E . -21.36 9.06 2.74
C4D NAD E . -21.98 9.96 1.67
O4D NAD E . -21.25 11.03 1.51
C3D NAD E . -21.95 9.22 0.31
O3D NAD E . -23.03 9.53 -0.42
C2D NAD E . -20.64 9.75 -0.35
O2D NAD E . -20.72 9.63 -1.85
C1D NAD E . -20.64 10.99 0.01
N1N NAD E . -19.34 11.61 -0.04
C2N NAD E . -18.18 10.96 0.35
C3N NAD E . -16.93 11.61 0.27
C7N NAD E . -15.67 10.87 0.72
O7N NAD E . -14.58 11.25 0.37
N7N NAD E . -15.77 9.71 1.54
C4N NAD E . -16.85 12.91 -0.19
C5N NAD E . -17.99 13.55 -0.58
C6N NAD E . -19.25 12.90 -0.50
H51A NAD E . -22.27 6.86 5.31
H52A NAD E . -21.98 5.39 4.79
H4B NAD E . -22.97 4.73 6.12
H3B NAD E . -21.54 3.77 7.21
HO3A NAD E . -21.05 4.23 9.17
H2B NAD E . -23.63 2.89 7.16
HO2A NAD E . -23.03 3.31 9.80
H1B NAD E . -24.57 4.78 8.76
H8A NAD E . -25.28 2.46 6.01
H61A NAD E . -30.77 3.70 6.07
H62A NAD E . -30.87 2.77 7.35
H2A NAD E . -28.90 6.31 9.57
H51N NAD E . -21.44 9.49 3.59
H52N NAD E . -21.82 8.21 2.75
H4D NAD E . -22.90 10.21 1.92
H3D NAD E . -21.90 8.25 0.46
HO3N NAD E . -23.01 9.11 -1.16
H2D NAD E . -19.87 9.28 -0.01
HO2N NAD E . -20.27 8.87 -2.12
H1D NAD E . -21.24 11.49 -0.59
H2N NAD E . -18.23 10.04 0.68
H71N NAD E . -15.02 9.25 1.82
H72N NAD E . -16.58 9.43 1.80
H4N NAD E . -15.99 13.36 -0.24
H5N NAD E . -17.94 14.45 -0.90
H6N NAD E . -20.06 13.38 -0.79
ZN ZN F . -23.95 33.51 3.36
ZN ZN G . -20.66 12.40 34.98
PA NAD H . 17.51 8.81 6.72
O1A NAD H . 17.92 8.23 5.37
O2A NAD H . 16.08 9.27 6.69
O5B NAD H . 18.49 10.04 7.10
C5B NAD H . 19.88 9.80 7.09
C4B NAD H . 20.57 11.01 6.40
O4B NAD H . 21.76 11.43 6.71
C3B NAD H . 20.11 11.59 5.05
O3B NAD H . 19.43 12.77 5.21
C2B NAD H . 21.47 11.79 4.38
O2B NAD H . 21.41 12.91 3.40
C1B NAD H . 22.29 12.09 5.36
N9A NAD H . 23.65 11.68 5.17
C8A NAD H . 24.12 10.62 4.48
N7A NAD H . 25.47 10.61 4.57
C5A NAD H . 25.84 11.67 5.32
C6A NAD H . 27.08 12.13 5.71
N6A NAD H . 28.40 11.62 5.46
N1A NAD H . 27.17 13.24 6.48
C2A NAD H . 26.04 13.91 6.86
N3A NAD H . 24.80 13.46 6.46
C4A NAD H . 24.71 12.33 5.69
O3 NAD H . 17.67 7.68 7.86
PN NAD H . 17.03 7.76 9.33
O1N NAD H . 15.67 7.08 9.32
O2N NAD H . 16.90 9.19 9.81
O5D NAD H . 18.02 6.96 10.32
C5D NAD H . 19.23 7.60 10.71
C4D NAD H . 19.78 6.83 11.90
O4D NAD H . 18.87 6.76 12.84
C3D NAD H . 20.06 5.38 11.46
O3D NAD H . 21.15 4.90 12.06
C2D NAD H . 18.77 4.63 11.90
O2D NAD H . 19.09 3.17 12.07
C1D NAD H . 18.50 5.20 13.03
N1N NAD H . 17.13 5.09 13.47
C2N NAD H . 16.06 5.21 12.61
C3N NAD H . 14.74 5.11 13.11
C7N NAD H . 13.54 5.23 12.16
O7N NAD H . 12.46 4.79 12.48
N7N NAD H . 13.70 5.88 10.91
C4N NAD H . 14.52 4.91 14.46
C5N NAD H . 15.59 4.81 15.31
C6N NAD H . 16.90 4.90 14.81
H51A NAD H . 20.20 9.73 8.00
H52A NAD H . 20.09 8.98 6.60
H4B NAD H . 21.02 10.31 5.87
H3B NAD H . 19.56 10.95 4.56
HO3A NAD H . 18.78 12.85 4.57
H2B NAD H . 21.76 10.97 3.94
HO2A NAD H . 20.67 13.41 3.55
H1B NAD H . 22.28 13.06 5.47
H8A NAD H . 23.57 9.96 3.99
H61A NAD H . 28.72 10.91 5.95
H62A NAD H . 28.91 11.99 4.82
H2A NAD H . 26.17 14.68 7.40
H51N NAD H . 19.07 8.50 10.95
H52N NAD H . 19.87 7.56 9.97
H4D NAD H . 20.60 7.25 12.24
H3D NAD H . 20.16 5.34 10.47
HO3N NAD H . 21.26 4.08 11.84
H2D NAD H . 18.05 4.75 11.26
HO2N NAD H . 18.65 2.68 11.41
H1D NAD H . 19.08 4.81 13.73
H2N NAD H . 16.21 5.36 11.66
H71N NAD H . 12.97 5.95 10.32
H72N NAD H . 14.50 6.20 10.66
H4N NAD H . 13.61 4.85 14.81
H5N NAD H . 15.44 4.67 16.25
H6N NAD H . 17.67 4.83 15.43
PA NAD I . 17.10 -0.24 -11.73
O1A NAD I . 17.61 0.50 -10.49
O2A NAD I . 16.36 -1.47 -11.31
O5B NAD I . 18.35 -0.65 -12.70
C5B NAD I . 19.56 0.12 -12.69
C4B NAD I . 20.79 -0.80 -12.39
O4B NAD I . 21.86 -0.79 -13.13
C3B NAD I . 21.03 -1.52 -11.06
O3B NAD I . 20.74 -2.85 -11.13
C2B NAD I . 22.54 -1.29 -10.89
O2B NAD I . 23.15 -2.41 -10.14
C1B NAD I . 23.03 -1.23 -12.11
N9A NAD I . 24.12 -0.31 -12.28
C8A NAD I . 24.24 0.93 -11.73
N7A NAD I . 25.43 1.46 -12.14
C5A NAD I . 26.02 0.58 -12.94
C6A NAD I . 27.23 0.61 -13.63
N6A NAD I . 28.25 1.62 -13.70
N1A NAD I . 27.61 -0.44 -14.38
C2A NAD I . 26.79 -1.55 -14.48
N3A NAD I . 25.60 -1.59 -13.80
C4A NAD I . 25.22 -0.52 -13.04
O3 NAD I . 16.10 0.71 -12.55
PN NAD I . 15.32 0.26 -13.88
O1N NAD I . 13.83 0.25 -13.59
O2N NAD I . 15.77 -1.12 -14.33
O5D NAD I . 15.64 1.36 -15.04
C5D NAD I . 16.83 1.24 -15.82
C4D NAD I . 16.65 2.10 -17.08
O4D NAD I . 15.56 1.70 -17.70
C3D NAD I . 16.41 3.57 -16.69
O3D NAD I . 17.06 4.39 -17.51
C2D NAD I . 14.86 3.75 -16.83
O2D NAD I . 14.51 5.17 -17.17
C1D NAD I . 14.57 2.97 -17.82
N1N NAD I . 13.19 2.54 -17.83
C2N NAD I . 12.60 1.96 -16.72
C3N NAD I . 11.26 1.55 -16.77
C7N NAD I . 10.59 0.91 -15.54
O7N NAD I . 9.39 0.80 -15.51
N7N NAD I . 11.38 0.44 -14.46
C4N NAD I . 10.53 1.73 -17.92
C5N NAD I . 11.11 2.31 -19.02
C6N NAD I . 12.46 2.71 -18.97
H51A NAD I . 19.67 0.54 -13.54
H52A NAD I . 19.50 0.81 -12.00
H4B NAD I . 21.15 0.02 -11.96
H3B NAD I . 20.53 -1.09 -10.34
HO3A NAD I . 20.66 -3.20 -10.30
H2B NAD I . 22.70 -0.45 -10.42
HO2A NAD I . 22.64 -3.16 -10.26
H1B NAD I . 23.33 -2.11 -12.36
H8A NAD I . 23.60 1.36 -11.13
H61A NAD I . 28.11 2.39 -14.21
H62A NAD I . 29.03 1.51 -13.25
H2A NAD I . 27.11 -2.25 -15.02
H51N NAD I . 16.98 0.33 -16.07
H52N NAD I . 17.59 1.56 -15.32
H4D NAD I . 17.43 2.01 -17.67
H3D NAD I . 16.69 3.72 -15.76
HO3N NAD I . 16.78 5.19 -17.41
H2D NAD I . 14.41 3.46 -16.02
HO2N NAD I . 14.10 5.56 -16.43
H1D NAD I . 14.76 3.44 -18.67
H2N NAD I . 13.12 1.83 -15.90
H71N NAD I . 10.97 0.05 -13.71
H72N NAD I . 12.27 0.52 -14.49
H4N NAD I . 9.60 1.45 -17.96
H5N NAD I . 10.61 2.43 -19.82
H6N NAD I . 12.88 3.12 -19.76
ZN ZN J . 26.02 13.90 -26.44
#